data_172D
# 
_entry.id   172D 
# 
_audit_conform.dict_name       mmcif_pdbx.dic 
_audit_conform.dict_version    5.385 
_audit_conform.dict_location   http://mmcif.pdb.org/dictionaries/ascii/mmcif_pdbx.dic 
# 
loop_
_database_2.database_id 
_database_2.database_code 
_database_2.pdbx_database_accession 
_database_2.pdbx_DOI 
PDB   172D         pdb_0000172d 10.2210/pdb172d/pdb 
RCSB  ADH054       ?            ?                   
WWPDB D_1000170162 ?            ?                   
# 
loop_
_pdbx_audit_revision_history.ordinal 
_pdbx_audit_revision_history.data_content_type 
_pdbx_audit_revision_history.major_revision 
_pdbx_audit_revision_history.minor_revision 
_pdbx_audit_revision_history.revision_date 
1 'Structure model' 1 0 1994-10-15 
2 'Structure model' 1 1 2008-05-23 
3 'Structure model' 1 2 2011-07-13 
4 'Structure model' 1 3 2012-02-15 
5 'Structure model' 1 4 2024-02-07 
# 
_pdbx_audit_revision_details.ordinal             1 
_pdbx_audit_revision_details.revision_ordinal    1 
_pdbx_audit_revision_details.data_content_type   'Structure model' 
_pdbx_audit_revision_details.provider            repository 
_pdbx_audit_revision_details.type                'Initial release' 
_pdbx_audit_revision_details.description         ? 
_pdbx_audit_revision_details.details             ? 
# 
loop_
_pdbx_audit_revision_group.ordinal 
_pdbx_audit_revision_group.revision_ordinal 
_pdbx_audit_revision_group.data_content_type 
_pdbx_audit_revision_group.group 
1 2 'Structure model' 'Version format compliance' 
2 3 'Structure model' 'Version format compliance' 
3 4 'Structure model' Other                       
4 5 'Structure model' 'Data collection'           
5 5 'Structure model' 'Database references'       
# 
loop_
_pdbx_audit_revision_category.ordinal 
_pdbx_audit_revision_category.revision_ordinal 
_pdbx_audit_revision_category.data_content_type 
_pdbx_audit_revision_category.category 
1 5 'Structure model' chem_comp_atom 
2 5 'Structure model' chem_comp_bond 
3 5 'Structure model' database_2     
# 
loop_
_pdbx_audit_revision_item.ordinal 
_pdbx_audit_revision_item.revision_ordinal 
_pdbx_audit_revision_item.data_content_type 
_pdbx_audit_revision_item.item 
1 5 'Structure model' '_database_2.pdbx_DOI'                
2 5 'Structure model' '_database_2.pdbx_database_accession' 
# 
_pdbx_database_status.status_code                     REL 
_pdbx_database_status.entry_id                        172D 
_pdbx_database_status.recvd_initial_deposition_date   1994-04-18 
_pdbx_database_status.deposit_site                    BNL 
_pdbx_database_status.process_site                    NDB 
_pdbx_database_status.SG_entry                        . 
_pdbx_database_status.status_code_sf                  ? 
_pdbx_database_status.status_code_mr                  ? 
_pdbx_database_status.status_code_cs                  ? 
_pdbx_database_status.methods_development_category    ? 
_pdbx_database_status.pdb_format_compatible           Y 
_pdbx_database_status.status_code_nmr_data            ? 
# 
_pdbx_database_related.db_name        PDB 
_pdbx_database_related.db_id          173D 
_pdbx_database_related.content_type   unspecified 
_pdbx_database_related.details        . 
# 
loop_
_audit_author.name 
_audit_author.pdbx_ordinal 
'Kamitori, S.'   1 
'Takusagawa, F.' 2 
# 
_citation.id                        primary 
_citation.title                     
;Multiple Binding Modes of Anticancer Drug Actinomycin D: X-Ray, Molecular Modeling, and Spectroscopic Studies of d(GAAGCTTC)2-Actinomycin D Complexes and Its Host DNA
;
_citation.journal_abbrev            J.Am.Chem.Soc. 
_citation.journal_volume            116 
_citation.page_first                4154 
_citation.page_last                 4165 
_citation.year                      1994 
_citation.journal_id_ASTM           JACSAT 
_citation.country                   US 
_citation.journal_id_ISSN           0002-7863 
_citation.journal_id_CSD            0004 
_citation.book_publisher            ? 
_citation.pdbx_database_id_PubMed   -1 
_citation.pdbx_database_id_DOI      ? 
# 
loop_
_citation_author.citation_id 
_citation_author.name 
_citation_author.ordinal 
_citation_author.identifier_ORCID 
primary 'Kamitori, S.'   1 ? 
primary 'Takusagawa, F.' 2 ? 
# 
loop_
_entity.id 
_entity.type 
_entity.src_method 
_entity.pdbx_description 
_entity.formula_weight 
_entity.pdbx_number_of_molecules 
_entity.pdbx_ec 
_entity.pdbx_mutation 
_entity.pdbx_fragment 
_entity.details 
1 polymer syn 
;DNA (5'-D(*GP*AP*AP*GP*CP*TP*TP*C)-3')
;
2426.617 4   ? ? ? ? 
2 water   nat water                                    18.015   140 ? ? ? ? 
# 
_entity_poly.entity_id                      1 
_entity_poly.type                           polydeoxyribonucleotide 
_entity_poly.nstd_linkage                   no 
_entity_poly.nstd_monomer                   no 
_entity_poly.pdbx_seq_one_letter_code       '(DG)(DA)(DA)(DG)(DC)(DT)(DT)(DC)' 
_entity_poly.pdbx_seq_one_letter_code_can   GAAGCTTC 
_entity_poly.pdbx_strand_id                 A,B,C,D 
_entity_poly.pdbx_target_identifier         ? 
# 
_pdbx_entity_nonpoly.entity_id   2 
_pdbx_entity_nonpoly.name        water 
_pdbx_entity_nonpoly.comp_id     HOH 
# 
loop_
_entity_poly_seq.entity_id 
_entity_poly_seq.num 
_entity_poly_seq.mon_id 
_entity_poly_seq.hetero 
1 1 DG n 
1 2 DA n 
1 3 DA n 
1 4 DG n 
1 5 DC n 
1 6 DT n 
1 7 DT n 
1 8 DC n 
# 
loop_
_chem_comp.id 
_chem_comp.type 
_chem_comp.mon_nstd_flag 
_chem_comp.name 
_chem_comp.pdbx_synonyms 
_chem_comp.formula 
_chem_comp.formula_weight 
DA  'DNA linking' y "2'-DEOXYADENOSINE-5'-MONOPHOSPHATE" ? 'C10 H14 N5 O6 P' 331.222 
DC  'DNA linking' y "2'-DEOXYCYTIDINE-5'-MONOPHOSPHATE"  ? 'C9 H14 N3 O7 P'  307.197 
DG  'DNA linking' y "2'-DEOXYGUANOSINE-5'-MONOPHOSPHATE" ? 'C10 H14 N5 O7 P' 347.221 
DT  'DNA linking' y "THYMIDINE-5'-MONOPHOSPHATE"         ? 'C10 H15 N2 O8 P' 322.208 
HOH non-polymer   . WATER                                ? 'H2 O'            18.015  
# 
loop_
_pdbx_poly_seq_scheme.asym_id 
_pdbx_poly_seq_scheme.entity_id 
_pdbx_poly_seq_scheme.seq_id 
_pdbx_poly_seq_scheme.mon_id 
_pdbx_poly_seq_scheme.ndb_seq_num 
_pdbx_poly_seq_scheme.pdb_seq_num 
_pdbx_poly_seq_scheme.auth_seq_num 
_pdbx_poly_seq_scheme.pdb_mon_id 
_pdbx_poly_seq_scheme.auth_mon_id 
_pdbx_poly_seq_scheme.pdb_strand_id 
_pdbx_poly_seq_scheme.pdb_ins_code 
_pdbx_poly_seq_scheme.hetero 
A 1 1 DG 1 1  1  DG G A . n 
A 1 2 DA 2 2  2  DA A A . n 
A 1 3 DA 3 3  3  DA A A . n 
A 1 4 DG 4 4  4  DG G A . n 
A 1 5 DC 5 5  5  DC C A . n 
A 1 6 DT 6 6  6  DT T A . n 
A 1 7 DT 7 7  7  DT T A . n 
A 1 8 DC 8 8  8  DC C A . n 
B 1 1 DG 1 9  9  DG G B . n 
B 1 2 DA 2 10 10 DA A B . n 
B 1 3 DA 3 11 11 DA A B . n 
B 1 4 DG 4 12 12 DG G B . n 
B 1 5 DC 5 13 13 DC C B . n 
B 1 6 DT 6 14 14 DT T B . n 
B 1 7 DT 7 15 15 DT T B . n 
B 1 8 DC 8 16 16 DC C B . n 
C 1 1 DG 1 17 17 DG G C . n 
C 1 2 DA 2 18 18 DA A C . n 
C 1 3 DA 3 19 19 DA A C . n 
C 1 4 DG 4 20 20 DG G C . n 
C 1 5 DC 5 21 21 DC C C . n 
C 1 6 DT 6 22 22 DT T C . n 
C 1 7 DT 7 23 23 DT T C . n 
C 1 8 DC 8 24 24 DC C C . n 
D 1 1 DG 1 25 25 DG G D . n 
D 1 2 DA 2 26 26 DA A D . n 
D 1 3 DA 3 27 27 DA A D . n 
D 1 4 DG 4 28 28 DG G D . n 
D 1 5 DC 5 29 29 DC C D . n 
D 1 6 DT 6 30 30 DT T D . n 
D 1 7 DT 7 31 31 DT T D . n 
D 1 8 DC 8 32 32 DC C D . n 
# 
loop_
_pdbx_nonpoly_scheme.asym_id 
_pdbx_nonpoly_scheme.entity_id 
_pdbx_nonpoly_scheme.mon_id 
_pdbx_nonpoly_scheme.ndb_seq_num 
_pdbx_nonpoly_scheme.pdb_seq_num 
_pdbx_nonpoly_scheme.auth_seq_num 
_pdbx_nonpoly_scheme.pdb_mon_id 
_pdbx_nonpoly_scheme.auth_mon_id 
_pdbx_nonpoly_scheme.pdb_strand_id 
_pdbx_nonpoly_scheme.pdb_ins_code 
E 2 HOH 1  34  34  HOH HOH A . 
E 2 HOH 2  35  35  HOH HOH A . 
E 2 HOH 3  36  36  HOH HOH A . 
E 2 HOH 4  37  37  HOH HOH A . 
E 2 HOH 5  41  41  HOH HOH A . 
E 2 HOH 6  42  42  HOH HOH A . 
E 2 HOH 7  43  43  HOH HOH A . 
E 2 HOH 8  44  44  HOH HOH A . 
E 2 HOH 9  45  45  HOH HOH A . 
E 2 HOH 10 46  46  HOH HOH A . 
E 2 HOH 11 51  51  HOH HOH A . 
E 2 HOH 12 54  54  HOH HOH A . 
E 2 HOH 13 58  58  HOH HOH A . 
E 2 HOH 14 66  66  HOH HOH A . 
E 2 HOH 15 75  75  HOH HOH A . 
E 2 HOH 16 86  86  HOH HOH A . 
E 2 HOH 17 91  91  HOH HOH A . 
E 2 HOH 18 96  96  HOH HOH A . 
E 2 HOH 19 99  99  HOH HOH A . 
E 2 HOH 20 100 100 HOH HOH A . 
E 2 HOH 21 106 106 HOH HOH A . 
E 2 HOH 22 107 107 HOH HOH A . 
E 2 HOH 23 116 116 HOH HOH A . 
E 2 HOH 24 119 119 HOH HOH A . 
E 2 HOH 25 120 120 HOH HOH A . 
E 2 HOH 26 125 125 HOH HOH A . 
E 2 HOH 27 126 126 HOH HOH A . 
E 2 HOH 28 128 128 HOH HOH A . 
E 2 HOH 29 129 129 HOH HOH A . 
E 2 HOH 30 138 138 HOH HOH A . 
E 2 HOH 31 153 153 HOH HOH A . 
E 2 HOH 32 156 156 HOH HOH A . 
E 2 HOH 33 157 157 HOH HOH A . 
E 2 HOH 34 158 158 HOH HOH A . 
E 2 HOH 35 159 159 HOH HOH A . 
E 2 HOH 36 164 164 HOH HOH A . 
F 2 HOH 1  47  47  HOH HOH B . 
F 2 HOH 2  50  50  HOH HOH B . 
F 2 HOH 3  57  57  HOH HOH B . 
F 2 HOH 4  59  59  HOH HOH B . 
F 2 HOH 5  60  60  HOH HOH B . 
F 2 HOH 6  61  61  HOH HOH B . 
F 2 HOH 7  64  64  HOH HOH B . 
F 2 HOH 8  65  65  HOH HOH B . 
F 2 HOH 9  68  68  HOH HOH B . 
F 2 HOH 10 70  70  HOH HOH B . 
F 2 HOH 11 74  74  HOH HOH B . 
F 2 HOH 12 76  76  HOH HOH B . 
F 2 HOH 13 77  77  HOH HOH B . 
F 2 HOH 14 78  78  HOH HOH B . 
F 2 HOH 15 82  82  HOH HOH B . 
F 2 HOH 16 88  88  HOH HOH B . 
F 2 HOH 17 94  94  HOH HOH B . 
F 2 HOH 18 97  97  HOH HOH B . 
F 2 HOH 19 110 110 HOH HOH B . 
F 2 HOH 20 112 112 HOH HOH B . 
F 2 HOH 21 113 113 HOH HOH B . 
F 2 HOH 22 121 121 HOH HOH B . 
F 2 HOH 23 130 130 HOH HOH B . 
F 2 HOH 24 131 131 HOH HOH B . 
F 2 HOH 25 132 132 HOH HOH B . 
F 2 HOH 26 137 137 HOH HOH B . 
F 2 HOH 27 139 139 HOH HOH B . 
F 2 HOH 28 146 146 HOH HOH B . 
F 2 HOH 29 147 147 HOH HOH B . 
F 2 HOH 30 149 149 HOH HOH B . 
F 2 HOH 31 155 155 HOH HOH B . 
F 2 HOH 32 161 161 HOH HOH B . 
F 2 HOH 33 162 162 HOH HOH B . 
F 2 HOH 34 163 163 HOH HOH B . 
F 2 HOH 35 171 171 HOH HOH B . 
G 2 HOH 1  33  33  HOH HOH C . 
G 2 HOH 2  38  38  HOH HOH C . 
G 2 HOH 3  39  39  HOH HOH C . 
G 2 HOH 4  40  40  HOH HOH C . 
G 2 HOH 5  55  55  HOH HOH C . 
G 2 HOH 6  56  56  HOH HOH C . 
G 2 HOH 7  63  63  HOH HOH C . 
G 2 HOH 8  67  67  HOH HOH C . 
G 2 HOH 9  69  69  HOH HOH C . 
G 2 HOH 10 73  73  HOH HOH C . 
G 2 HOH 11 80  80  HOH HOH C . 
G 2 HOH 12 81  81  HOH HOH C . 
G 2 HOH 13 84  84  HOH HOH C . 
G 2 HOH 14 85  85  HOH HOH C . 
G 2 HOH 15 87  87  HOH HOH C . 
G 2 HOH 16 89  89  HOH HOH C . 
G 2 HOH 17 92  92  HOH HOH C . 
G 2 HOH 18 104 104 HOH HOH C . 
G 2 HOH 19 105 105 HOH HOH C . 
G 2 HOH 20 108 108 HOH HOH C . 
G 2 HOH 21 109 109 HOH HOH C . 
G 2 HOH 22 114 114 HOH HOH C . 
G 2 HOH 23 122 122 HOH HOH C . 
G 2 HOH 24 124 124 HOH HOH C . 
G 2 HOH 25 127 127 HOH HOH C . 
G 2 HOH 26 145 145 HOH HOH C . 
G 2 HOH 27 150 150 HOH HOH C . 
G 2 HOH 28 152 152 HOH HOH C . 
G 2 HOH 29 160 160 HOH HOH C . 
G 2 HOH 30 165 165 HOH HOH C . 
G 2 HOH 31 166 166 HOH HOH C . 
G 2 HOH 32 167 167 HOH HOH C . 
H 2 HOH 1  48  48  HOH HOH D . 
H 2 HOH 2  49  49  HOH HOH D . 
H 2 HOH 3  52  52  HOH HOH D . 
H 2 HOH 4  53  53  HOH HOH D . 
H 2 HOH 5  62  62  HOH HOH D . 
H 2 HOH 6  71  71  HOH HOH D . 
H 2 HOH 7  72  72  HOH HOH D . 
H 2 HOH 8  79  79  HOH HOH D . 
H 2 HOH 9  83  83  HOH HOH D . 
H 2 HOH 10 90  90  HOH HOH D . 
H 2 HOH 11 93  93  HOH HOH D . 
H 2 HOH 12 95  95  HOH HOH D . 
H 2 HOH 13 98  98  HOH HOH D . 
H 2 HOH 14 101 101 HOH HOH D . 
H 2 HOH 15 102 102 HOH HOH D . 
H 2 HOH 16 103 103 HOH HOH D . 
H 2 HOH 17 111 111 HOH HOH D . 
H 2 HOH 18 115 115 HOH HOH D . 
H 2 HOH 19 117 117 HOH HOH D . 
H 2 HOH 20 118 118 HOH HOH D . 
H 2 HOH 21 123 123 HOH HOH D . 
H 2 HOH 22 133 133 HOH HOH D . 
H 2 HOH 23 134 134 HOH HOH D . 
H 2 HOH 24 135 135 HOH HOH D . 
H 2 HOH 25 136 136 HOH HOH D . 
H 2 HOH 26 140 140 HOH HOH D . 
H 2 HOH 27 141 141 HOH HOH D . 
H 2 HOH 28 142 142 HOH HOH D . 
H 2 HOH 29 143 143 HOH HOH D . 
H 2 HOH 30 144 144 HOH HOH D . 
H 2 HOH 31 148 148 HOH HOH D . 
H 2 HOH 32 151 151 HOH HOH D . 
H 2 HOH 33 154 154 HOH HOH D . 
H 2 HOH 34 168 168 HOH HOH D . 
H 2 HOH 35 169 169 HOH HOH D . 
H 2 HOH 36 170 170 HOH HOH D . 
H 2 HOH 37 172 172 HOH HOH D . 
# 
_software.name             X-PLOR 
_software.classification   refinement 
_software.version          . 
_software.citation_id      ? 
_software.pdbx_ordinal     1 
# 
_cell.entry_id           172D 
_cell.length_a           70.540 
_cell.length_b           70.540 
_cell.length_c           53.300 
_cell.angle_alpha        90.00 
_cell.angle_beta         90.00 
_cell.angle_gamma        120.00 
_cell.Z_PDB              36 
_cell.pdbx_unique_axis   ? 
_cell.length_a_esd       ? 
_cell.length_b_esd       ? 
_cell.length_c_esd       ? 
_cell.angle_alpha_esd    ? 
_cell.angle_beta_esd     ? 
_cell.angle_gamma_esd    ? 
# 
_symmetry.entry_id                         172D 
_symmetry.space_group_name_H-M             'H 3' 
_symmetry.pdbx_full_space_group_name_H-M   ? 
_symmetry.cell_setting                     ? 
_symmetry.Int_Tables_number                146 
_symmetry.space_group_name_Hall            ? 
# 
_exptl.entry_id          172D 
_exptl.method            'X-RAY DIFFRACTION' 
_exptl.crystals_number   ? 
# 
_exptl_crystal.id                    1 
_exptl_crystal.density_meas          ? 
_exptl_crystal.density_percent_sol   53.22 
_exptl_crystal.density_Matthews      2.63 
_exptl_crystal.description           ? 
_exptl_crystal.F_000                 ? 
_exptl_crystal.preparation           ? 
# 
_exptl_crystal_grow.crystal_id      1 
_exptl_crystal_grow.method          'VAPOR DIFFUSION' 
_exptl_crystal_grow.temp            277.00 
_exptl_crystal_grow.temp_details    ? 
_exptl_crystal_grow.pH              7.00 
_exptl_crystal_grow.pdbx_details    'pH 7.00, VAPOR DIFFUSION, temperature 277.00K' 
_exptl_crystal_grow.pdbx_pH_range   ? 
# 
loop_
_exptl_crystal_grow_comp.crystal_id 
_exptl_crystal_grow_comp.id 
_exptl_crystal_grow_comp.sol_id 
_exptl_crystal_grow_comp.name 
_exptl_crystal_grow_comp.volume 
_exptl_crystal_grow_comp.conc 
_exptl_crystal_grow_comp.details 
1 1 1 WATER           ? ? ? 
1 2 1 MPD             ? ? ? 
1 3 1 MGCL2           ? ? ? 
1 4 1 'NA CACODYLATE' ? ? ? 
1 5 1 SPERMINE_HCL    ? ? ? 
1 6 2 WATER           ? ? ? 
1 7 2 MPD             ? ? ? 
# 
_diffrn.id                     1 
_diffrn.ambient_temp           123.00 
_diffrn.ambient_temp_details   ? 
_diffrn.crystal_id             1 
# 
_diffrn_detector.diffrn_id              1 
_diffrn_detector.detector               DIFFRACTOMETER 
_diffrn_detector.type                   'RIGAKU AFC-5R' 
_diffrn_detector.pdbx_collection_date   ? 
_diffrn_detector.details                ? 
# 
_diffrn_radiation.diffrn_id                        1 
_diffrn_radiation.wavelength_id                    1 
_diffrn_radiation.pdbx_monochromatic_or_laue_m_l   ? 
_diffrn_radiation.monochromator                    ? 
_diffrn_radiation.pdbx_diffrn_protocol             ? 
_diffrn_radiation.pdbx_scattering_type             x-ray 
# 
_diffrn_radiation_wavelength.id           1 
_diffrn_radiation_wavelength.wavelength   . 
_diffrn_radiation_wavelength.wt           1.0 
# 
_diffrn_source.diffrn_id                   1 
_diffrn_source.source                      ? 
_diffrn_source.type                        ? 
_diffrn_source.pdbx_synchrotron_site       ? 
_diffrn_source.pdbx_synchrotron_beamline   ? 
_diffrn_source.pdbx_wavelength             ? 
_diffrn_source.pdbx_wavelength_list        ? 
# 
_reflns.entry_id                     172D 
_reflns.observed_criterion_sigma_I   ? 
_reflns.observed_criterion_sigma_F   1.500 
_reflns.d_resolution_low             10.0 
_reflns.d_resolution_high            3.000 
_reflns.number_obs                   1035 
_reflns.number_all                   1928 
_reflns.percent_possible_obs         ? 
_reflns.pdbx_Rmerge_I_obs            ? 
_reflns.pdbx_Rsym_value              ? 
_reflns.pdbx_netI_over_sigmaI        ? 
_reflns.B_iso_Wilson_estimate        ? 
_reflns.pdbx_redundancy              ? 
_reflns.R_free_details               ? 
_reflns.pdbx_chi_squared             ? 
_reflns.pdbx_scaling_rejects         ? 
_reflns.pdbx_ordinal                 1 
_reflns.pdbx_diffrn_id               1 
# 
_refine.entry_id                                 172D 
_refine.ls_number_reflns_obs                     1035 
_refine.ls_number_reflns_all                     ? 
_refine.pdbx_ls_sigma_I                          ? 
_refine.pdbx_ls_sigma_F                          1.500 
_refine.pdbx_data_cutoff_high_absF               ? 
_refine.pdbx_data_cutoff_low_absF                ? 
_refine.pdbx_data_cutoff_high_rms_absF           ? 
_refine.ls_d_res_low                             10.000 
_refine.ls_d_res_high                            3.000 
_refine.ls_percent_reflns_obs                    ? 
_refine.ls_R_factor_obs                          0.2120000 
_refine.ls_R_factor_all                          ? 
_refine.ls_R_factor_R_work                       0.2120000 
_refine.ls_R_factor_R_free                       ? 
_refine.ls_R_factor_R_free_error                 ? 
_refine.ls_R_factor_R_free_error_details         ? 
_refine.ls_percent_reflns_R_free                 ? 
_refine.ls_number_reflns_R_free                  ? 
_refine.ls_number_parameters                     ? 
_refine.ls_number_restraints                     ? 
_refine.occupancy_min                            ? 
_refine.occupancy_max                            ? 
_refine.B_iso_mean                               ? 
_refine.aniso_B[1][1]                            ? 
_refine.aniso_B[2][2]                            ? 
_refine.aniso_B[3][3]                            ? 
_refine.aniso_B[1][2]                            ? 
_refine.aniso_B[1][3]                            ? 
_refine.aniso_B[2][3]                            ? 
_refine.solvent_model_details                    ? 
_refine.solvent_model_param_ksol                 ? 
_refine.solvent_model_param_bsol                 ? 
_refine.pdbx_ls_cross_valid_method               ? 
_refine.details                                  ? 
_refine.pdbx_starting_model                      ? 
_refine.pdbx_method_to_determine_struct          ? 
_refine.pdbx_isotropic_thermal_model             ? 
_refine.pdbx_stereochemistry_target_values       ? 
_refine.pdbx_stereochem_target_val_spec_case     ? 
_refine.pdbx_R_Free_selection_details            ? 
_refine.pdbx_overall_ESU_R                       ? 
_refine.pdbx_overall_ESU_R_Free                  ? 
_refine.overall_SU_ML                            ? 
_refine.overall_SU_B                             ? 
_refine.pdbx_refine_id                           'X-RAY DIFFRACTION' 
_refine.ls_redundancy_reflns_obs                 ? 
_refine.pdbx_overall_phase_error                 ? 
_refine.correlation_coeff_Fo_to_Fc               ? 
_refine.correlation_coeff_Fo_to_Fc_free          ? 
_refine.pdbx_solvent_vdw_probe_radii             ? 
_refine.pdbx_solvent_ion_probe_radii             ? 
_refine.pdbx_solvent_shrinkage_radii             ? 
_refine.overall_SU_R_Cruickshank_DPI             ? 
_refine.overall_SU_R_free                        ? 
_refine.ls_wR_factor_R_free                      ? 
_refine.ls_wR_factor_R_work                      ? 
_refine.overall_FOM_free_R_set                   ? 
_refine.overall_FOM_work_R_set                   ? 
_refine.pdbx_diffrn_id                           1 
_refine.pdbx_TLS_residual_ADP_flag               ? 
_refine.pdbx_overall_SU_R_free_Cruickshank_DPI   ? 
_refine.pdbx_overall_SU_R_Blow_DPI               ? 
_refine.pdbx_overall_SU_R_free_Blow_DPI          ? 
# 
_refine_hist.pdbx_refine_id                   'X-RAY DIFFRACTION' 
_refine_hist.cycle_id                         LAST 
_refine_hist.pdbx_number_atoms_protein        0 
_refine_hist.pdbx_number_atoms_nucleic_acid   644 
_refine_hist.pdbx_number_atoms_ligand         0 
_refine_hist.number_atoms_solvent             140 
_refine_hist.number_atoms_total               784 
_refine_hist.d_res_high                       3.000 
_refine_hist.d_res_low                        10.000 
# 
loop_
_refine_ls_restr.type 
_refine_ls_restr.dev_ideal 
_refine_ls_restr.dev_ideal_target 
_refine_ls_restr.weight 
_refine_ls_restr.number 
_refine_ls_restr.pdbx_refine_id 
_refine_ls_restr.pdbx_restraint_function 
x_bond_d                0.039 ? ? ? 'X-RAY DIFFRACTION' ? 
x_bond_d_na             ?     ? ? ? 'X-RAY DIFFRACTION' ? 
x_bond_d_prot           ?     ? ? ? 'X-RAY DIFFRACTION' ? 
x_angle_d               ?     ? ? ? 'X-RAY DIFFRACTION' ? 
x_angle_d_na            ?     ? ? ? 'X-RAY DIFFRACTION' ? 
x_angle_d_prot          ?     ? ? ? 'X-RAY DIFFRACTION' ? 
x_angle_deg             6.40  ? ? ? 'X-RAY DIFFRACTION' ? 
x_angle_deg_na          ?     ? ? ? 'X-RAY DIFFRACTION' ? 
x_angle_deg_prot        ?     ? ? ? 'X-RAY DIFFRACTION' ? 
x_dihedral_angle_d      ?     ? ? ? 'X-RAY DIFFRACTION' ? 
x_dihedral_angle_d_na   ?     ? ? ? 'X-RAY DIFFRACTION' ? 
x_dihedral_angle_d_prot ?     ? ? ? 'X-RAY DIFFRACTION' ? 
x_improper_angle_d      ?     ? ? ? 'X-RAY DIFFRACTION' ? 
x_improper_angle_d_na   ?     ? ? ? 'X-RAY DIFFRACTION' ? 
x_improper_angle_d_prot ?     ? ? ? 'X-RAY DIFFRACTION' ? 
x_mcbond_it             ?     ? ? ? 'X-RAY DIFFRACTION' ? 
x_mcangle_it            ?     ? ? ? 'X-RAY DIFFRACTION' ? 
x_scbond_it             ?     ? ? ? 'X-RAY DIFFRACTION' ? 
x_scangle_it            ?     ? ? ? 'X-RAY DIFFRACTION' ? 
# 
_struct.entry_id                  172D 
_struct.title                     
;MULTIPLE BINDING MODES OF ANTICANCER DRUG ACTINOMYCIN D: X-RAY, MOLECULAR MODELING, AND SPECTROSCOPIC STUDIES OF D(GAAGCTTC)2-ACTINOMYCIN D COMPLEXES AND ITS HOST DNA
;
_struct.pdbx_model_details        ? 
_struct.pdbx_CASP_flag            ? 
_struct.pdbx_model_type_details   ? 
# 
_struct_keywords.entry_id        172D 
_struct_keywords.pdbx_keywords   DNA 
_struct_keywords.text            'A-DNA, DOUBLE HELIX, DNA' 
# 
loop_
_struct_asym.id 
_struct_asym.pdbx_blank_PDB_chainid_flag 
_struct_asym.pdbx_modified 
_struct_asym.entity_id 
_struct_asym.details 
A N N 1 ? 
B N N 1 ? 
C N N 1 ? 
D N N 1 ? 
E N N 2 ? 
F N N 2 ? 
G N N 2 ? 
H N N 2 ? 
# 
_struct_ref.id                         1 
_struct_ref.entity_id                  1 
_struct_ref.db_name                    PDB 
_struct_ref.db_code                    172D 
_struct_ref.pdbx_db_accession          172D 
_struct_ref.pdbx_align_begin           ? 
_struct_ref.pdbx_seq_one_letter_code   ? 
_struct_ref.pdbx_db_isoform            ? 
# 
loop_
_struct_ref_seq.align_id 
_struct_ref_seq.ref_id 
_struct_ref_seq.pdbx_PDB_id_code 
_struct_ref_seq.pdbx_strand_id 
_struct_ref_seq.seq_align_beg 
_struct_ref_seq.pdbx_seq_align_beg_ins_code 
_struct_ref_seq.seq_align_end 
_struct_ref_seq.pdbx_seq_align_end_ins_code 
_struct_ref_seq.pdbx_db_accession 
_struct_ref_seq.db_align_beg 
_struct_ref_seq.pdbx_db_align_beg_ins_code 
_struct_ref_seq.db_align_end 
_struct_ref_seq.pdbx_db_align_end_ins_code 
_struct_ref_seq.pdbx_auth_seq_align_beg 
_struct_ref_seq.pdbx_auth_seq_align_end 
1 1 172D A 1 ? 8 ? 172D 1  ? 8  ? 1  8  
2 1 172D B 1 ? 8 ? 172D 9  ? 16 ? 9  16 
3 1 172D C 1 ? 8 ? 172D 17 ? 24 ? 17 24 
4 1 172D D 1 ? 8 ? 172D 25 ? 32 ? 25 32 
# 
loop_
_pdbx_struct_assembly.id 
_pdbx_struct_assembly.details 
_pdbx_struct_assembly.method_details 
_pdbx_struct_assembly.oligomeric_details 
_pdbx_struct_assembly.oligomeric_count 
1 author_defined_assembly ? dimeric 2 
2 author_defined_assembly ? dimeric 2 
# 
loop_
_pdbx_struct_assembly_gen.assembly_id 
_pdbx_struct_assembly_gen.oper_expression 
_pdbx_struct_assembly_gen.asym_id_list 
1 1 A,B,E,F 
2 1 C,D,G,H 
# 
_pdbx_struct_oper_list.id                   1 
_pdbx_struct_oper_list.type                 'identity operation' 
_pdbx_struct_oper_list.name                 1_555 
_pdbx_struct_oper_list.symmetry_operation   x,y,z 
_pdbx_struct_oper_list.matrix[1][1]         1.0000000000 
_pdbx_struct_oper_list.matrix[1][2]         0.0000000000 
_pdbx_struct_oper_list.matrix[1][3]         0.0000000000 
_pdbx_struct_oper_list.vector[1]            0.0000000000 
_pdbx_struct_oper_list.matrix[2][1]         0.0000000000 
_pdbx_struct_oper_list.matrix[2][2]         1.0000000000 
_pdbx_struct_oper_list.matrix[2][3]         0.0000000000 
_pdbx_struct_oper_list.vector[2]            0.0000000000 
_pdbx_struct_oper_list.matrix[3][1]         0.0000000000 
_pdbx_struct_oper_list.matrix[3][2]         0.0000000000 
_pdbx_struct_oper_list.matrix[3][3]         1.0000000000 
_pdbx_struct_oper_list.vector[3]            0.0000000000 
# 
loop_
_struct_biol.id 
_struct_biol.details 
1 ? 
2 ? 
# 
loop_
_struct_conn.id 
_struct_conn.conn_type_id 
_struct_conn.pdbx_leaving_atom_flag 
_struct_conn.pdbx_PDB_id 
_struct_conn.ptnr1_label_asym_id 
_struct_conn.ptnr1_label_comp_id 
_struct_conn.ptnr1_label_seq_id 
_struct_conn.ptnr1_label_atom_id 
_struct_conn.pdbx_ptnr1_label_alt_id 
_struct_conn.pdbx_ptnr1_PDB_ins_code 
_struct_conn.pdbx_ptnr1_standard_comp_id 
_struct_conn.ptnr1_symmetry 
_struct_conn.ptnr2_label_asym_id 
_struct_conn.ptnr2_label_comp_id 
_struct_conn.ptnr2_label_seq_id 
_struct_conn.ptnr2_label_atom_id 
_struct_conn.pdbx_ptnr2_label_alt_id 
_struct_conn.pdbx_ptnr2_PDB_ins_code 
_struct_conn.ptnr1_auth_asym_id 
_struct_conn.ptnr1_auth_comp_id 
_struct_conn.ptnr1_auth_seq_id 
_struct_conn.ptnr2_auth_asym_id 
_struct_conn.ptnr2_auth_comp_id 
_struct_conn.ptnr2_auth_seq_id 
_struct_conn.ptnr2_symmetry 
_struct_conn.pdbx_ptnr3_label_atom_id 
_struct_conn.pdbx_ptnr3_label_seq_id 
_struct_conn.pdbx_ptnr3_label_comp_id 
_struct_conn.pdbx_ptnr3_label_asym_id 
_struct_conn.pdbx_ptnr3_label_alt_id 
_struct_conn.pdbx_ptnr3_PDB_ins_code 
_struct_conn.details 
_struct_conn.pdbx_dist_value 
_struct_conn.pdbx_value_order 
_struct_conn.pdbx_role 
hydrog1  hydrog ? ? A DG 1 N1 ? ? ? 1_555 B DC 8 N3 ? ? A DG 1  B DC 16 1_555 ? ? ? ? ? ? WATSON-CRICK ? ? ? 
hydrog2  hydrog ? ? A DG 1 N2 ? ? ? 1_555 B DC 8 O2 ? ? A DG 1  B DC 16 1_555 ? ? ? ? ? ? WATSON-CRICK ? ? ? 
hydrog3  hydrog ? ? A DG 1 O6 ? ? ? 1_555 B DC 8 N4 ? ? A DG 1  B DC 16 1_555 ? ? ? ? ? ? WATSON-CRICK ? ? ? 
hydrog4  hydrog ? ? A DA 2 N1 ? ? ? 1_555 B DT 7 N3 ? ? A DA 2  B DT 15 1_555 ? ? ? ? ? ? WATSON-CRICK ? ? ? 
hydrog5  hydrog ? ? A DA 2 N6 ? ? ? 1_555 B DT 7 O4 ? ? A DA 2  B DT 15 1_555 ? ? ? ? ? ? WATSON-CRICK ? ? ? 
hydrog6  hydrog ? ? A DA 3 N1 ? ? ? 1_555 B DT 6 N3 ? ? A DA 3  B DT 14 1_555 ? ? ? ? ? ? WATSON-CRICK ? ? ? 
hydrog7  hydrog ? ? A DA 3 N6 ? ? ? 1_555 B DT 6 O4 ? ? A DA 3  B DT 14 1_555 ? ? ? ? ? ? WATSON-CRICK ? ? ? 
hydrog8  hydrog ? ? A DG 4 N1 ? ? ? 1_555 B DC 5 N3 ? ? A DG 4  B DC 13 1_555 ? ? ? ? ? ? WATSON-CRICK ? ? ? 
hydrog9  hydrog ? ? A DG 4 N2 ? ? ? 1_555 B DC 5 O2 ? ? A DG 4  B DC 13 1_555 ? ? ? ? ? ? WATSON-CRICK ? ? ? 
hydrog10 hydrog ? ? A DG 4 O6 ? ? ? 1_555 B DC 5 N4 ? ? A DG 4  B DC 13 1_555 ? ? ? ? ? ? WATSON-CRICK ? ? ? 
hydrog11 hydrog ? ? A DC 5 N3 ? ? ? 1_555 B DG 4 N1 ? ? A DC 5  B DG 12 1_555 ? ? ? ? ? ? WATSON-CRICK ? ? ? 
hydrog12 hydrog ? ? A DC 5 N4 ? ? ? 1_555 B DG 4 O6 ? ? A DC 5  B DG 12 1_555 ? ? ? ? ? ? WATSON-CRICK ? ? ? 
hydrog13 hydrog ? ? A DC 5 O2 ? ? ? 1_555 B DG 4 N2 ? ? A DC 5  B DG 12 1_555 ? ? ? ? ? ? WATSON-CRICK ? ? ? 
hydrog14 hydrog ? ? A DT 6 N3 ? ? ? 1_555 B DA 3 N1 ? ? A DT 6  B DA 11 1_555 ? ? ? ? ? ? WATSON-CRICK ? ? ? 
hydrog15 hydrog ? ? A DT 6 O4 ? ? ? 1_555 B DA 3 N6 ? ? A DT 6  B DA 11 1_555 ? ? ? ? ? ? WATSON-CRICK ? ? ? 
hydrog16 hydrog ? ? A DT 7 N3 ? ? ? 1_555 B DA 2 N1 ? ? A DT 7  B DA 10 1_555 ? ? ? ? ? ? WATSON-CRICK ? ? ? 
hydrog17 hydrog ? ? A DT 7 O4 ? ? ? 1_555 B DA 2 N6 ? ? A DT 7  B DA 10 1_555 ? ? ? ? ? ? WATSON-CRICK ? ? ? 
hydrog18 hydrog ? ? A DC 8 N3 ? ? ? 1_555 B DG 1 N1 ? ? A DC 8  B DG 9  1_555 ? ? ? ? ? ? WATSON-CRICK ? ? ? 
hydrog19 hydrog ? ? A DC 8 N4 ? ? ? 1_555 B DG 1 O6 ? ? A DC 8  B DG 9  1_555 ? ? ? ? ? ? WATSON-CRICK ? ? ? 
hydrog20 hydrog ? ? A DC 8 O2 ? ? ? 1_555 B DG 1 N2 ? ? A DC 8  B DG 9  1_555 ? ? ? ? ? ? WATSON-CRICK ? ? ? 
hydrog21 hydrog ? ? C DG 1 N1 ? ? ? 1_555 D DC 8 N3 ? ? C DG 17 D DC 32 1_555 ? ? ? ? ? ? WATSON-CRICK ? ? ? 
hydrog22 hydrog ? ? C DG 1 N2 ? ? ? 1_555 D DC 8 O2 ? ? C DG 17 D DC 32 1_555 ? ? ? ? ? ? WATSON-CRICK ? ? ? 
hydrog23 hydrog ? ? C DG 1 O6 ? ? ? 1_555 D DC 8 N4 ? ? C DG 17 D DC 32 1_555 ? ? ? ? ? ? WATSON-CRICK ? ? ? 
hydrog24 hydrog ? ? C DA 2 N1 ? ? ? 1_555 D DT 7 N3 ? ? C DA 18 D DT 31 1_555 ? ? ? ? ? ? WATSON-CRICK ? ? ? 
hydrog25 hydrog ? ? C DA 2 N6 ? ? ? 1_555 D DT 7 O4 ? ? C DA 18 D DT 31 1_555 ? ? ? ? ? ? WATSON-CRICK ? ? ? 
hydrog26 hydrog ? ? C DA 3 N1 ? ? ? 1_555 D DT 6 N3 ? ? C DA 19 D DT 30 1_555 ? ? ? ? ? ? WATSON-CRICK ? ? ? 
hydrog27 hydrog ? ? C DA 3 N6 ? ? ? 1_555 D DT 6 O4 ? ? C DA 19 D DT 30 1_555 ? ? ? ? ? ? WATSON-CRICK ? ? ? 
hydrog28 hydrog ? ? C DG 4 N1 ? ? ? 1_555 D DC 5 N3 ? ? C DG 20 D DC 29 1_555 ? ? ? ? ? ? WATSON-CRICK ? ? ? 
hydrog29 hydrog ? ? C DG 4 N2 ? ? ? 1_555 D DC 5 O2 ? ? C DG 20 D DC 29 1_555 ? ? ? ? ? ? WATSON-CRICK ? ? ? 
hydrog30 hydrog ? ? C DG 4 O6 ? ? ? 1_555 D DC 5 N4 ? ? C DG 20 D DC 29 1_555 ? ? ? ? ? ? WATSON-CRICK ? ? ? 
hydrog31 hydrog ? ? C DC 5 N3 ? ? ? 1_555 D DG 4 N1 ? ? C DC 21 D DG 28 1_555 ? ? ? ? ? ? WATSON-CRICK ? ? ? 
hydrog32 hydrog ? ? C DC 5 N4 ? ? ? 1_555 D DG 4 O6 ? ? C DC 21 D DG 28 1_555 ? ? ? ? ? ? WATSON-CRICK ? ? ? 
hydrog33 hydrog ? ? C DC 5 O2 ? ? ? 1_555 D DG 4 N2 ? ? C DC 21 D DG 28 1_555 ? ? ? ? ? ? WATSON-CRICK ? ? ? 
hydrog34 hydrog ? ? C DT 6 N3 ? ? ? 1_555 D DA 3 N1 ? ? C DT 22 D DA 27 1_555 ? ? ? ? ? ? WATSON-CRICK ? ? ? 
hydrog35 hydrog ? ? C DT 6 O4 ? ? ? 1_555 D DA 3 N6 ? ? C DT 22 D DA 27 1_555 ? ? ? ? ? ? WATSON-CRICK ? ? ? 
hydrog36 hydrog ? ? C DT 7 N3 ? ? ? 1_555 D DA 2 N1 ? ? C DT 23 D DA 26 1_555 ? ? ? ? ? ? WATSON-CRICK ? ? ? 
hydrog37 hydrog ? ? C DT 7 O4 ? ? ? 1_555 D DA 2 N6 ? ? C DT 23 D DA 26 1_555 ? ? ? ? ? ? WATSON-CRICK ? ? ? 
hydrog38 hydrog ? ? C DC 8 N3 ? ? ? 1_555 D DG 1 N1 ? ? C DC 24 D DG 25 1_555 ? ? ? ? ? ? WATSON-CRICK ? ? ? 
hydrog39 hydrog ? ? C DC 8 N4 ? ? ? 1_555 D DG 1 O6 ? ? C DC 24 D DG 25 1_555 ? ? ? ? ? ? WATSON-CRICK ? ? ? 
hydrog40 hydrog ? ? C DC 8 O2 ? ? ? 1_555 D DG 1 N2 ? ? C DC 24 D DG 25 1_555 ? ? ? ? ? ? WATSON-CRICK ? ? ? 
# 
_struct_conn_type.id          hydrog 
_struct_conn_type.criteria    ? 
_struct_conn_type.reference   ? 
# 
loop_
_pdbx_validate_rmsd_bond.id 
_pdbx_validate_rmsd_bond.PDB_model_num 
_pdbx_validate_rmsd_bond.auth_atom_id_1 
_pdbx_validate_rmsd_bond.auth_asym_id_1 
_pdbx_validate_rmsd_bond.auth_comp_id_1 
_pdbx_validate_rmsd_bond.auth_seq_id_1 
_pdbx_validate_rmsd_bond.PDB_ins_code_1 
_pdbx_validate_rmsd_bond.label_alt_id_1 
_pdbx_validate_rmsd_bond.auth_atom_id_2 
_pdbx_validate_rmsd_bond.auth_asym_id_2 
_pdbx_validate_rmsd_bond.auth_comp_id_2 
_pdbx_validate_rmsd_bond.auth_seq_id_2 
_pdbx_validate_rmsd_bond.PDB_ins_code_2 
_pdbx_validate_rmsd_bond.label_alt_id_2 
_pdbx_validate_rmsd_bond.bond_value 
_pdbx_validate_rmsd_bond.bond_target_value 
_pdbx_validate_rmsd_bond.bond_deviation 
_pdbx_validate_rmsd_bond.bond_standard_deviation 
_pdbx_validate_rmsd_bond.linker_flag 
1  1 "C5'" A DG 1  ? ? "C4'" A DG 1  ? ? 1.564 1.512 0.052  0.007 N 
2  1 "O3'" A DA 3  ? ? P     A DG 4  ? ? 1.686 1.607 0.079  0.012 Y 
3  1 "C5'" A DC 5  ? ? "C4'" A DC 5  ? ? 1.555 1.512 0.043  0.007 N 
4  1 "O3'" A DC 5  ? ? P     A DT 6  ? ? 1.684 1.607 0.077  0.012 Y 
5  1 "C2'" A DT 6  ? ? "C1'" A DT 6  ? ? 1.592 1.519 0.073  0.010 N 
6  1 N1    A DT 6  ? ? C2    A DT 6  ? ? 1.441 1.376 0.065  0.008 N 
7  1 C5    A DT 6  ? ? C6    A DT 6  ? ? 1.381 1.339 0.042  0.007 N 
8  1 C6    A DT 6  ? ? N1    A DT 6  ? ? 1.421 1.378 0.043  0.007 N 
9  1 "C5'" B DG 9  ? ? "C4'" B DG 9  ? ? 1.564 1.512 0.052  0.007 N 
10 1 P     B DA 10 ? ? "O5'" B DA 10 ? ? 1.684 1.593 0.091  0.010 N 
11 1 "C5'" B DA 10 ? ? "C4'" B DA 10 ? ? 1.585 1.512 0.073  0.007 N 
12 1 "C3'" B DA 11 ? ? "C2'" B DA 11 ? ? 1.455 1.516 -0.061 0.008 N 
13 1 "C5'" B DG 12 ? ? "C4'" B DG 12 ? ? 1.576 1.512 0.064  0.007 N 
14 1 P     B DC 13 ? ? "O5'" B DC 13 ? ? 1.531 1.593 -0.062 0.010 N 
15 1 C2    B DT 15 ? ? N3    B DT 15 ? ? 1.312 1.373 -0.061 0.008 N 
16 1 "C5'" B DC 16 ? ? "C4'" B DC 16 ? ? 1.564 1.512 0.052  0.007 N 
17 1 "C5'" C DG 17 ? ? "C4'" C DG 17 ? ? 1.582 1.512 0.070  0.007 N 
18 1 P     C DA 19 ? ? "O5'" C DA 19 ? ? 1.690 1.593 0.097  0.010 N 
19 1 "C5'" C DA 19 ? ? "C4'" C DA 19 ? ? 1.570 1.512 0.058  0.007 N 
20 1 "C3'" C DA 19 ? ? "C2'" C DA 19 ? ? 1.460 1.516 -0.056 0.008 N 
21 1 "C2'" C DA 19 ? ? "C1'" C DA 19 ? ? 1.449 1.518 -0.069 0.010 N 
22 1 P     C DG 20 ? ? "O5'" C DG 20 ? ? 1.678 1.593 0.085  0.010 N 
23 1 P     C DT 22 ? ? "O5'" C DT 22 ? ? 1.657 1.593 0.064  0.010 N 
24 1 "C5'" C DT 22 ? ? "C4'" C DT 22 ? ? 1.568 1.512 0.056  0.007 N 
25 1 "C4'" C DT 22 ? ? "C3'" C DT 22 ? ? 1.590 1.529 0.061  0.010 N 
26 1 C5    C DT 23 ? ? C7    C DT 23 ? ? 1.554 1.496 0.058  0.006 N 
27 1 "C5'" D DG 25 ? ? "C4'" D DG 25 ? ? 1.564 1.512 0.052  0.007 N 
28 1 "C3'" D DA 26 ? ? "C2'" D DA 26 ? ? 1.467 1.516 -0.049 0.008 N 
29 1 C6    D DA 26 ? ? N1    D DA 26 ? ? 1.306 1.351 -0.045 0.007 N 
30 1 "C4'" D DA 27 ? ? "C3'" D DA 27 ? ? 1.600 1.529 0.071  0.010 N 
31 1 "C3'" D DA 27 ? ? "C2'" D DA 27 ? ? 1.453 1.516 -0.063 0.008 N 
32 1 P     D DG 28 ? ? "O5'" D DG 28 ? ? 1.676 1.593 0.083  0.010 N 
33 1 "C5'" D DG 28 ? ? "C4'" D DG 28 ? ? 1.604 1.512 0.092  0.007 N 
34 1 P     D DT 30 ? ? "O5'" D DT 30 ? ? 1.674 1.593 0.081  0.010 N 
35 1 C2    D DT 30 ? ? N3    D DT 30 ? ? 1.443 1.373 0.070  0.008 N 
36 1 C5    D DT 30 ? ? C7    D DT 30 ? ? 1.451 1.496 -0.045 0.006 N 
37 1 P     D DT 31 ? ? "O5'" D DT 31 ? ? 1.691 1.593 0.098  0.010 N 
38 1 "C5'" D DT 31 ? ? "C4'" D DT 31 ? ? 1.603 1.512 0.091  0.007 N 
39 1 "C5'" D DC 32 ? ? "C4'" D DC 32 ? ? 1.566 1.512 0.054  0.007 N 
40 1 "C3'" D DC 32 ? ? "C2'" D DC 32 ? ? 1.465 1.516 -0.051 0.008 N 
# 
loop_
_pdbx_validate_rmsd_angle.id 
_pdbx_validate_rmsd_angle.PDB_model_num 
_pdbx_validate_rmsd_angle.auth_atom_id_1 
_pdbx_validate_rmsd_angle.auth_asym_id_1 
_pdbx_validate_rmsd_angle.auth_comp_id_1 
_pdbx_validate_rmsd_angle.auth_seq_id_1 
_pdbx_validate_rmsd_angle.PDB_ins_code_1 
_pdbx_validate_rmsd_angle.label_alt_id_1 
_pdbx_validate_rmsd_angle.auth_atom_id_2 
_pdbx_validate_rmsd_angle.auth_asym_id_2 
_pdbx_validate_rmsd_angle.auth_comp_id_2 
_pdbx_validate_rmsd_angle.auth_seq_id_2 
_pdbx_validate_rmsd_angle.PDB_ins_code_2 
_pdbx_validate_rmsd_angle.label_alt_id_2 
_pdbx_validate_rmsd_angle.auth_atom_id_3 
_pdbx_validate_rmsd_angle.auth_asym_id_3 
_pdbx_validate_rmsd_angle.auth_comp_id_3 
_pdbx_validate_rmsd_angle.auth_seq_id_3 
_pdbx_validate_rmsd_angle.PDB_ins_code_3 
_pdbx_validate_rmsd_angle.label_alt_id_3 
_pdbx_validate_rmsd_angle.angle_value 
_pdbx_validate_rmsd_angle.angle_target_value 
_pdbx_validate_rmsd_angle.angle_deviation 
_pdbx_validate_rmsd_angle.angle_standard_deviation 
_pdbx_validate_rmsd_angle.linker_flag 
1   1 "C4'" A DG 1  ? ? "C3'" A DG 1  ? ? "C2'" A DG 1  ? ? 92.47  102.20 -9.73  0.70 N 
2   1 "C3'" A DG 1  ? ? "O3'" A DG 1  ? ? P     A DA 2  ? ? 127.38 119.70 7.68   1.20 Y 
3   1 "O4'" A DA 2  ? ? "C1'" A DA 2  ? ? N9    A DA 2  ? ? 114.75 108.30 6.45   0.30 N 
4   1 C6    A DA 2  ? ? N1    A DA 2  ? ? C2    A DA 2  ? ? 126.11 118.60 7.51   0.60 N 
5   1 C5    A DA 2  ? ? C6    A DA 2  ? ? N1    A DA 2  ? ? 111.86 117.70 -5.84  0.50 N 
6   1 "C3'" A DA 2  ? ? "O3'" A DA 2  ? ? P     A DA 3  ? ? 133.95 119.70 14.25  1.20 Y 
7   1 "O3'" A DA 2  ? ? P     A DA 3  ? ? "O5'" A DA 3  ? ? 118.49 104.00 14.49  1.90 Y 
8   1 "O5'" A DA 3  ? ? P     A DA 3  ? ? OP2   A DA 3  ? ? 96.78  105.70 -8.92  0.90 N 
9   1 "O5'" A DA 3  ? ? "C5'" A DA 3  ? ? "C4'" A DA 3  ? ? 104.13 109.40 -5.27  0.80 N 
10  1 "O4'" A DA 3  ? ? "C4'" A DA 3  ? ? "C3'" A DA 3  ? ? 110.67 106.00 4.67   0.60 N 
11  1 "O4'" A DA 3  ? ? "C1'" A DA 3  ? ? N9    A DA 3  ? ? 120.16 108.30 11.86  0.30 N 
12  1 C6    A DA 3  ? ? N1    A DA 3  ? ? C2    A DA 3  ? ? 124.03 118.60 5.43   0.60 N 
13  1 C5    A DA 3  ? ? C6    A DA 3  ? ? N1    A DA 3  ? ? 114.45 117.70 -3.25  0.50 N 
14  1 "C3'" A DA 3  ? ? "O3'" A DA 3  ? ? P     A DG 4  ? ? 133.65 119.70 13.95  1.20 Y 
15  1 "O4'" A DG 4  ? ? "C4'" A DG 4  ? ? "C3'" A DG 4  ? ? 111.73 106.00 5.73   0.60 N 
16  1 "C1'" A DG 4  ? ? "O4'" A DG 4  ? ? "C4'" A DG 4  ? ? 103.44 110.10 -6.66  1.00 N 
17  1 "C4'" A DG 4  ? ? "C3'" A DG 4  ? ? "C2'" A DG 4  ? ? 95.71  102.20 -6.49  0.70 N 
18  1 N9    A DG 4  ? ? "C1'" A DG 4  ? ? "C2'" A DG 4  ? ? 123.57 114.30 9.27   1.40 N 
19  1 "O4'" A DG 4  ? ? "C1'" A DG 4  ? ? N9    A DG 4  ? ? 102.77 108.00 -5.23  0.70 N 
20  1 "C3'" A DG 4  ? ? "O3'" A DG 4  ? ? P     A DC 5  ? ? 126.95 119.70 7.25   1.20 Y 
21  1 "O4'" A DC 5  ? ? "C4'" A DC 5  ? ? "C3'" A DC 5  ? ? 112.09 106.00 6.09   0.60 N 
22  1 "C4'" A DC 5  ? ? "C3'" A DC 5  ? ? "O3'" A DC 5  ? ? 124.71 112.30 12.41  2.00 N 
23  1 "C4'" A DC 5  ? ? "C3'" A DC 5  ? ? "C2'" A DC 5  ? ? 95.62  102.20 -6.58  0.70 N 
24  1 "O4'" A DC 5  ? ? "C1'" A DC 5  ? ? N1    A DC 5  ? ? 126.94 108.30 18.64  0.30 N 
25  1 N3    A DC 5  ? ? C4    A DC 5  ? ? C5    A DC 5  ? ? 119.31 121.90 -2.59  0.40 N 
26  1 "C4'" A DT 6  ? ? "C3'" A DT 6  ? ? "C2'" A DT 6  ? ? 97.58  102.20 -4.62  0.70 N 
27  1 "O4'" A DT 6  ? ? "C1'" A DT 6  ? ? N1    A DT 6  ? ? 115.34 108.30 7.04   0.30 N 
28  1 C6    A DT 6  ? ? N1    A DT 6  ? ? C2    A DT 6  ? ? 118.21 121.30 -3.09  0.50 N 
29  1 C4    A DT 6  ? ? C5    A DT 6  ? ? C6    A DT 6  ? ? 122.00 118.00 4.00   0.60 N 
30  1 N3    A DT 6  ? ? C2    A DT 6  ? ? O2    A DT 6  ? ? 116.96 122.30 -5.34  0.60 N 
31  1 C4    A DT 6  ? ? C5    A DT 6  ? ? C7    A DT 6  ? ? 114.58 119.00 -4.42  0.60 N 
32  1 "C3'" A DT 6  ? ? "O3'" A DT 6  ? ? P     A DT 7  ? ? 130.84 119.70 11.14  1.20 Y 
33  1 "O3'" A DT 6  ? ? P     A DT 7  ? ? "O5'" A DT 7  ? ? 118.81 104.00 14.81  1.90 Y 
34  1 "O4'" A DT 7  ? ? "C1'" A DT 7  ? ? "C2'" A DT 7  ? ? 98.23  105.90 -7.67  0.80 N 
35  1 "O4'" A DT 7  ? ? "C1'" A DT 7  ? ? N1    A DT 7  ? ? 112.75 108.30 4.45   0.30 N 
36  1 C4    A DT 7  ? ? C5    A DT 7  ? ? C7    A DT 7  ? ? 122.96 119.00 3.96   0.60 N 
37  1 C6    A DT 7  ? ? C5    A DT 7  ? ? C7    A DT 7  ? ? 115.76 122.90 -7.14  0.60 N 
38  1 "O5'" A DC 8  ? ? "C5'" A DC 8  ? ? "C4'" A DC 8  ? ? 99.67  109.40 -9.73  0.80 N 
39  1 P     A DC 8  ? ? "O5'" A DC 8  ? ? "C5'" A DC 8  ? ? 138.51 120.90 17.61  1.60 N 
40  1 "O4'" A DC 8  ? ? "C1'" A DC 8  ? ? N1    A DC 8  ? ? 111.40 108.30 3.10   0.30 N 
41  1 C2    A DC 8  ? ? N3    A DC 8  ? ? C4    A DC 8  ? ? 124.10 119.90 4.20   0.50 N 
42  1 N3    A DC 8  ? ? C4    A DC 8  ? ? C5    A DC 8  ? ? 119.27 121.90 -2.63  0.40 N 
43  1 N1    A DC 8  ? ? C2    A DC 8  ? ? O2    A DC 8  ? ? 123.29 118.90 4.39   0.60 N 
44  1 "O4'" B DG 9  ? ? "C1'" B DG 9  ? ? "C2'" B DG 9  ? ? 99.31  105.90 -6.59  0.80 N 
45  1 "O4'" B DG 9  ? ? "C1'" B DG 9  ? ? N9    B DG 9  ? ? 115.90 108.30 7.60   0.30 N 
46  1 C8    B DG 9  ? ? N9    B DG 9  ? ? C4    B DG 9  ? ? 103.41 106.40 -2.99  0.40 N 
47  1 N3    B DG 9  ? ? C4    B DG 9  ? ? N9    B DG 9  ? ? 121.86 126.00 -4.14  0.60 N 
48  1 C8    B DG 9  ? ? N9    B DG 9  ? ? "C1'" B DG 9  ? ? 137.05 127.00 10.05  1.30 N 
49  1 "C4'" B DA 10 ? ? "C3'" B DA 10 ? ? "C2'" B DA 10 ? ? 94.44  102.20 -7.76  0.70 N 
50  1 "O4'" B DA 10 ? ? "C1'" B DA 10 ? ? N9    B DA 10 ? ? 110.54 108.30 2.24   0.30 N 
51  1 C6    B DA 10 ? ? N1    B DA 10 ? ? C2    B DA 10 ? ? 122.91 118.60 4.31   0.60 N 
52  1 N1    B DA 10 ? ? C2    B DA 10 ? ? N3    B DA 10 ? ? 126.27 129.30 -3.03  0.50 N 
53  1 "C3'" B DA 10 ? ? "O3'" B DA 10 ? ? P     B DA 11 ? ? 129.91 119.70 10.21  1.20 Y 
54  1 "O5'" B DA 11 ? ? "C5'" B DA 11 ? ? "C4'" B DA 11 ? ? 102.31 109.40 -7.09  0.80 N 
55  1 P     B DA 11 ? ? "O5'" B DA 11 ? ? "C5'" B DA 11 ? ? 130.70 120.90 9.80   1.60 N 
56  1 "O4'" B DA 11 ? ? "C1'" B DA 11 ? ? N9    B DA 11 ? ? 110.21 108.30 1.91   0.30 N 
57  1 C6    B DA 11 ? ? N1    B DA 11 ? ? C2    B DA 11 ? ? 123.31 118.60 4.71   0.60 N 
58  1 "C5'" B DG 12 ? ? "C4'" B DG 12 ? ? "O4'" B DG 12 ? ? 121.36 109.80 11.56  1.10 N 
59  1 N9    B DG 12 ? ? "C1'" B DG 12 ? ? "C2'" B DG 12 ? ? 123.69 114.30 9.39   1.40 N 
60  1 N9    B DG 12 ? ? C4    B DG 12 ? ? C5    B DG 12 ? ? 108.78 105.40 3.38   0.40 N 
61  1 N3    B DG 12 ? ? C2    B DG 12 ? ? N2    B DG 12 ? ? 115.42 119.90 -4.48  0.70 N 
62  1 "O5'" B DC 13 ? ? "C5'" B DC 13 ? ? "C4'" B DC 13 ? ? 100.83 109.40 -8.57  0.80 N 
63  1 "C4'" B DC 13 ? ? "C3'" B DC 13 ? ? "C2'" B DC 13 ? ? 89.18  102.20 -13.02 0.70 N 
64  1 "O4'" B DC 13 ? ? "C1'" B DC 13 ? ? "C2'" B DC 13 ? ? 100.69 105.90 -5.21  0.80 N 
65  1 "O4'" B DC 13 ? ? "C1'" B DC 13 ? ? N1    B DC 13 ? ? 127.70 108.30 19.40  0.30 N 
66  1 "C3'" B DC 13 ? ? "O3'" B DC 13 ? ? P     B DT 14 ? ? 134.88 119.70 15.18  1.20 Y 
67  1 "C4'" B DT 14 ? ? "C3'" B DT 14 ? ? "C2'" B DT 14 ? ? 97.60  102.20 -4.60  0.70 N 
68  1 C2    B DT 14 ? ? N3    B DT 14 ? ? C4    B DT 14 ? ? 131.64 127.20 4.44   0.60 N 
69  1 N3    B DT 14 ? ? C2    B DT 14 ? ? O2    B DT 14 ? ? 117.48 122.30 -4.82  0.60 N 
70  1 C5    B DT 14 ? ? C4    B DT 14 ? ? O4    B DT 14 ? ? 130.74 124.90 5.84   0.70 N 
71  1 C6    B DT 14 ? ? C5    B DT 14 ? ? C7    B DT 14 ? ? 118.84 122.90 -4.06  0.60 N 
72  1 "C3'" B DT 14 ? ? "O3'" B DT 14 ? ? P     B DT 15 ? ? 132.56 119.70 12.86  1.20 Y 
73  1 "O5'" B DT 15 ? ? "C5'" B DT 15 ? ? "C4'" B DT 15 ? ? 102.50 109.40 -6.90  0.80 N 
74  1 "C1'" B DT 15 ? ? "O4'" B DT 15 ? ? "C4'" B DT 15 ? ? 102.04 110.10 -8.06  1.00 N 
75  1 "C4'" B DT 15 ? ? "C3'" B DT 15 ? ? "O3'" B DT 15 ? ? 125.77 112.30 13.47  2.00 N 
76  1 "C4'" B DT 15 ? ? "C3'" B DT 15 ? ? "C2'" B DT 15 ? ? 91.99  102.20 -10.21 0.70 N 
77  1 "O4'" B DT 15 ? ? "C1'" B DT 15 ? ? N1    B DT 15 ? ? 114.09 108.30 5.79   0.30 N 
78  1 C2    B DT 15 ? ? N3    B DT 15 ? ? C4    B DT 15 ? ? 131.93 127.20 4.73   0.60 N 
79  1 N3    B DT 15 ? ? C4    B DT 15 ? ? C5    B DT 15 ? ? 111.09 115.20 -4.11  0.60 N 
80  1 N3    B DT 15 ? ? C2    B DT 15 ? ? O2    B DT 15 ? ? 116.62 122.30 -5.68  0.60 N 
81  1 N3    B DT 15 ? ? C4    B DT 15 ? ? O4    B DT 15 ? ? 116.27 119.90 -3.63  0.60 N 
82  1 C5    B DT 15 ? ? C4    B DT 15 ? ? O4    B DT 15 ? ? 132.63 124.90 7.73   0.70 N 
83  1 "C3'" B DT 15 ? ? "O3'" B DT 15 ? ? P     B DC 16 ? ? 132.86 119.70 13.16  1.20 Y 
84  1 "O4'" B DC 16 ? ? "C1'" B DC 16 ? ? N1    B DC 16 ? ? 123.71 108.30 15.41  0.30 N 
85  1 "O4'" C DG 17 ? ? "C4'" C DG 17 ? ? "C3'" C DG 17 ? ? 97.02  104.50 -7.48  0.40 N 
86  1 "C4'" C DG 17 ? ? "C3'" C DG 17 ? ? "O3'" C DG 17 ? ? 127.39 112.30 15.09  2.00 N 
87  1 "O4'" C DG 17 ? ? "C1'" C DG 17 ? ? N9    C DG 17 ? ? 115.85 108.30 7.55   0.30 N 
88  1 N3    C DG 17 ? ? C2    C DG 17 ? ? N2    C DG 17 ? ? 115.51 119.90 -4.39  0.70 N 
89  1 "C3'" C DG 17 ? ? "O3'" C DG 17 ? ? P     C DA 18 ? ? 127.85 119.70 8.15   1.20 Y 
90  1 "C4'" C DA 18 ? ? "C3'" C DA 18 ? ? "C2'" C DA 18 ? ? 95.77  102.20 -6.43  0.70 N 
91  1 "O4'" C DA 18 ? ? "C1'" C DA 18 ? ? N9    C DA 18 ? ? 116.44 108.30 8.14   0.30 N 
92  1 C6    C DA 18 ? ? N1    C DA 18 ? ? C2    C DA 18 ? ? 122.77 118.60 4.17   0.60 N 
93  1 "O4'" C DA 19 ? ? "C4'" C DA 19 ? ? "C3'" C DA 19 ? ? 101.64 104.50 -2.86  0.40 N 
94  1 "C5'" C DA 19 ? ? "C4'" C DA 19 ? ? "O4'" C DA 19 ? ? 122.09 109.80 12.29  1.10 N 
95  1 "C4'" C DA 19 ? ? "C3'" C DA 19 ? ? "O3'" C DA 19 ? ? 127.44 112.30 15.14  2.00 N 
96  1 "C4'" C DA 19 ? ? "C3'" C DA 19 ? ? "C2'" C DA 19 ? ? 92.46  102.20 -9.74  0.70 N 
97  1 "O4'" C DA 19 ? ? "C1'" C DA 19 ? ? "C2'" C DA 19 ? ? 100.86 105.90 -5.04  0.80 N 
98  1 "O4'" C DA 19 ? ? "C1'" C DA 19 ? ? N9    C DA 19 ? ? 113.41 108.30 5.11   0.30 N 
99  1 C6    C DA 19 ? ? N1    C DA 19 ? ? C2    C DA 19 ? ? 113.11 118.60 -5.49  0.60 N 
100 1 N1    C DA 19 ? ? C2    C DA 19 ? ? N3    C DA 19 ? ? 132.49 129.30 3.19   0.50 N 
101 1 C5    C DA 19 ? ? C6    C DA 19 ? ? N1    C DA 19 ? ? 120.71 117.70 3.01   0.50 N 
102 1 C8    C DA 19 ? ? N9    C DA 19 ? ? C4    C DA 19 ? ? 102.95 105.80 -2.85  0.40 N 
103 1 N1    C DA 19 ? ? C6    C DA 19 ? ? N6    C DA 19 ? ? 122.35 118.60 3.75   0.60 N 
104 1 C5    C DA 19 ? ? C6    C DA 19 ? ? N6    C DA 19 ? ? 116.94 123.70 -6.76  0.80 N 
105 1 "C3'" C DA 19 ? ? "O3'" C DA 19 ? ? P     C DG 20 ? ? 111.27 119.70 -8.43  1.20 Y 
106 1 "O4'" C DG 20 ? ? "C4'" C DG 20 ? ? "C3'" C DG 20 ? ? 99.18  104.50 -5.32  0.40 N 
107 1 C6    C DG 20 ? ? C5    C DG 20 ? ? N7    C DG 20 ? ? 126.75 130.40 -3.65  0.60 N 
108 1 "O4'" C DC 21 ? ? "C1'" C DC 21 ? ? N1    C DC 21 ? ? 113.63 108.30 5.33   0.30 N 
109 1 N1    C DC 21 ? ? C2    C DC 21 ? ? O2    C DC 21 ? ? 123.60 118.90 4.70   0.60 N 
110 1 "C5'" C DT 22 ? ? "C4'" C DT 22 ? ? "C3'" C DT 22 ? ? 125.85 115.70 10.15  1.20 N 
111 1 "O4'" C DT 22 ? ? "C1'" C DT 22 ? ? "C2'" C DT 22 ? ? 110.62 106.80 3.82   0.50 N 
112 1 C4    C DT 22 ? ? C5    C DT 22 ? ? C7    C DT 22 ? ? 124.46 119.00 5.46   0.60 N 
113 1 C6    C DT 22 ? ? C5    C DT 22 ? ? C7    C DT 22 ? ? 115.60 122.90 -7.30  0.60 N 
114 1 "O3'" C DT 22 ? ? P     C DT 23 ? ? "O5'" C DT 23 ? ? 119.14 104.00 15.14  1.90 Y 
115 1 "O4'" C DT 23 ? ? "C4'" C DT 23 ? ? "C3'" C DT 23 ? ? 113.38 106.00 7.38   0.60 N 
116 1 "C1'" C DT 23 ? ? "O4'" C DT 23 ? ? "C4'" C DT 23 ? ? 102.40 110.10 -7.70  1.00 N 
117 1 "C4'" C DT 23 ? ? "C3'" C DT 23 ? ? "C2'" C DT 23 ? ? 94.32  102.20 -7.88  0.70 N 
118 1 C2    C DT 23 ? ? N3    C DT 23 ? ? C4    C DT 23 ? ? 130.86 127.20 3.66   0.60 N 
119 1 N3    C DT 23 ? ? C4    C DT 23 ? ? C5    C DT 23 ? ? 111.02 115.20 -4.18  0.60 N 
120 1 C5    C DT 23 ? ? C4    C DT 23 ? ? O4    C DT 23 ? ? 131.12 124.90 6.22   0.70 N 
121 1 C6    C DT 23 ? ? C5    C DT 23 ? ? C7    C DT 23 ? ? 119.18 122.90 -3.72  0.60 N 
122 1 "C3'" C DT 23 ? ? "O3'" C DT 23 ? ? P     C DC 24 ? ? 128.80 119.70 9.10   1.20 Y 
123 1 "O4'" C DC 24 ? ? "C1'" C DC 24 ? ? N1    C DC 24 ? ? 131.09 108.30 22.79  0.30 N 
124 1 "O4'" D DG 25 ? ? "C4'" D DG 25 ? ? "C3'" D DG 25 ? ? 109.93 106.00 3.93   0.60 N 
125 1 "C4'" D DG 25 ? ? "C3'" D DG 25 ? ? "C2'" D DG 25 ? ? 97.84  102.20 -4.36  0.70 N 
126 1 "O4'" D DG 25 ? ? "C1'" D DG 25 ? ? N9    D DG 25 ? ? 113.32 108.30 5.02   0.30 N 
127 1 C8    D DG 25 ? ? N9    D DG 25 ? ? C4    D DG 25 ? ? 103.13 106.40 -3.27  0.40 N 
128 1 N9    D DG 25 ? ? C4    D DG 25 ? ? C5    D DG 25 ? ? 108.30 105.40 2.90   0.40 N 
129 1 "C3'" D DG 25 ? ? "O3'" D DG 25 ? ? P     D DA 26 ? ? 127.49 119.70 7.79   1.20 Y 
130 1 "C1'" D DA 26 ? ? "O4'" D DA 26 ? ? "C4'" D DA 26 ? ? 102.18 110.10 -7.92  1.00 N 
131 1 "O4'" D DA 26 ? ? "C1'" D DA 26 ? ? "C2'" D DA 26 ? ? 111.40 106.80 4.60   0.50 N 
132 1 "O4'" D DA 26 ? ? "C1'" D DA 26 ? ? N9    D DA 26 ? ? 112.67 108.30 4.37   0.30 N 
133 1 C6    D DA 26 ? ? N1    D DA 26 ? ? C2    D DA 26 ? ? 126.22 118.60 7.62   0.60 N 
134 1 C5    D DA 26 ? ? C6    D DA 26 ? ? N1    D DA 26 ? ? 113.23 117.70 -4.47  0.50 N 
135 1 C5    D DA 26 ? ? C6    D DA 26 ? ? N6    D DA 26 ? ? 130.08 123.70 6.38   0.80 N 
136 1 "O5'" D DA 27 ? ? "C5'" D DA 27 ? ? "C4'" D DA 27 ? ? 103.61 109.40 -5.79  0.80 N 
137 1 P     D DA 27 ? ? "O5'" D DA 27 ? ? "C5'" D DA 27 ? ? 132.90 120.90 12.00  1.60 N 
138 1 "C1'" D DA 27 ? ? "O4'" D DA 27 ? ? "C4'" D DA 27 ? ? 102.73 110.10 -7.37  1.00 N 
139 1 "C4'" D DA 27 ? ? "C3'" D DA 27 ? ? "O3'" D DA 27 ? ? 128.63 112.30 16.33  2.00 N 
140 1 "C2'" D DA 27 ? ? "C3'" D DA 27 ? ? "O3'" D DA 27 ? ? 91.63  109.40 -17.77 2.50 N 
141 1 "C4'" D DA 27 ? ? "C3'" D DA 27 ? ? "C2'" D DA 27 ? ? 94.32  102.20 -7.88  0.70 N 
142 1 "O4'" D DA 27 ? ? "C1'" D DA 27 ? ? N9    D DA 27 ? ? 120.54 108.30 12.24  0.30 N 
143 1 C6    D DA 27 ? ? N1    D DA 27 ? ? C2    D DA 27 ? ? 124.59 118.60 5.99   0.60 N 
144 1 N1    D DA 27 ? ? C2    D DA 27 ? ? N3    D DA 27 ? ? 126.15 129.30 -3.15  0.50 N 
145 1 C5    D DA 27 ? ? C6    D DA 27 ? ? N1    D DA 27 ? ? 114.55 117.70 -3.15  0.50 N 
146 1 C5    D DA 27 ? ? C6    D DA 27 ? ? N6    D DA 27 ? ? 128.63 123.70 4.93   0.80 N 
147 1 "C3'" D DA 27 ? ? "O3'" D DA 27 ? ? P     D DG 28 ? ? 131.06 119.70 11.36  1.20 Y 
148 1 P     D DG 28 ? ? "O5'" D DG 28 ? ? "C5'" D DG 28 ? ? 133.05 120.90 12.15  1.60 N 
149 1 N7    D DG 28 ? ? C8    D DG 28 ? ? N9    D DG 28 ? ? 116.40 113.10 3.30   0.50 N 
150 1 C8    D DG 28 ? ? N9    D DG 28 ? ? C4    D DG 28 ? ? 103.69 106.40 -2.71  0.40 N 
151 1 "C3'" D DG 28 ? ? "O3'" D DG 28 ? ? P     D DC 29 ? ? 130.02 119.70 10.32  1.20 Y 
152 1 "O4'" D DC 29 ? ? "C4'" D DC 29 ? ? "C3'" D DC 29 ? ? 99.63  104.50 -4.87  0.40 N 
153 1 "C4'" D DC 29 ? ? "C3'" D DC 29 ? ? "C2'" D DC 29 ? ? 94.43  102.20 -7.77  0.70 N 
154 1 "O4'" D DC 29 ? ? "C1'" D DC 29 ? ? N1    D DC 29 ? ? 113.48 108.30 5.18   0.30 N 
155 1 "C4'" D DT 30 ? ? "C3'" D DT 30 ? ? "C2'" D DT 30 ? ? 96.74  102.20 -5.46  0.70 N 
156 1 "O4'" D DT 30 ? ? "C1'" D DT 30 ? ? N1    D DT 30 ? ? 110.62 108.30 2.32   0.30 N 
157 1 C2    D DT 30 ? ? N3    D DT 30 ? ? C4    D DT 30 ? ? 123.22 127.20 -3.98  0.60 N 
158 1 C4    D DT 30 ? ? C5    D DT 30 ? ? C6    D DT 30 ? ? 124.69 118.00 6.69   0.60 N 
159 1 N3    D DT 30 ? ? C4    D DT 30 ? ? O4    D DT 30 ? ? 124.56 119.90 4.66   0.60 N 
160 1 C6    D DT 30 ? ? C5    D DT 30 ? ? C7    D DT 30 ? ? 114.56 122.90 -8.34  0.60 N 
161 1 "C1'" D DT 31 ? ? "O4'" D DT 31 ? ? "C4'" D DT 31 ? ? 116.43 110.30 6.13   0.70 N 
162 1 "C2'" D DT 31 ? ? "C3'" D DT 31 ? ? "O3'" D DT 31 ? ? 89.61  109.40 -19.79 2.50 N 
163 1 "C4'" D DT 31 ? ? "C3'" D DT 31 ? ? "C2'" D DT 31 ? ? 95.17  102.20 -7.03  0.70 N 
164 1 "O4'" D DT 31 ? ? "C1'" D DT 31 ? ? "C2'" D DT 31 ? ? 86.59  105.90 -19.31 0.80 N 
165 1 "O4'" D DT 31 ? ? "C1'" D DT 31 ? ? N1    D DT 31 ? ? 116.58 108.30 8.28   0.30 N 
166 1 C6    D DT 31 ? ? N1    D DT 31 ? ? C2    D DT 31 ? ? 117.90 121.30 -3.40  0.50 N 
167 1 N3    D DT 31 ? ? C2    D DT 31 ? ? O2    D DT 31 ? ? 117.58 122.30 -4.72  0.60 N 
168 1 C6    D DT 31 ? ? C5    D DT 31 ? ? C7    D DT 31 ? ? 117.80 122.90 -5.10  0.60 N 
169 1 "O4'" D DC 32 ? ? "C1'" D DC 32 ? ? N1    D DC 32 ? ? 119.40 108.30 11.10  0.30 N 
# 
loop_
_refine_B_iso.class 
_refine_B_iso.details 
_refine_B_iso.treatment 
_refine_B_iso.pdbx_refine_id 
'ALL ATOMS'  TR isotropic 'X-RAY DIFFRACTION' 
'ALL WATERS' TR isotropic 'X-RAY DIFFRACTION' 
# 
loop_
_refine_occupancy.class 
_refine_occupancy.treatment 
_refine_occupancy.pdbx_refine_id 
'ALL ATOMS'  fix 'X-RAY DIFFRACTION' 
'ALL WATERS' fix 'X-RAY DIFFRACTION' 
# 
loop_
_chem_comp_atom.comp_id 
_chem_comp_atom.atom_id 
_chem_comp_atom.type_symbol 
_chem_comp_atom.pdbx_aromatic_flag 
_chem_comp_atom.pdbx_stereo_config 
_chem_comp_atom.pdbx_ordinal 
DA  OP3    O N N 1   
DA  P      P N N 2   
DA  OP1    O N N 3   
DA  OP2    O N N 4   
DA  "O5'"  O N N 5   
DA  "C5'"  C N N 6   
DA  "C4'"  C N R 7   
DA  "O4'"  O N N 8   
DA  "C3'"  C N S 9   
DA  "O3'"  O N N 10  
DA  "C2'"  C N N 11  
DA  "C1'"  C N R 12  
DA  N9     N Y N 13  
DA  C8     C Y N 14  
DA  N7     N Y N 15  
DA  C5     C Y N 16  
DA  C6     C Y N 17  
DA  N6     N N N 18  
DA  N1     N Y N 19  
DA  C2     C Y N 20  
DA  N3     N Y N 21  
DA  C4     C Y N 22  
DA  HOP3   H N N 23  
DA  HOP2   H N N 24  
DA  "H5'"  H N N 25  
DA  "H5''" H N N 26  
DA  "H4'"  H N N 27  
DA  "H3'"  H N N 28  
DA  "HO3'" H N N 29  
DA  "H2'"  H N N 30  
DA  "H2''" H N N 31  
DA  "H1'"  H N N 32  
DA  H8     H N N 33  
DA  H61    H N N 34  
DA  H62    H N N 35  
DA  H2     H N N 36  
DC  OP3    O N N 37  
DC  P      P N N 38  
DC  OP1    O N N 39  
DC  OP2    O N N 40  
DC  "O5'"  O N N 41  
DC  "C5'"  C N N 42  
DC  "C4'"  C N R 43  
DC  "O4'"  O N N 44  
DC  "C3'"  C N S 45  
DC  "O3'"  O N N 46  
DC  "C2'"  C N N 47  
DC  "C1'"  C N R 48  
DC  N1     N N N 49  
DC  C2     C N N 50  
DC  O2     O N N 51  
DC  N3     N N N 52  
DC  C4     C N N 53  
DC  N4     N N N 54  
DC  C5     C N N 55  
DC  C6     C N N 56  
DC  HOP3   H N N 57  
DC  HOP2   H N N 58  
DC  "H5'"  H N N 59  
DC  "H5''" H N N 60  
DC  "H4'"  H N N 61  
DC  "H3'"  H N N 62  
DC  "HO3'" H N N 63  
DC  "H2'"  H N N 64  
DC  "H2''" H N N 65  
DC  "H1'"  H N N 66  
DC  H41    H N N 67  
DC  H42    H N N 68  
DC  H5     H N N 69  
DC  H6     H N N 70  
DG  OP3    O N N 71  
DG  P      P N N 72  
DG  OP1    O N N 73  
DG  OP2    O N N 74  
DG  "O5'"  O N N 75  
DG  "C5'"  C N N 76  
DG  "C4'"  C N R 77  
DG  "O4'"  O N N 78  
DG  "C3'"  C N S 79  
DG  "O3'"  O N N 80  
DG  "C2'"  C N N 81  
DG  "C1'"  C N R 82  
DG  N9     N Y N 83  
DG  C8     C Y N 84  
DG  N7     N Y N 85  
DG  C5     C Y N 86  
DG  C6     C N N 87  
DG  O6     O N N 88  
DG  N1     N N N 89  
DG  C2     C N N 90  
DG  N2     N N N 91  
DG  N3     N N N 92  
DG  C4     C Y N 93  
DG  HOP3   H N N 94  
DG  HOP2   H N N 95  
DG  "H5'"  H N N 96  
DG  "H5''" H N N 97  
DG  "H4'"  H N N 98  
DG  "H3'"  H N N 99  
DG  "HO3'" H N N 100 
DG  "H2'"  H N N 101 
DG  "H2''" H N N 102 
DG  "H1'"  H N N 103 
DG  H8     H N N 104 
DG  H1     H N N 105 
DG  H21    H N N 106 
DG  H22    H N N 107 
DT  OP3    O N N 108 
DT  P      P N N 109 
DT  OP1    O N N 110 
DT  OP2    O N N 111 
DT  "O5'"  O N N 112 
DT  "C5'"  C N N 113 
DT  "C4'"  C N R 114 
DT  "O4'"  O N N 115 
DT  "C3'"  C N S 116 
DT  "O3'"  O N N 117 
DT  "C2'"  C N N 118 
DT  "C1'"  C N R 119 
DT  N1     N N N 120 
DT  C2     C N N 121 
DT  O2     O N N 122 
DT  N3     N N N 123 
DT  C4     C N N 124 
DT  O4     O N N 125 
DT  C5     C N N 126 
DT  C7     C N N 127 
DT  C6     C N N 128 
DT  HOP3   H N N 129 
DT  HOP2   H N N 130 
DT  "H5'"  H N N 131 
DT  "H5''" H N N 132 
DT  "H4'"  H N N 133 
DT  "H3'"  H N N 134 
DT  "HO3'" H N N 135 
DT  "H2'"  H N N 136 
DT  "H2''" H N N 137 
DT  "H1'"  H N N 138 
DT  H3     H N N 139 
DT  H71    H N N 140 
DT  H72    H N N 141 
DT  H73    H N N 142 
DT  H6     H N N 143 
HOH O      O N N 144 
HOH H1     H N N 145 
HOH H2     H N N 146 
# 
loop_
_chem_comp_bond.comp_id 
_chem_comp_bond.atom_id_1 
_chem_comp_bond.atom_id_2 
_chem_comp_bond.value_order 
_chem_comp_bond.pdbx_aromatic_flag 
_chem_comp_bond.pdbx_stereo_config 
_chem_comp_bond.pdbx_ordinal 
DA  OP3   P      sing N N 1   
DA  OP3   HOP3   sing N N 2   
DA  P     OP1    doub N N 3   
DA  P     OP2    sing N N 4   
DA  P     "O5'"  sing N N 5   
DA  OP2   HOP2   sing N N 6   
DA  "O5'" "C5'"  sing N N 7   
DA  "C5'" "C4'"  sing N N 8   
DA  "C5'" "H5'"  sing N N 9   
DA  "C5'" "H5''" sing N N 10  
DA  "C4'" "O4'"  sing N N 11  
DA  "C4'" "C3'"  sing N N 12  
DA  "C4'" "H4'"  sing N N 13  
DA  "O4'" "C1'"  sing N N 14  
DA  "C3'" "O3'"  sing N N 15  
DA  "C3'" "C2'"  sing N N 16  
DA  "C3'" "H3'"  sing N N 17  
DA  "O3'" "HO3'" sing N N 18  
DA  "C2'" "C1'"  sing N N 19  
DA  "C2'" "H2'"  sing N N 20  
DA  "C2'" "H2''" sing N N 21  
DA  "C1'" N9     sing N N 22  
DA  "C1'" "H1'"  sing N N 23  
DA  N9    C8     sing Y N 24  
DA  N9    C4     sing Y N 25  
DA  C8    N7     doub Y N 26  
DA  C8    H8     sing N N 27  
DA  N7    C5     sing Y N 28  
DA  C5    C6     sing Y N 29  
DA  C5    C4     doub Y N 30  
DA  C6    N6     sing N N 31  
DA  C6    N1     doub Y N 32  
DA  N6    H61    sing N N 33  
DA  N6    H62    sing N N 34  
DA  N1    C2     sing Y N 35  
DA  C2    N3     doub Y N 36  
DA  C2    H2     sing N N 37  
DA  N3    C4     sing Y N 38  
DC  OP3   P      sing N N 39  
DC  OP3   HOP3   sing N N 40  
DC  P     OP1    doub N N 41  
DC  P     OP2    sing N N 42  
DC  P     "O5'"  sing N N 43  
DC  OP2   HOP2   sing N N 44  
DC  "O5'" "C5'"  sing N N 45  
DC  "C5'" "C4'"  sing N N 46  
DC  "C5'" "H5'"  sing N N 47  
DC  "C5'" "H5''" sing N N 48  
DC  "C4'" "O4'"  sing N N 49  
DC  "C4'" "C3'"  sing N N 50  
DC  "C4'" "H4'"  sing N N 51  
DC  "O4'" "C1'"  sing N N 52  
DC  "C3'" "O3'"  sing N N 53  
DC  "C3'" "C2'"  sing N N 54  
DC  "C3'" "H3'"  sing N N 55  
DC  "O3'" "HO3'" sing N N 56  
DC  "C2'" "C1'"  sing N N 57  
DC  "C2'" "H2'"  sing N N 58  
DC  "C2'" "H2''" sing N N 59  
DC  "C1'" N1     sing N N 60  
DC  "C1'" "H1'"  sing N N 61  
DC  N1    C2     sing N N 62  
DC  N1    C6     sing N N 63  
DC  C2    O2     doub N N 64  
DC  C2    N3     sing N N 65  
DC  N3    C4     doub N N 66  
DC  C4    N4     sing N N 67  
DC  C4    C5     sing N N 68  
DC  N4    H41    sing N N 69  
DC  N4    H42    sing N N 70  
DC  C5    C6     doub N N 71  
DC  C5    H5     sing N N 72  
DC  C6    H6     sing N N 73  
DG  OP3   P      sing N N 74  
DG  OP3   HOP3   sing N N 75  
DG  P     OP1    doub N N 76  
DG  P     OP2    sing N N 77  
DG  P     "O5'"  sing N N 78  
DG  OP2   HOP2   sing N N 79  
DG  "O5'" "C5'"  sing N N 80  
DG  "C5'" "C4'"  sing N N 81  
DG  "C5'" "H5'"  sing N N 82  
DG  "C5'" "H5''" sing N N 83  
DG  "C4'" "O4'"  sing N N 84  
DG  "C4'" "C3'"  sing N N 85  
DG  "C4'" "H4'"  sing N N 86  
DG  "O4'" "C1'"  sing N N 87  
DG  "C3'" "O3'"  sing N N 88  
DG  "C3'" "C2'"  sing N N 89  
DG  "C3'" "H3'"  sing N N 90  
DG  "O3'" "HO3'" sing N N 91  
DG  "C2'" "C1'"  sing N N 92  
DG  "C2'" "H2'"  sing N N 93  
DG  "C2'" "H2''" sing N N 94  
DG  "C1'" N9     sing N N 95  
DG  "C1'" "H1'"  sing N N 96  
DG  N9    C8     sing Y N 97  
DG  N9    C4     sing Y N 98  
DG  C8    N7     doub Y N 99  
DG  C8    H8     sing N N 100 
DG  N7    C5     sing Y N 101 
DG  C5    C6     sing N N 102 
DG  C5    C4     doub Y N 103 
DG  C6    O6     doub N N 104 
DG  C6    N1     sing N N 105 
DG  N1    C2     sing N N 106 
DG  N1    H1     sing N N 107 
DG  C2    N2     sing N N 108 
DG  C2    N3     doub N N 109 
DG  N2    H21    sing N N 110 
DG  N2    H22    sing N N 111 
DG  N3    C4     sing N N 112 
DT  OP3   P      sing N N 113 
DT  OP3   HOP3   sing N N 114 
DT  P     OP1    doub N N 115 
DT  P     OP2    sing N N 116 
DT  P     "O5'"  sing N N 117 
DT  OP2   HOP2   sing N N 118 
DT  "O5'" "C5'"  sing N N 119 
DT  "C5'" "C4'"  sing N N 120 
DT  "C5'" "H5'"  sing N N 121 
DT  "C5'" "H5''" sing N N 122 
DT  "C4'" "O4'"  sing N N 123 
DT  "C4'" "C3'"  sing N N 124 
DT  "C4'" "H4'"  sing N N 125 
DT  "O4'" "C1'"  sing N N 126 
DT  "C3'" "O3'"  sing N N 127 
DT  "C3'" "C2'"  sing N N 128 
DT  "C3'" "H3'"  sing N N 129 
DT  "O3'" "HO3'" sing N N 130 
DT  "C2'" "C1'"  sing N N 131 
DT  "C2'" "H2'"  sing N N 132 
DT  "C2'" "H2''" sing N N 133 
DT  "C1'" N1     sing N N 134 
DT  "C1'" "H1'"  sing N N 135 
DT  N1    C2     sing N N 136 
DT  N1    C6     sing N N 137 
DT  C2    O2     doub N N 138 
DT  C2    N3     sing N N 139 
DT  N3    C4     sing N N 140 
DT  N3    H3     sing N N 141 
DT  C4    O4     doub N N 142 
DT  C4    C5     sing N N 143 
DT  C5    C7     sing N N 144 
DT  C5    C6     doub N N 145 
DT  C7    H71    sing N N 146 
DT  C7    H72    sing N N 147 
DT  C7    H73    sing N N 148 
DT  C6    H6     sing N N 149 
HOH O     H1     sing N N 150 
HOH O     H2     sing N N 151 
# 
loop_
_ndb_struct_conf_na.entry_id 
_ndb_struct_conf_na.feature 
172D 'double helix'        
172D 'a-form double helix' 
# 
loop_
_ndb_struct_na_base_pair.model_number 
_ndb_struct_na_base_pair.i_label_asym_id 
_ndb_struct_na_base_pair.i_label_comp_id 
_ndb_struct_na_base_pair.i_label_seq_id 
_ndb_struct_na_base_pair.i_symmetry 
_ndb_struct_na_base_pair.j_label_asym_id 
_ndb_struct_na_base_pair.j_label_comp_id 
_ndb_struct_na_base_pair.j_label_seq_id 
_ndb_struct_na_base_pair.j_symmetry 
_ndb_struct_na_base_pair.shear 
_ndb_struct_na_base_pair.stretch 
_ndb_struct_na_base_pair.stagger 
_ndb_struct_na_base_pair.buckle 
_ndb_struct_na_base_pair.propeller 
_ndb_struct_na_base_pair.opening 
_ndb_struct_na_base_pair.pair_number 
_ndb_struct_na_base_pair.pair_name 
_ndb_struct_na_base_pair.i_auth_asym_id 
_ndb_struct_na_base_pair.i_auth_seq_id 
_ndb_struct_na_base_pair.i_PDB_ins_code 
_ndb_struct_na_base_pair.j_auth_asym_id 
_ndb_struct_na_base_pair.j_auth_seq_id 
_ndb_struct_na_base_pair.j_PDB_ins_code 
_ndb_struct_na_base_pair.hbond_type_28 
_ndb_struct_na_base_pair.hbond_type_12 
1 A DG 1 1_555 B DC 8 1_555 -0.071 -0.166 -0.003 0.720   2.842   -3.281  1  A_DG1:DC16_B  A 1  ? B 16 ? 19 1 
1 A DA 2 1_555 B DT 7 1_555 -0.553 -0.180 -0.052 5.993   -7.854  14.329  2  A_DA2:DT15_B  A 2  ? B 15 ? 20 1 
1 A DA 3 1_555 B DT 6 1_555 -0.390 -0.172 -0.565 -7.931  -0.483  9.833   3  A_DA3:DT14_B  A 3  ? B 14 ? 20 1 
1 A DG 4 1_555 B DC 5 1_555 -0.279 -0.174 -0.022 -10.742 -2.040  2.200   4  A_DG4:DC13_B  A 4  ? B 13 ? 19 1 
1 A DC 5 1_555 B DG 4 1_555 -0.078 0.041  -0.346 17.202  -5.149  4.999   5  A_DC5:DG12_B  A 5  ? B 12 ? 19 1 
1 A DT 6 1_555 B DA 3 1_555 0.041  -0.111 -0.404 11.993  -4.016  -0.098  6  A_DT6:DA11_B  A 6  ? B 11 ? 20 1 
1 A DT 7 1_555 B DA 2 1_555 0.068  -0.108 0.060  -2.944  1.034   0.429   7  A_DT7:DA10_B  A 7  ? B 10 ? 20 1 
1 A DC 8 1_555 B DG 1 1_555 -0.265 -0.087 -0.144 19.867  -6.449  -0.794  8  A_DC8:DG9_B   A 8  ? B 9  ? 19 1 
1 C DG 1 1_555 D DC 8 1_555 -0.259 -0.158 -0.118 -11.719 -4.441  2.702   9  C_DG17:DC32_D C 17 ? D 32 ? 19 1 
1 C DA 2 1_555 D DT 7 1_555 0.274  -0.118 -0.193 -5.244  -1.927  -7.413  10 C_DA18:DT31_D C 18 ? D 31 ? 20 1 
1 C DA 3 1_555 D DT 6 1_555 0.270  0.052  -0.776 -21.248 -13.832 -20.474 11 C_DA19:DT30_D C 19 ? D 30 ? 20 1 
1 C DG 4 1_555 D DC 5 1_555 -0.286 -0.140 -0.282 -18.526 -3.947  -5.609  12 C_DG20:DC29_D C 20 ? D 29 ? 19 1 
1 C DC 5 1_555 D DG 4 1_555 0.089  -0.194 -0.235 -3.137  0.607   -5.937  13 C_DC21:DG28_D C 21 ? D 28 ? 19 1 
1 C DT 6 1_555 D DA 3 1_555 0.029  -0.033 -0.326 12.827  -4.366  5.793   14 C_DT22:DA27_D C 22 ? D 27 ? 20 1 
1 C DT 7 1_555 D DA 2 1_555 0.192  -0.081 -0.475 15.116  -2.237  11.887  15 C_DT23:DA26_D C 23 ? D 26 ? 20 1 
1 C DC 8 1_555 D DG 1 1_555 0.268  0.119  -1.094 43.062  -8.951  6.195   16 C_DC24:DG25_D C 24 ? D 25 ? 19 1 
# 
loop_
_ndb_struct_na_base_pair_step.model_number 
_ndb_struct_na_base_pair_step.i_label_asym_id_1 
_ndb_struct_na_base_pair_step.i_label_comp_id_1 
_ndb_struct_na_base_pair_step.i_label_seq_id_1 
_ndb_struct_na_base_pair_step.i_symmetry_1 
_ndb_struct_na_base_pair_step.j_label_asym_id_1 
_ndb_struct_na_base_pair_step.j_label_comp_id_1 
_ndb_struct_na_base_pair_step.j_label_seq_id_1 
_ndb_struct_na_base_pair_step.j_symmetry_1 
_ndb_struct_na_base_pair_step.i_label_asym_id_2 
_ndb_struct_na_base_pair_step.i_label_comp_id_2 
_ndb_struct_na_base_pair_step.i_label_seq_id_2 
_ndb_struct_na_base_pair_step.i_symmetry_2 
_ndb_struct_na_base_pair_step.j_label_asym_id_2 
_ndb_struct_na_base_pair_step.j_label_comp_id_2 
_ndb_struct_na_base_pair_step.j_label_seq_id_2 
_ndb_struct_na_base_pair_step.j_symmetry_2 
_ndb_struct_na_base_pair_step.shift 
_ndb_struct_na_base_pair_step.slide 
_ndb_struct_na_base_pair_step.rise 
_ndb_struct_na_base_pair_step.tilt 
_ndb_struct_na_base_pair_step.roll 
_ndb_struct_na_base_pair_step.twist 
_ndb_struct_na_base_pair_step.x_displacement 
_ndb_struct_na_base_pair_step.y_displacement 
_ndb_struct_na_base_pair_step.helical_rise 
_ndb_struct_na_base_pair_step.inclination 
_ndb_struct_na_base_pair_step.tip 
_ndb_struct_na_base_pair_step.helical_twist 
_ndb_struct_na_base_pair_step.step_number 
_ndb_struct_na_base_pair_step.step_name 
_ndb_struct_na_base_pair_step.i_auth_asym_id_1 
_ndb_struct_na_base_pair_step.i_auth_seq_id_1 
_ndb_struct_na_base_pair_step.i_PDB_ins_code_1 
_ndb_struct_na_base_pair_step.j_auth_asym_id_1 
_ndb_struct_na_base_pair_step.j_auth_seq_id_1 
_ndb_struct_na_base_pair_step.j_PDB_ins_code_1 
_ndb_struct_na_base_pair_step.i_auth_asym_id_2 
_ndb_struct_na_base_pair_step.i_auth_seq_id_2 
_ndb_struct_na_base_pair_step.i_PDB_ins_code_2 
_ndb_struct_na_base_pair_step.j_auth_asym_id_2 
_ndb_struct_na_base_pair_step.j_auth_seq_id_2 
_ndb_struct_na_base_pair_step.j_PDB_ins_code_2 
1 A DG 1 1_555 B DC 8 1_555 A DA 2 1_555 B DT 7 1_555 1.199  -0.658 3.135 -5.945 14.021 26.928 -3.630 -3.268 2.223 27.494  11.657  
30.866 1  AA_DG1DA2:DT15DC16_BB   A 1  ? B 16 ? A 2  ? B 15 ? 
1 A DA 2 1_555 B DT 7 1_555 A DA 3 1_555 B DT 6 1_555 -0.901 -0.874 3.349 -4.753 23.515 37.760 -3.278 0.760  2.510 32.629  6.595   
44.501 2  AA_DA2DA3:DT14DT15_BB   A 2  ? B 15 ? A 3  ? B 14 ? 
1 A DA 3 1_555 B DT 6 1_555 A DG 4 1_555 B DC 5 1_555 -1.414 -1.740 3.262 -5.924 -2.210 30.371 -2.805 1.438  3.582 -4.161  11.155  
31.007 3  AA_DA3DG4:DC13DT14_BB   A 3  ? B 14 ? A 4  ? B 13 ? 
1 A DG 4 1_555 B DC 5 1_555 A DC 5 1_555 B DG 4 1_555 0.607  0.059  2.590 2.792  8.722  20.359 -2.490 -0.723 2.465 23.219  -7.432  
22.304 4  AA_DG4DC5:DG12DC13_BB   A 4  ? B 13 ? A 5  ? B 12 ? 
1 A DC 5 1_555 B DG 4 1_555 A DT 6 1_555 B DA 3 1_555 -0.716 -0.759 3.691 -2.207 -2.744 33.792 -0.796 0.821  3.776 -4.704  3.784   
33.970 5  AA_DC5DT6:DA11DG12_BB   A 5  ? B 12 ? A 6  ? B 11 ? 
1 A DT 6 1_555 B DA 3 1_555 A DT 7 1_555 B DA 2 1_555 -0.629 -0.731 3.822 -1.064 25.271 33.494 -3.989 0.758  2.677 37.875  1.594   
41.752 6  AA_DT6DT7:DA10DA11_BB   A 6  ? B 11 ? A 7  ? B 10 ? 
1 A DT 7 1_555 B DA 2 1_555 A DC 8 1_555 B DG 1 1_555 -1.542 -1.830 2.830 -4.267 -5.764 25.572 -2.519 2.272  3.363 -12.706 9.407   
26.542 7  AA_DT7DC8:DG9DA10_BB    A 7  ? B 10 ? A 8  ? B 9  ? 
1 C DG 1 1_555 D DC 8 1_555 C DA 2 1_555 D DT 7 1_555 -0.547 -1.509 3.146 0.535  -1.833 27.613 -2.722 1.271  3.226 -3.835  -1.120  
27.678 8  CC_DG17DA18:DT31DC32_DD C 17 ? D 32 ? C 18 ? D 31 ? 
1 C DA 2 1_555 D DT 7 1_555 C DA 3 1_555 D DT 6 1_555 -0.927 -3.384 3.903 -0.950 18.246 31.303 -7.858 1.369  1.753 30.756  1.601   
36.129 9  CC_DA18DA19:DT30DT31_DD C 18 ? D 31 ? C 19 ? D 30 ? 
1 C DA 3 1_555 D DT 6 1_555 C DG 4 1_555 D DC 5 1_555 0.324  -2.126 3.133 -0.684 7.377  32.687 -4.766 -0.662 2.598 12.902  1.196   
33.494 10 CC_DA19DG20:DC29DT30_DD C 19 ? D 30 ? C 20 ? D 29 ? 
1 C DG 4 1_555 D DC 5 1_555 C DC 5 1_555 D DG 4 1_555 1.027  -1.502 3.144 1.589  10.398 24.140 -5.759 -1.882 2.365 23.488  -3.589  
26.301 11 CC_DG20DC21:DG28DC29_DD C 20 ? D 29 ? C 21 ? D 28 ? 
1 C DC 5 1_555 D DG 4 1_555 C DT 6 1_555 D DA 3 1_555 1.283  -0.191 3.176 -1.022 8.217  37.028 -1.304 -2.101 3.031 12.743  1.586   
37.911 12 CC_DC21DT22:DA27DG28_DD C 21 ? D 28 ? C 22 ? D 27 ? 
1 C DT 6 1_555 D DA 3 1_555 C DT 7 1_555 D DA 2 1_555 -0.360 -1.746 3.556 -2.147 0.508  29.346 -3.556 0.208  3.543 1.002   4.230   
29.427 13 CC_DT22DT23:DA26DA27_DD C 22 ? D 27 ? C 23 ? D 26 ? 
1 C DT 7 1_555 D DA 2 1_555 C DC 8 1_555 D DG 1 1_555 0.804  -0.083 2.964 7.750  -1.525 21.563 0.305  0.585  3.061 -3.912  -19.876 
22.948 14 CC_DT23DC24:DG25DA26_DD C 23 ? D 26 ? C 24 ? D 25 ? 
# 
_atom_sites.entry_id                    172D 
_atom_sites.fract_transf_matrix[1][1]   -0.00222713 
_atom_sites.fract_transf_matrix[1][2]   -0.00298817 
_atom_sites.fract_transf_matrix[1][3]   -0.01593938 
_atom_sites.fract_transf_matrix[2][1]   0.00174551 
_atom_sites.fract_transf_matrix[2][2]   0.01207477 
_atom_sites.fract_transf_matrix[2][3]   -0.01091317 
_atom_sites.fract_transf_matrix[3][1]   0.01819827 
_atom_sites.fract_transf_matrix[3][2]   -0.00421472 
_atom_sites.fract_transf_matrix[3][3]   -0.00175262 
_atom_sites.fract_transf_vector[1]      0.227940 
_atom_sites.fract_transf_vector[2]      0.235396 
_atom_sites.fract_transf_vector[3]      0.046378 
# 
loop_
_atom_type.symbol 
C 
N 
O 
P 
# 
loop_
_atom_site.group_PDB 
_atom_site.id 
_atom_site.type_symbol 
_atom_site.label_atom_id 
_atom_site.label_alt_id 
_atom_site.label_comp_id 
_atom_site.label_asym_id 
_atom_site.label_entity_id 
_atom_site.label_seq_id 
_atom_site.pdbx_PDB_ins_code 
_atom_site.Cartn_x 
_atom_site.Cartn_y 
_atom_site.Cartn_z 
_atom_site.occupancy 
_atom_site.B_iso_or_equiv 
_atom_site.pdbx_formal_charge 
_atom_site.auth_seq_id 
_atom_site.auth_comp_id 
_atom_site.auth_asym_id 
_atom_site.auth_atom_id 
_atom_site.pdbx_PDB_model_num 
ATOM   1   O "O5'" . DG  A 1 1 ? -10.005 -20.681 0.321   1.00 6.00  ? 1   DG  A "O5'" 1 
ATOM   2   C "C5'" . DG  A 1 1 ? -10.610 -20.294 1.564   1.00 6.00  ? 1   DG  A "C5'" 1 
ATOM   3   C "C4'" . DG  A 1 1 ? -11.980 -19.554 1.426   1.00 6.00  ? 1   DG  A "C4'" 1 
ATOM   4   O "O4'" . DG  A 1 1 ? -12.570 -19.176 2.690   1.00 6.00  ? 1   DG  A "O4'" 1 
ATOM   5   C "C3'" . DG  A 1 1 ? -12.011 -18.258 0.604   1.00 6.00  ? 1   DG  A "C3'" 1 
ATOM   6   O "O3'" . DG  A 1 1 ? -11.656 -18.386 -0.800  1.00 6.00  ? 1   DG  A "O3'" 1 
ATOM   7   C "C2'" . DG  A 1 1 ? -13.442 -18.017 0.918   1.00 6.00  ? 1   DG  A "C2'" 1 
ATOM   8   C "C1'" . DG  A 1 1 ? -13.444 -18.086 2.390   1.00 18.38 ? 1   DG  A "C1'" 1 
ATOM   9   N N9    . DG  A 1 1 ? -12.982 -16.868 3.107   1.00 18.38 ? 1   DG  A N9    1 
ATOM   10  C C8    . DG  A 1 1 ? -11.718 -16.513 3.544   1.00 18.38 ? 1   DG  A C8    1 
ATOM   11  N N7    . DG  A 1 1 ? -11.655 -15.367 4.155   1.00 18.38 ? 1   DG  A N7    1 
ATOM   12  C C5    . DG  A 1 1 ? -12.967 -14.929 4.119   1.00 18.38 ? 1   DG  A C5    1 
ATOM   13  C C6    . DG  A 1 1 ? -13.526 -13.730 4.610   1.00 18.38 ? 1   DG  A C6    1 
ATOM   14  O O6    . DG  A 1 1 ? -12.944 -12.808 5.172   1.00 18.38 ? 1   DG  A O6    1 
ATOM   15  N N1    . DG  A 1 1 ? -14.867 -13.625 4.413   1.00 18.38 ? 1   DG  A N1    1 
ATOM   16  C C2    . DG  A 1 1 ? -15.629 -14.558 3.795   1.00 18.38 ? 1   DG  A C2    1 
ATOM   17  N N2    . DG  A 1 1 ? -16.926 -14.301 3.712   1.00 18.38 ? 1   DG  A N2    1 
ATOM   18  N N3    . DG  A 1 1 ? -15.128 -15.698 3.298   1.00 18.38 ? 1   DG  A N3    1 
ATOM   19  C C4    . DG  A 1 1 ? -13.786 -15.823 3.496   1.00 18.38 ? 1   DG  A C4    1 
ATOM   20  P P     . DA  A 1 2 ? -11.660 -17.213 -1.933  1.00 6.00  ? 2   DA  A P     1 
ATOM   21  O OP1   . DA  A 1 2 ? -11.264 -17.855 -3.199  1.00 6.00  ? 2   DA  A OP1   1 
ATOM   22  O OP2   . DA  A 1 2 ? -10.881 -16.040 -1.472  1.00 6.00  ? 2   DA  A OP2   1 
ATOM   23  O "O5'" . DA  A 1 2 ? -13.163 -16.647 -2.095  1.00 6.00  ? 2   DA  A "O5'" 1 
ATOM   24  C "C5'" . DA  A 1 2 ? -14.339 -17.390 -2.462  1.00 34.67 ? 2   DA  A "C5'" 1 
ATOM   25  C "C4'" . DA  A 1 2 ? -15.526 -16.581 -1.994  1.00 34.67 ? 2   DA  A "C4'" 1 
ATOM   26  O "O4'" . DA  A 1 2 ? -15.485 -16.336 -0.558  1.00 34.67 ? 2   DA  A "O4'" 1 
ATOM   27  C "C3'" . DA  A 1 2 ? -15.448 -15.224 -2.738  1.00 34.67 ? 2   DA  A "C3'" 1 
ATOM   28  O "O3'" . DA  A 1 2 ? -16.329 -15.308 -3.864  1.00 6.00  ? 2   DA  A "O3'" 1 
ATOM   29  C "C2'" . DA  A 1 2 ? -15.917 -14.269 -1.692  1.00 34.67 ? 2   DA  A "C2'" 1 
ATOM   30  C "C1'" . DA  A 1 2 ? -15.439 -14.902 -0.413  1.00 25.67 ? 2   DA  A "C1'" 1 
ATOM   31  N N9    . DA  A 1 2 ? -14.255 -14.390 0.311   1.00 25.67 ? 2   DA  A N9    1 
ATOM   32  C C8    . DA  A 1 2 ? -12.994 -14.889 0.513   1.00 25.67 ? 2   DA  A C8    1 
ATOM   33  N N7    . DA  A 1 2 ? -12.199 -14.161 1.250   1.00 25.67 ? 2   DA  A N7    1 
ATOM   34  C C5    . DA  A 1 2 ? -12.991 -13.073 1.534   1.00 25.67 ? 2   DA  A C5    1 
ATOM   35  C C6    . DA  A 1 2 ? -12.757 -11.909 2.283   1.00 25.67 ? 2   DA  A C6    1 
ATOM   36  N N6    . DA  A 1 2 ? -11.633 -11.560 2.977   1.00 25.67 ? 2   DA  A N6    1 
ATOM   37  N N1    . DA  A 1 2 ? -13.804 -11.076 2.249   1.00 25.67 ? 2   DA  A N1    1 
ATOM   38  C C2    . DA  A 1 2 ? -14.960 -11.301 1.644   1.00 25.67 ? 2   DA  A C2    1 
ATOM   39  N N3    . DA  A 1 2 ? -15.302 -12.365 0.981   1.00 25.67 ? 2   DA  A N3    1 
ATOM   40  C C4    . DA  A 1 2 ? -14.244 -13.212 0.955   1.00 25.67 ? 2   DA  A C4    1 
ATOM   41  P P     . DA  A 1 3 ? -16.560 -14.403 -5.165  1.00 19.76 ? 3   DA  A P     1 
ATOM   42  O OP1   . DA  A 1 3 ? -17.634 -15.086 -5.883  1.00 19.76 ? 3   DA  A OP1   1 
ATOM   43  O OP2   . DA  A 1 3 ? -15.297 -14.100 -5.816  1.00 19.76 ? 3   DA  A OP2   1 
ATOM   44  O "O5'" . DA  A 1 3 ? -17.021 -12.941 -4.973  1.00 19.76 ? 3   DA  A "O5'" 1 
ATOM   45  C "C5'" . DA  A 1 3 ? -17.259 -12.059 -6.089  1.00 11.22 ? 3   DA  A "C5'" 1 
ATOM   46  C "C4'" . DA  A 1 3 ? -16.786 -10.692 -5.593  1.00 11.22 ? 3   DA  A "C4'" 1 
ATOM   47  O "O4'" . DA  A 1 3 ? -16.801 -10.617 -4.134  1.00 11.22 ? 3   DA  A "O4'" 1 
ATOM   48  C "C3'" . DA  A 1 3 ? -15.400 -10.450 -6.122  1.00 11.22 ? 3   DA  A "C3'" 1 
ATOM   49  O "O3'" . DA  A 1 3 ? -15.475 -9.862  -7.477  1.00 19.76 ? 3   DA  A "O3'" 1 
ATOM   50  C "C2'" . DA  A 1 3 ? -14.788 -9.671  -4.987  1.00 11.22 ? 3   DA  A "C2'" 1 
ATOM   51  C "C1'" . DA  A 1 3 ? -15.711 -9.797  -3.725  1.00 14.83 ? 3   DA  A "C1'" 1 
ATOM   52  N N9    . DA  A 1 3 ? -14.748 -10.288 -2.708  1.00 14.83 ? 3   DA  A N9    1 
ATOM   53  C C8    . DA  A 1 3 ? -14.296 -11.546 -2.442  1.00 14.83 ? 3   DA  A C8    1 
ATOM   54  N N7    . DA  A 1 3 ? -13.376 -11.601 -1.525  1.00 14.83 ? 3   DA  A N7    1 
ATOM   55  C C5    . DA  A 1 3 ? -13.200 -10.274 -1.147  1.00 14.83 ? 3   DA  A C5    1 
ATOM   56  C C6    . DA  A 1 3 ? -12.318 -9.619  -0.251  1.00 14.83 ? 3   DA  A C6    1 
ATOM   57  N N6    . DA  A 1 3 ? -11.343 -10.175 0.487   1.00 14.83 ? 3   DA  A N6    1 
ATOM   58  N N1    . DA  A 1 3 ? -12.472 -8.302  -0.194  1.00 14.83 ? 3   DA  A N1    1 
ATOM   59  C C2    . DA  A 1 3 ? -13.364 -7.636  -0.890  1.00 14.83 ? 3   DA  A C2    1 
ATOM   60  N N3    . DA  A 1 3 ? -14.207 -8.121  -1.762  1.00 14.83 ? 3   DA  A N3    1 
ATOM   61  C C4    . DA  A 1 3 ? -14.065 -9.469  -1.847  1.00 14.83 ? 3   DA  A C4    1 
ATOM   62  P P     . DG  A 1 4 ? -16.267 -8.521  -8.121  1.00 14.21 ? 4   DG  A P     1 
ATOM   63  O OP1   . DG  A 1 4 ? -17.692 -8.615  -7.750  1.00 14.21 ? 4   DG  A OP1   1 
ATOM   64  O OP2   . DG  A 1 4 ? -15.964 -8.417  -9.559  1.00 14.21 ? 4   DG  A OP2   1 
ATOM   65  O "O5'" . DG  A 1 4 ? -15.812 -7.132  -7.520  1.00 14.21 ? 4   DG  A "O5'" 1 
ATOM   66  C "C5'" . DG  A 1 4 ? -15.951 -6.867  -6.134  1.00 6.00  ? 4   DG  A "C5'" 1 
ATOM   67  C "C4'" . DG  A 1 4 ? -15.463 -5.528  -5.701  1.00 6.00  ? 4   DG  A "C4'" 1 
ATOM   68  O "O4'" . DG  A 1 4 ? -15.055 -5.604  -4.343  1.00 6.00  ? 4   DG  A "O4'" 1 
ATOM   69  C "C3'" . DG  A 1 4 ? -14.348 -5.023  -6.594  1.00 6.00  ? 4   DG  A "C3'" 1 
ATOM   70  O "O3'" . DG  A 1 4 ? -14.970 -4.492  -7.786  1.00 14.21 ? 4   DG  A "O3'" 1 
ATOM   71  C "C2'" . DG  A 1 4 ? -13.817 -4.041  -5.626  1.00 6.00  ? 4   DG  A "C2'" 1 
ATOM   72  C "C1'" . DG  A 1 4 ? -13.868 -4.793  -4.305  1.00 19.53 ? 4   DG  A "C1'" 1 
ATOM   73  N N9    . DG  A 1 4 ? -12.830 -5.753  -3.869  1.00 19.53 ? 4   DG  A N9    1 
ATOM   74  C C8    . DG  A 1 4 ? -12.758 -7.103  -4.072  1.00 19.53 ? 4   DG  A C8    1 
ATOM   75  N N7    . DG  A 1 4 ? -11.757 -7.694  -3.497  1.00 19.53 ? 4   DG  A N7    1 
ATOM   76  C C5    . DG  A 1 4 ? -11.102 -6.643  -2.860  1.00 19.53 ? 4   DG  A C5    1 
ATOM   77  C C6    . DG  A 1 4 ? -9.944  -6.671  -2.030  1.00 19.53 ? 4   DG  A C6    1 
ATOM   78  O O6    . DG  A 1 4 ? -9.248  -7.634  -1.663  1.00 19.53 ? 4   DG  A O6    1 
ATOM   79  N N1    . DG  A 1 4 ? -9.657  -5.405  -1.613  1.00 19.53 ? 4   DG  A N1    1 
ATOM   80  C C2    . DG  A 1 4 ? -10.359 -4.264  -1.927  1.00 19.53 ? 4   DG  A C2    1 
ATOM   81  N N2    . DG  A 1 4 ? -9.951  -3.130  -1.428  1.00 19.53 ? 4   DG  A N2    1 
ATOM   82  N N3    . DG  A 1 4 ? -11.427 -4.223  -2.677  1.00 19.53 ? 4   DG  A N3    1 
ATOM   83  C C4    . DG  A 1 4 ? -11.743 -5.454  -3.108  1.00 19.53 ? 4   DG  A C4    1 
ATOM   84  P P     . DC  A 1 5 ? -14.356 -4.486  -9.284  1.00 22.99 ? 5   DC  A P     1 
ATOM   85  O OP1   . DC  A 1 5 ? -15.268 -3.754  -10.184 1.00 22.99 ? 5   DC  A OP1   1 
ATOM   86  O OP2   . DC  A 1 5 ? -13.984 -5.863  -9.688  1.00 22.99 ? 5   DC  A OP2   1 
ATOM   87  O "O5'" . DC  A 1 5 ? -12.995 -3.603  -9.138  1.00 22.99 ? 5   DC  A "O5'" 1 
ATOM   88  C "C5'" . DC  A 1 5 ? -13.074 -2.220  -8.679  1.00 27.05 ? 5   DC  A "C5'" 1 
ATOM   89  C "C4'" . DC  A 1 5 ? -11.812 -1.596  -8.022  1.00 27.05 ? 5   DC  A "C4'" 1 
ATOM   90  O "O4'" . DC  A 1 5 ? -11.532 -2.342  -6.787  1.00 27.05 ? 5   DC  A "O4'" 1 
ATOM   91  C "C3'" . DC  A 1 5 ? -10.642 -1.690  -9.039  1.00 27.05 ? 5   DC  A "C3'" 1 
ATOM   92  O "O3'" . DC  A 1 5 ? -9.470  -0.842  -9.027  1.00 22.99 ? 5   DC  A "O3'" 1 
ATOM   93  C "C2'" . DC  A 1 5 ? -10.166 -3.036  -8.592  1.00 27.05 ? 5   DC  A "C2'" 1 
ATOM   94  C "C1'" . DC  A 1 5 ? -10.361 -3.112  -7.091  1.00 6.00  ? 5   DC  A "C1'" 1 
ATOM   95  N N1    . DC  A 1 5 ? -9.975  -4.455  -6.503  1.00 6.00  ? 5   DC  A N1    1 
ATOM   96  C C2    . DC  A 1 5 ? -9.139  -4.494  -5.385  1.00 6.00  ? 5   DC  A C2    1 
ATOM   97  O O2    . DC  A 1 5 ? -8.743  -3.470  -4.868  1.00 6.00  ? 5   DC  A O2    1 
ATOM   98  N N3    . DC  A 1 5 ? -8.725  -5.698  -4.908  1.00 6.00  ? 5   DC  A N3    1 
ATOM   99  C C4    . DC  A 1 5 ? -9.103  -6.857  -5.457  1.00 6.00  ? 5   DC  A C4    1 
ATOM   100 N N4    . DC  A 1 5 ? -8.652  -8.009  -4.917  1.00 6.00  ? 5   DC  A N4    1 
ATOM   101 C C5    . DC  A 1 5 ? -9.986  -6.843  -6.598  1.00 6.00  ? 5   DC  A C5    1 
ATOM   102 C C6    . DC  A 1 5 ? -10.389 -5.640  -7.081  1.00 6.00  ? 5   DC  A C6    1 
ATOM   103 P P     . DT  A 1 6 ? -8.914  -0.136  -10.451 1.00 18.75 ? 6   DT  A P     1 
ATOM   104 O OP1   . DT  A 1 6 ? -9.878  0.906   -10.895 1.00 18.75 ? 6   DT  A OP1   1 
ATOM   105 O OP2   . DT  A 1 6 ? -8.555  -1.207  -11.405 1.00 18.75 ? 6   DT  A OP2   1 
ATOM   106 O "O5'" . DT  A 1 6 ? -7.535  0.681   -10.057 1.00 18.75 ? 6   DT  A "O5'" 1 
ATOM   107 C "C5'" . DT  A 1 6 ? -7.460  1.763   -9.090  1.00 10.25 ? 6   DT  A "C5'" 1 
ATOM   108 C "C4'" . DT  A 1 6 ? -6.436  1.370   -8.003  1.00 10.25 ? 6   DT  A "C4'" 1 
ATOM   109 O "O4'" . DT  A 1 6 ? -6.916  0.154   -7.299  1.00 10.25 ? 6   DT  A "O4'" 1 
ATOM   110 C "C3'" . DT  A 1 6 ? -5.045  1.038   -8.621  1.00 10.25 ? 6   DT  A "C3'" 1 
ATOM   111 O "O3'" . DT  A 1 6 ? -4.368  2.243   -9.155  1.00 18.75 ? 6   DT  A "O3'" 1 
ATOM   112 C "C2'" . DT  A 1 6 ? -4.502  0.197   -7.458  1.00 10.25 ? 6   DT  A "C2'" 1 
ATOM   113 C "C1'" . DT  A 1 6 ? -5.749  -0.593  -6.863  1.00 6.00  ? 6   DT  A "C1'" 1 
ATOM   114 N N1    . DT  A 1 6 ? -5.860  -2.133  -6.998  1.00 6.00  ? 6   DT  A N1    1 
ATOM   115 C C2    . DT  A 1 6 ? -5.067  -2.953  -6.117  1.00 6.00  ? 6   DT  A C2    1 
ATOM   116 O O2    . DT  A 1 6 ? -4.282  -2.567  -5.236  1.00 6.00  ? 6   DT  A O2    1 
ATOM   117 N N3    . DT  A 1 6 ? -5.188  -4.330  -6.297  1.00 6.00  ? 6   DT  A N3    1 
ATOM   118 C C4    . DT  A 1 6 ? -5.978  -5.015  -7.194  1.00 6.00  ? 6   DT  A C4    1 
ATOM   119 O O4    . DT  A 1 6 ? -5.966  -6.248  -7.231  1.00 6.00  ? 6   DT  A O4    1 
ATOM   120 C C5    . DT  A 1 6 ? -6.739  -4.156  -8.060  1.00 6.00  ? 6   DT  A C5    1 
ATOM   121 C C7    . DT  A 1 6 ? -7.560  -4.885  -9.112  1.00 6.00  ? 6   DT  A C7    1 
ATOM   122 C C6    . DT  A 1 6 ? -6.684  -2.779  -7.958  1.00 6.00  ? 6   DT  A C6    1 
ATOM   123 P P     . DT  A 1 7 ? -3.177  2.402   -10.307 1.00 6.00  ? 7   DT  A P     1 
ATOM   124 O OP1   . DT  A 1 7 ? -2.986  3.835   -10.639 1.00 6.00  ? 7   DT  A OP1   1 
ATOM   125 O OP2   . DT  A 1 7 ? -3.622  1.498   -11.385 1.00 6.00  ? 7   DT  A OP2   1 
ATOM   126 O "O5'" . DT  A 1 7 ? -1.719  1.873   -9.977  1.00 6.00  ? 7   DT  A "O5'" 1 
ATOM   127 C "C5'" . DT  A 1 7 ? -0.881  2.429   -8.941  1.00 15.21 ? 7   DT  A "C5'" 1 
ATOM   128 C "C4'" . DT  A 1 7 ? 0.216   1.439   -8.563  1.00 15.21 ? 7   DT  A "C4'" 1 
ATOM   129 O "O4'" . DT  A 1 7 ? -0.586  0.362   -8.080  1.00 15.21 ? 7   DT  A "O4'" 1 
ATOM   130 C "C3'" . DT  A 1 7 ? 1.073   0.871   -9.747  1.00 15.21 ? 7   DT  A "C3'" 1 
ATOM   131 O "O3'" . DT  A 1 7 ? 2.385   0.329   -9.518  1.00 6.00  ? 7   DT  A "O3'" 1 
ATOM   132 C "C2'" . DT  A 1 7 ? 0.381   -0.443  -9.902  1.00 15.21 ? 7   DT  A "C2'" 1 
ATOM   133 C "C1'" . DT  A 1 7 ? 0.042   -0.836  -8.476  1.00 6.00  ? 7   DT  A "C1'" 1 
ATOM   134 N N1    . DT  A 1 7 ? -0.887  -1.935  -8.613  1.00 6.00  ? 7   DT  A N1    1 
ATOM   135 C C2    . DT  A 1 7 ? -0.466  -3.189  -8.264  1.00 6.00  ? 7   DT  A C2    1 
ATOM   136 O O2    . DT  A 1 7 ? 0.648   -3.433  -7.831  1.00 6.00  ? 7   DT  A O2    1 
ATOM   137 N N3    . DT  A 1 7 ? -1.377  -4.199  -8.429  1.00 6.00  ? 7   DT  A N3    1 
ATOM   138 C C4    . DT  A 1 7 ? -2.643  -4.066  -8.920  1.00 6.00  ? 7   DT  A C4    1 
ATOM   139 O O4    . DT  A 1 7 ? -3.345  -5.076  -9.027  1.00 6.00  ? 7   DT  A O4    1 
ATOM   140 C C5    . DT  A 1 7 ? -2.991  -2.701  -9.268  1.00 6.00  ? 7   DT  A C5    1 
ATOM   141 C C7    . DT  A 1 7 ? -4.301  -2.327  -9.858  1.00 6.00  ? 7   DT  A C7    1 
ATOM   142 C C6    . DT  A 1 7 ? -2.133  -1.711  -9.100  1.00 6.00  ? 7   DT  A C6    1 
ATOM   143 P P     . DC  A 1 8 ? 3.404   0.414   -10.783 1.00 23.57 ? 8   DC  A P     1 
ATOM   144 O OP1   . DC  A 1 8 ? 3.769   1.839   -11.065 1.00 23.57 ? 8   DC  A OP1   1 
ATOM   145 O OP2   . DC  A 1 8 ? 2.881   -0.407  -11.901 1.00 23.57 ? 8   DC  A OP2   1 
ATOM   146 O "O5'" . DC  A 1 8 ? 4.709   -0.393  -10.324 1.00 23.57 ? 8   DC  A "O5'" 1 
ATOM   147 C "C5'" . DC  A 1 8 ? 5.703   -0.319  -9.316  1.00 6.00  ? 8   DC  A "C5'" 1 
ATOM   148 C "C4'" . DC  A 1 8 ? 6.027   -1.775  -9.175  1.00 6.00  ? 8   DC  A "C4'" 1 
ATOM   149 O "O4'" . DC  A 1 8 ? 4.751   -2.420  -9.022  1.00 6.00  ? 8   DC  A "O4'" 1 
ATOM   150 C "C3'" . DC  A 1 8 ? 6.618   -2.502  -10.382 1.00 6.00  ? 8   DC  A "C3'" 1 
ATOM   151 O "O3'" . DC  A 1 8 ? 8.043   -2.384  -10.566 1.00 23.57 ? 8   DC  A "O3'" 1 
ATOM   152 C "C2'" . DC  A 1 8 ? 6.232   -3.917  -10.017 1.00 6.00  ? 8   DC  A "C2'" 1 
ATOM   153 C "C1'" . DC  A 1 8 ? 4.970   -3.822  -9.177  1.00 20.15 ? 8   DC  A "C1'" 1 
ATOM   154 N N1    . DC  A 1 8 ? 3.733   -4.518  -9.608  1.00 20.15 ? 8   DC  A N1    1 
ATOM   155 C C2    . DC  A 1 8 ? 3.547   -5.870  -9.282  1.00 20.15 ? 8   DC  A C2    1 
ATOM   156 O O2    . DC  A 1 8 ? 4.372   -6.534  -8.653  1.00 20.15 ? 8   DC  A O2    1 
ATOM   157 N N3    . DC  A 1 8 ? 2.394   -6.453  -9.726  1.00 20.15 ? 8   DC  A N3    1 
ATOM   158 C C4    . DC  A 1 8 ? 1.458   -5.817  -10.418 1.00 20.15 ? 8   DC  A C4    1 
ATOM   159 N N4    . DC  A 1 8 ? 0.317   -6.450  -10.784 1.00 20.15 ? 8   DC  A N4    1 
ATOM   160 C C5    . DC  A 1 8 ? 1.652   -4.427  -10.756 1.00 20.15 ? 8   DC  A C5    1 
ATOM   161 C C6    . DC  A 1 8 ? 2.788   -3.832  -10.337 1.00 20.15 ? 8   DC  A C6    1 
ATOM   162 O "O5'" . DG  B 1 1 ? 0.675   -15.982 -11.455 1.00 6.00  ? 9   DG  B "O5'" 1 
ATOM   163 C "C5'" . DG  B 1 1 ? 1.712   -16.838 -11.021 1.00 24.39 ? 9   DG  B "C5'" 1 
ATOM   164 C "C4'" . DG  B 1 1 ? 2.708   -16.355 -9.916  1.00 24.39 ? 9   DG  B "C4'" 1 
ATOM   165 O "O4'" . DG  B 1 1 ? 3.391   -15.217 -10.421 1.00 24.39 ? 9   DG  B "O4'" 1 
ATOM   166 C "C3'" . DG  B 1 1 ? 2.196   -15.932 -8.527  1.00 24.39 ? 9   DG  B "C3'" 1 
ATOM   167 O "O3'" . DG  B 1 1 ? 2.225   -16.826 -7.396  1.00 6.00  ? 9   DG  B "O3'" 1 
ATOM   168 C "C2'" . DG  B 1 1 ? 3.108   -14.762 -8.247  1.00 24.39 ? 9   DG  B "C2'" 1 
ATOM   169 C "C1'" . DG  B 1 1 ? 3.153   -14.073 -9.570  1.00 23.23 ? 9   DG  B "C1'" 1 
ATOM   170 N N9    . DG  B 1 1 ? 1.977   -13.198 -9.951  1.00 23.23 ? 9   DG  B N9    1 
ATOM   171 C C8    . DG  B 1 1 ? 0.724   -13.371 -10.541 1.00 23.23 ? 9   DG  B C8    1 
ATOM   172 N N7    . DG  B 1 1 ? 0.032   -12.276 -10.733 1.00 23.23 ? 9   DG  B N7    1 
ATOM   173 C C5    . DG  B 1 1 ? 0.877   -11.300 -10.244 1.00 23.23 ? 9   DG  B C5    1 
ATOM   174 C C6    . DG  B 1 1 ? 0.717   -9.902  -10.202 1.00 23.23 ? 9   DG  B C6    1 
ATOM   175 O O6    . DG  B 1 1 ? -0.206  -9.204  -10.604 1.00 23.23 ? 9   DG  B O6    1 
ATOM   176 N N1    . DG  B 1 1 ? 1.862   -9.317  -9.612  1.00 23.23 ? 9   DG  B N1    1 
ATOM   177 C C2    . DG  B 1 1 ? 2.996   -9.970  -9.125  1.00 23.23 ? 9   DG  B C2    1 
ATOM   178 N N2    . DG  B 1 1 ? 4.004   -9.295  -8.559  1.00 23.23 ? 9   DG  B N2    1 
ATOM   179 N N3    . DG  B 1 1 ? 3.137   -11.280 -9.186  1.00 23.23 ? 9   DG  B N3    1 
ATOM   180 C C4    . DG  B 1 1 ? 2.048   -11.864 -9.753  1.00 23.23 ? 9   DG  B C4    1 
ATOM   181 P P     . DA  B 1 2 ? 1.048   -16.559 -6.259  1.00 24.47 ? 10  DA  B P     1 
ATOM   182 O OP1   . DA  B 1 2 ? 1.234   -17.428 -5.057  1.00 24.47 ? 10  DA  B OP1   1 
ATOM   183 O OP2   . DA  B 1 2 ? -0.248  -16.650 -6.984  1.00 24.47 ? 10  DA  B OP2   1 
ATOM   184 O "O5'" . DA  B 1 2 ? 1.220   -14.980 -5.699  1.00 24.47 ? 10  DA  B "O5'" 1 
ATOM   185 C "C5'" . DA  B 1 2 ? 2.387   -14.424 -4.989  1.00 28.10 ? 10  DA  B "C5'" 1 
ATOM   186 C "C4'" . DA  B 1 2 ? 2.521   -12.854 -4.820  1.00 28.10 ? 10  DA  B "C4'" 1 
ATOM   187 O "O4'" . DA  B 1 2 ? 2.475   -12.133 -6.088  1.00 28.10 ? 10  DA  B "O4'" 1 
ATOM   188 C "C3'" . DA  B 1 2 ? 1.582   -12.084 -3.820  1.00 28.10 ? 10  DA  B "C3'" 1 
ATOM   189 O "O3'" . DA  B 1 2 ? 1.702   -12.521 -2.438  1.00 24.47 ? 10  DA  B "O3'" 1 
ATOM   190 C "C2'" . DA  B 1 2 ? 2.132   -10.717 -4.172  1.00 28.10 ? 10  DA  B "C2'" 1 
ATOM   191 C "C1'" . DA  B 1 2 ? 2.167   -10.751 -5.719  1.00 6.00  ? 10  DA  B "C1'" 1 
ATOM   192 N N9    . DA  B 1 2 ? 0.854   -10.328 -6.314  1.00 6.00  ? 10  DA  B N9    1 
ATOM   193 C C8    . DA  B 1 2 ? -0.272  -11.046 -6.616  1.00 6.00  ? 10  DA  B C8    1 
ATOM   194 N N7    . DA  B 1 2 ? -1.229  -10.344 -7.142  1.00 6.00  ? 10  DA  B N7    1 
ATOM   195 C C5    . DA  B 1 2 ? -0.715  -9.072  -7.201  1.00 6.00  ? 10  DA  B C5    1 
ATOM   196 C C6    . DA  B 1 2 ? -1.217  -7.860  -7.664  1.00 6.00  ? 10  DA  B C6    1 
ATOM   197 N N6    . DA  B 1 2 ? -2.432  -7.683  -8.196  1.00 6.00  ? 10  DA  B N6    1 
ATOM   198 N N1    . DA  B 1 2 ? -0.413  -6.810  -7.562  1.00 6.00  ? 10  DA  B N1    1 
ATOM   199 C C2    . DA  B 1 2 ? 0.784   -6.885  -7.062  1.00 6.00  ? 10  DA  B C2    1 
ATOM   200 N N3    . DA  B 1 2 ? 1.361   -7.957  -6.599  1.00 6.00  ? 10  DA  B N3    1 
ATOM   201 C C4    . DA  B 1 2 ? 0.547   -9.042  -6.697  1.00 6.00  ? 10  DA  B C4    1 
ATOM   202 P P     . DA  B 1 3 ? 0.892   -11.997 -1.074  1.00 20.00 ? 11  DA  B P     1 
ATOM   203 O OP1   . DA  B 1 3 ? 1.345   -12.724 0.150   1.00 20.00 ? 11  DA  B OP1   1 
ATOM   204 O OP2   . DA  B 1 3 ? -0.564  -11.930 -1.323  1.00 20.00 ? 11  DA  B OP2   1 
ATOM   205 O "O5'" . DA  B 1 3 ? 1.309   -10.498 -0.931  1.00 20.00 ? 11  DA  B "O5'" 1 
ATOM   206 C "C5'" . DA  B 1 3 ? 2.595   -9.902  -0.719  1.00 13.42 ? 11  DA  B "C5'" 1 
ATOM   207 C "C4'" . DA  B 1 3 ? 2.294   -8.445  -0.833  1.00 13.42 ? 11  DA  B "C4'" 1 
ATOM   208 O "O4'" . DA  B 1 3 ? 1.881   -8.213  -2.190  1.00 13.42 ? 11  DA  B "O4'" 1 
ATOM   209 C "C3'" . DA  B 1 3 ? 1.032   -8.184  -0.043  1.00 13.42 ? 11  DA  B "C3'" 1 
ATOM   210 O "O3'" . DA  B 1 3 ? 1.175   -8.268  1.380   1.00 20.00 ? 11  DA  B "O3'" 1 
ATOM   211 C "C2'" . DA  B 1 3 ? 0.590   -6.964  -0.699  1.00 13.42 ? 11  DA  B "C2'" 1 
ATOM   212 C "C1'" . DA  B 1 3 ? 0.775   -7.303  -2.124  1.00 6.00  ? 11  DA  B "C1'" 1 
ATOM   213 N N9    . DA  B 1 3 ? -0.330  -7.782  -2.975  1.00 6.00  ? 11  DA  B N9    1 
ATOM   214 C C8    . DA  B 1 3 ? -0.673  -9.044  -3.371  1.00 6.00  ? 11  DA  B C8    1 
ATOM   215 N N7    . DA  B 1 3 ? -1.705  -9.095  -4.158  1.00 6.00  ? 11  DA  B N7    1 
ATOM   216 C C5    . DA  B 1 3 ? -2.074  -7.765  -4.280  1.00 6.00  ? 11  DA  B C5    1 
ATOM   217 C C6    . DA  B 1 3 ? -3.098  -7.130  -4.977  1.00 6.00  ? 11  DA  B C6    1 
ATOM   218 N N6    . DA  B 1 3 ? -4.011  -7.759  -5.739  1.00 6.00  ? 11  DA  B N6    1 
ATOM   219 N N1    . DA  B 1 3 ? -3.140  -5.802  -4.843  1.00 6.00  ? 11  DA  B N1    1 
ATOM   220 C C2    . DA  B 1 3 ? -2.285  -5.123  -4.112  1.00 6.00  ? 11  DA  B C2    1 
ATOM   221 N N3    . DA  B 1 3 ? -1.291  -5.610  -3.432  1.00 6.00  ? 11  DA  B N3    1 
ATOM   222 C C4    . DA  B 1 3 ? -1.243  -6.956  -3.560  1.00 6.00  ? 11  DA  B C4    1 
ATOM   223 P P     . DG  B 1 4 ? -0.119  -8.175  2.380   1.00 31.62 ? 12  DG  B P     1 
ATOM   224 O OP1   . DG  B 1 4 ? 0.361   -8.256  3.781   1.00 31.62 ? 12  DG  B OP1   1 
ATOM   225 O OP2   . DG  B 1 4 ? -1.199  -9.117  1.975   1.00 31.62 ? 12  DG  B OP2   1 
ATOM   226 O "O5'" . DG  B 1 4 ? -0.698  -6.684  2.040   1.00 31.62 ? 12  DG  B "O5'" 1 
ATOM   227 C "C5'" . DG  B 1 4 ? -0.039  -5.400  2.136   1.00 44.27 ? 12  DG  B "C5'" 1 
ATOM   228 C "C4'" . DG  B 1 4 ? -0.871  -4.338  1.321   1.00 44.27 ? 12  DG  B "C4'" 1 
ATOM   229 O "O4'" . DG  B 1 4 ? -1.127  -4.506  -0.119  1.00 44.27 ? 12  DG  B "O4'" 1 
ATOM   230 C "C3'" . DG  B 1 4 ? -2.186  -4.037  2.006   1.00 44.27 ? 12  DG  B "C3'" 1 
ATOM   231 O "O3'" . DG  B 1 4 ? -1.608  -3.434  3.162   1.00 31.62 ? 12  DG  B "O3'" 1 
ATOM   232 C "C2'" . DG  B 1 4 ? -2.939  -3.337  0.888   1.00 44.27 ? 12  DG  B "C2'" 1 
ATOM   233 C "C1'" . DG  B 1 4 ? -2.535  -4.211  -0.330  1.00 24.50 ? 12  DG  B "C1'" 1 
ATOM   234 N N9    . DG  B 1 4 ? -3.251  -5.492  -0.722  1.00 24.50 ? 12  DG  B N9    1 
ATOM   235 C C8    . DG  B 1 4 ? -3.015  -6.839  -0.476  1.00 24.50 ? 12  DG  B C8    1 
ATOM   236 N N7    . DG  B 1 4 ? -3.879  -7.651  -1.047  1.00 24.50 ? 12  DG  B N7    1 
ATOM   237 C C5    . DG  B 1 4 ? -4.765  -6.790  -1.717  1.00 24.50 ? 12  DG  B C5    1 
ATOM   238 C C6    . DG  B 1 4 ? -5.936  -7.031  -2.538  1.00 24.50 ? 12  DG  B C6    1 
ATOM   239 O O6    . DG  B 1 4 ? -6.469  -8.083  -2.884  1.00 24.50 ? 12  DG  B O6    1 
ATOM   240 N N1    . DG  B 1 4 ? -6.507  -5.841  -2.975  1.00 24.50 ? 12  DG  B N1    1 
ATOM   241 C C2    . DG  B 1 4 ? -6.048  -4.582  -2.678  1.00 24.50 ? 12  DG  B C2    1 
ATOM   242 N N2    . DG  B 1 4 ? -6.692  -3.489  -3.100  1.00 24.50 ? 12  DG  B N2    1 
ATOM   243 N N3    . DG  B 1 4 ? -4.962  -4.358  -1.945  1.00 24.50 ? 12  DG  B N3    1 
ATOM   244 C C4    . DG  B 1 4 ? -4.374  -5.489  -1.499  1.00 24.50 ? 12  DG  B C4    1 
ATOM   245 P P     . DC  B 1 5 ? -2.307  -3.276  4.558   1.00 24.13 ? 13  DC  B P     1 
ATOM   246 O OP1   . DC  B 1 5 ? -1.325  -2.741  5.532   1.00 24.13 ? 13  DC  B OP1   1 
ATOM   247 O OP2   . DC  B 1 5 ? -3.025  -4.544  4.880   1.00 24.13 ? 13  DC  B OP2   1 
ATOM   248 O "O5'" . DC  B 1 5 ? -3.391  -2.235  4.261   1.00 24.13 ? 13  DC  B "O5'" 1 
ATOM   249 C "C5'" . DC  B 1 5 ? -4.330  -1.718  5.173   1.00 6.00  ? 13  DC  B "C5'" 1 
ATOM   250 C "C4'" . DC  B 1 5 ? -5.534  -1.608  4.302   1.00 6.00  ? 13  DC  B "C4'" 1 
ATOM   251 O "O4'" . DC  B 1 5 ? -5.225  -1.783  2.890   1.00 6.00  ? 13  DC  B "O4'" 1 
ATOM   252 C "C3'" . DC  B 1 5 ? -6.448  -2.713  4.704   1.00 6.00  ? 13  DC  B "C3'" 1 
ATOM   253 O "O3'" . DC  B 1 5 ? -7.067  -2.233  5.893   1.00 24.13 ? 13  DC  B "O3'" 1 
ATOM   254 C "C2'" . DC  B 1 5 ? -7.267  -2.443  3.501   1.00 6.00  ? 13  DC  B "C2'" 1 
ATOM   255 C "C1'" . DC  B 1 5 ? -6.340  -2.439  2.335   1.00 6.00  ? 13  DC  B "C1'" 1 
ATOM   256 N N1    . DC  B 1 5 ? -6.418  -3.842  1.835   1.00 6.00  ? 13  DC  B N1    1 
ATOM   257 C C2    . DC  B 1 5 ? -7.341  -4.004  0.824   1.00 6.00  ? 13  DC  B C2    1 
ATOM   258 O O2    . DC  B 1 5 ? -7.979  -3.047  0.375   1.00 6.00  ? 13  DC  B O2    1 
ATOM   259 N N3    . DC  B 1 5 ? -7.545  -5.217  0.359   1.00 6.00  ? 13  DC  B N3    1 
ATOM   260 C C4    . DC  B 1 5 ? -6.888  -6.276  0.818   1.00 6.00  ? 13  DC  B C4    1 
ATOM   261 N N4    . DC  B 1 5 ? -7.183  -7.466  0.275   1.00 6.00  ? 13  DC  B N4    1 
ATOM   262 C C5    . DC  B 1 5 ? -5.904  -6.138  1.841   1.00 6.00  ? 13  DC  B C5    1 
ATOM   263 C C6    . DC  B 1 5 ? -5.710  -4.897  2.323   1.00 6.00  ? 13  DC  B C6    1 
ATOM   264 P P     . DT  B 1 6 ? -8.266  -2.752  6.841   1.00 13.20 ? 14  DT  B P     1 
ATOM   265 O OP1   . DT  B 1 6 ? -8.527  -1.637  7.784   1.00 13.20 ? 14  DT  B OP1   1 
ATOM   266 O OP2   . DT  B 1 6 ? -7.919  -4.070  7.427   1.00 13.20 ? 14  DT  B OP2   1 
ATOM   267 O "O5'" . DT  B 1 6 ? -9.621  -2.915  5.909   1.00 13.20 ? 14  DT  B "O5'" 1 
ATOM   268 C "C5'" . DT  B 1 6 ? -10.088 -1.733  5.248   1.00 15.28 ? 14  DT  B "C5'" 1 
ATOM   269 C "C4'" . DT  B 1 6 ? -10.953 -1.906  4.006   1.00 15.28 ? 14  DT  B "C4'" 1 
ATOM   270 O "O4'" . DT  B 1 6 ? -10.253 -2.306  2.774   1.00 15.28 ? 14  DT  B "O4'" 1 
ATOM   271 C "C3'" . DT  B 1 6 ? -12.033 -2.945  4.230   1.00 15.28 ? 14  DT  B "C3'" 1 
ATOM   272 O "O3'" . DT  B 1 6 ? -12.909 -2.917  5.407   1.00 13.20 ? 14  DT  B "O3'" 1 
ATOM   273 C "C2'" . DT  B 1 6 ? -12.537 -3.024  2.797   1.00 15.28 ? 14  DT  B "C2'" 1 
ATOM   274 C "C1'" . DT  B 1 6 ? -11.171 -3.211  2.107   1.00 6.00  ? 14  DT  B "C1'" 1 
ATOM   275 N N1    . DT  B 1 6 ? -10.635 -4.622  2.208   1.00 6.00  ? 14  DT  B N1    1 
ATOM   276 C C2    . DT  B 1 6 ? -11.131 -5.535  1.322   1.00 6.00  ? 14  DT  B C2    1 
ATOM   277 O O2    . DT  B 1 6 ? -11.956 -5.334  0.435   1.00 6.00  ? 14  DT  B O2    1 
ATOM   278 N N3    . DT  B 1 6 ? -10.681 -6.781  1.472   1.00 6.00  ? 14  DT  B N3    1 
ATOM   279 C C4    . DT  B 1 6 ? -9.789  -7.312  2.326   1.00 6.00  ? 14  DT  B C4    1 
ATOM   280 O O4    . DT  B 1 6 ? -9.566  -8.521  2.240   1.00 6.00  ? 14  DT  B O4    1 
ATOM   281 C C5    . DT  B 1 6 ? -9.288  -6.325  3.254   1.00 6.00  ? 14  DT  B C5    1 
ATOM   282 C C7    . DT  B 1 6 ? -8.306  -6.695  4.365   1.00 6.00  ? 14  DT  B C7    1 
ATOM   283 C C6    . DT  B 1 6 ? -9.720  -5.046  3.165   1.00 6.00  ? 14  DT  B C6    1 
ATOM   284 P P     . DT  B 1 7 ? -14.365 -2.242  5.679   1.00 19.18 ? 15  DT  B P     1 
ATOM   285 O OP1   . DT  B 1 7 ? -14.313 -0.776  5.457   1.00 19.18 ? 15  DT  B OP1   1 
ATOM   286 O OP2   . DT  B 1 7 ? -14.963 -2.766  6.944   1.00 19.18 ? 15  DT  B OP2   1 
ATOM   287 O "O5'" . DT  B 1 7 ? -15.197 -2.951  4.538   1.00 19.18 ? 15  DT  B "O5'" 1 
ATOM   288 C "C5'" . DT  B 1 7 ? -16.577 -2.794  4.266   1.00 25.38 ? 15  DT  B "C5'" 1 
ATOM   289 C "C4'" . DT  B 1 7 ? -16.956 -4.148  3.696   1.00 25.38 ? 15  DT  B "C4'" 1 
ATOM   290 O "O4'" . DT  B 1 7 ? -15.917 -4.581  2.748   1.00 25.38 ? 15  DT  B "O4'" 1 
ATOM   291 C "C3'" . DT  B 1 7 ? -17.028 -5.291  4.755   1.00 25.38 ? 15  DT  B "C3'" 1 
ATOM   292 O "O3'" . DT  B 1 7 ? -18.155 -5.612  5.553   1.00 19.18 ? 15  DT  B "O3'" 1 
ATOM   293 C "C2'" . DT  B 1 7 ? -17.157 -6.317  3.714   1.00 25.38 ? 15  DT  B "C2'" 1 
ATOM   294 C "C1'" . DT  B 1 7 ? -15.984 -6.009  2.862   1.00 6.00  ? 15  DT  B "C1'" 1 
ATOM   295 N N1    . DT  B 1 7 ? -14.748 -6.632  3.403   1.00 6.00  ? 15  DT  B N1    1 
ATOM   296 C C2    . DT  B 1 7 ? -14.562 -7.904  3.021   1.00 6.00  ? 15  DT  B C2    1 
ATOM   297 O O2    . DT  B 1 7 ? -15.295 -8.569  2.319   1.00 6.00  ? 15  DT  B O2    1 
ATOM   298 N N3    . DT  B 1 7 ? -13.450 -8.477  3.419   1.00 6.00  ? 15  DT  B N3    1 
ATOM   299 C C4    . DT  B 1 7 ? -12.434 -8.032  4.167   1.00 6.00  ? 15  DT  B C4    1 
ATOM   300 O O4    . DT  B 1 7 ? -11.497 -8.816  4.337   1.00 6.00  ? 15  DT  B O4    1 
ATOM   301 C C5    . DT  B 1 7 ? -12.688 -6.689  4.646   1.00 6.00  ? 15  DT  B C5    1 
ATOM   302 C C7    . DT  B 1 7 ? -11.715 -5.999  5.604   1.00 6.00  ? 15  DT  B C7    1 
ATOM   303 C C6    . DT  B 1 7 ? -13.816 -6.039  4.243   1.00 6.00  ? 15  DT  B C6    1 
ATOM   304 P P     . DC  B 1 8 ? -18.918 -4.835  6.699   1.00 22.15 ? 16  DC  B P     1 
ATOM   305 O OP1   . DC  B 1 8 ? -19.537 -3.613  6.112   1.00 22.15 ? 16  DC  B OP1   1 
ATOM   306 O OP2   . DC  B 1 8 ? -18.107 -4.682  7.927   1.00 22.15 ? 16  DC  B OP2   1 
ATOM   307 O "O5'" . DC  B 1 8 ? -20.066 -5.923  7.009   1.00 22.15 ? 16  DC  B "O5'" 1 
ATOM   308 C "C5'" . DC  B 1 8 ? -19.822 -7.241  7.491   1.00 25.90 ? 16  DC  B "C5'" 1 
ATOM   309 C "C4'" . DC  B 1 8 ? -20.771 -8.313  6.860   1.00 25.90 ? 16  DC  B "C4'" 1 
ATOM   310 O "O4'" . DC  B 1 8 ? -20.432 -8.632  5.448   1.00 25.90 ? 16  DC  B "O4'" 1 
ATOM   311 C "C3'" . DC  B 1 8 ? -20.613 -9.661  7.663   1.00 25.90 ? 16  DC  B "C3'" 1 
ATOM   312 O "O3'" . DC  B 1 8 ? -21.697 -10.088 8.499   1.00 22.15 ? 16  DC  B "O3'" 1 
ATOM   313 C "C2'" . DC  B 1 8 ? -20.406 -10.670 6.582   1.00 25.90 ? 16  DC  B "C2'" 1 
ATOM   314 C "C1'" . DC  B 1 8 ? -19.660 -9.877  5.511   1.00 23.02 ? 16  DC  B "C1'" 1 
ATOM   315 N N1    . DC  B 1 8 ? -18.136 -9.926  5.677   1.00 23.02 ? 16  DC  B N1    1 
ATOM   316 C C2    . DC  B 1 8 ? -17.512 -11.089 5.225   1.00 23.02 ? 16  DC  B C2    1 
ATOM   317 O O2    . DC  B 1 8 ? -18.137 -12.015 4.694   1.00 23.02 ? 16  DC  B O2    1 
ATOM   318 N N3    . DC  B 1 8 ? -16.188 -11.214 5.377   1.00 23.02 ? 16  DC  B N3    1 
ATOM   319 C C4    . DC  B 1 8 ? -15.445 -10.278 5.927   1.00 23.02 ? 16  DC  B C4    1 
ATOM   320 N N4    . DC  B 1 8 ? -14.132 -10.505 6.042   1.00 23.02 ? 16  DC  B N4    1 
ATOM   321 C C5    . DC  B 1 8 ? -16.050 -9.065  6.390   1.00 23.02 ? 16  DC  B C5    1 
ATOM   322 C C6    . DC  B 1 8 ? -17.382 -8.945  6.247   1.00 23.02 ? 16  DC  B C6    1 
ATOM   323 O "O5'" . DG  C 1 1 ? 5.686   -7.581  -3.078  1.00 6.00  ? 17  DG  C "O5'" 1 
ATOM   324 C "C5'" . DG  C 1 1 ? 4.589   -7.419  -4.011  1.00 22.81 ? 17  DG  C "C5'" 1 
ATOM   325 C "C4'" . DG  C 1 1 ? 3.747   -6.089  -3.849  1.00 22.81 ? 17  DG  C "C4'" 1 
ATOM   326 O "O4'" . DG  C 1 1 ? 3.339   -5.895  -2.458  1.00 22.81 ? 17  DG  C "O4'" 1 
ATOM   327 C "C3'" . DG  C 1 1 ? 4.511   -4.781  -4.003  1.00 22.81 ? 17  DG  C "C3'" 1 
ATOM   328 O "O3'" . DG  C 1 1 ? 5.359   -4.372  -5.127  1.00 6.00  ? 17  DG  C "O3'" 1 
ATOM   329 C "C2'" . DG  C 1 1 ? 3.639   -3.770  -3.279  1.00 22.81 ? 17  DG  C "C2'" 1 
ATOM   330 C "C1'" . DG  C 1 1 ? 2.786   -4.584  -2.368  1.00 17.73 ? 17  DG  C "C1'" 1 
ATOM   331 N N9    . DG  C 1 1 ? 2.812   -3.964  -1.026  1.00 17.73 ? 17  DG  C N9    1 
ATOM   332 C C8    . DG  C 1 1 ? 3.693   -4.094  0.005   1.00 17.73 ? 17  DG  C C8    1 
ATOM   333 N N7    . DG  C 1 1 ? 3.422   -3.376  1.066   1.00 17.73 ? 17  DG  C N7    1 
ATOM   334 C C5    . DG  C 1 1 ? 2.272   -2.720  0.707   1.00 17.73 ? 17  DG  C C5    1 
ATOM   335 C C6    . DG  C 1 1 ? 1.507   -1.794  1.448   1.00 17.73 ? 17  DG  C C6    1 
ATOM   336 O O6    . DG  C 1 1 ? 1.690   -1.358  2.593   1.00 17.73 ? 17  DG  C O6    1 
ATOM   337 N N1    . DG  C 1 1 ? 0.423   -1.392  0.680   1.00 17.73 ? 17  DG  C N1    1 
ATOM   338 C C2    . DG  C 1 1 ? 0.117   -1.810  -0.617  1.00 17.73 ? 17  DG  C C2    1 
ATOM   339 N N2    . DG  C 1 1 ? -0.926  -1.326  -1.240  1.00 17.73 ? 17  DG  C N2    1 
ATOM   340 N N3    . DG  C 1 1 ? 0.825   -2.661  -1.290  1.00 17.73 ? 17  DG  C N3    1 
ATOM   341 C C4    . DG  C 1 1 ? 1.889   -3.078  -0.569  1.00 17.73 ? 17  DG  C C4    1 
ATOM   342 P P     . DA  C 1 2 ? 5.481   -2.853  -5.824  1.00 15.39 ? 18  DA  C P     1 
ATOM   343 O OP1   . DA  C 1 2 ? 6.705   -2.852  -6.660  1.00 15.39 ? 18  DA  C OP1   1 
ATOM   344 O OP2   . DA  C 1 2 ? 5.476   -1.867  -4.692  1.00 15.39 ? 18  DA  C OP2   1 
ATOM   345 O "O5'" . DA  C 1 2 ? 4.164   -2.450  -6.713  1.00 15.39 ? 18  DA  C "O5'" 1 
ATOM   346 C "C5'" . DA  C 1 2 ? 2.873   -2.472  -6.129  1.00 24.96 ? 18  DA  C "C5'" 1 
ATOM   347 C "C4'" . DA  C 1 2 ? 2.089   -1.210  -5.877  1.00 24.96 ? 18  DA  C "C4'" 1 
ATOM   348 O "O4'" . DA  C 1 2 ? 1.652   -1.504  -4.526  1.00 24.96 ? 18  DA  C "O4'" 1 
ATOM   349 C "C3'" . DA  C 1 2 ? 2.832   0.140   -5.748  1.00 24.96 ? 18  DA  C "C3'" 1 
ATOM   350 O "O3'" . DA  C 1 2 ? 3.076   0.902   -6.955  1.00 15.39 ? 18  DA  C "O3'" 1 
ATOM   351 C "C2'" . DA  C 1 2 ? 1.791   0.805   -4.905  1.00 24.96 ? 18  DA  C "C2'" 1 
ATOM   352 C "C1'" . DA  C 1 2 ? 1.332   -0.236  -3.947  1.00 17.45 ? 18  DA  C "C1'" 1 
ATOM   353 N N9    . DA  C 1 2 ? 1.924   0.051   -2.635  1.00 17.45 ? 18  DA  C N9    1 
ATOM   354 C C8    . DA  C 1 2 ? 3.091   -0.342  -2.023  1.00 17.45 ? 18  DA  C C8    1 
ATOM   355 N N7    . DA  C 1 2 ? 3.248   0.136   -0.817  1.00 17.45 ? 18  DA  C N7    1 
ATOM   356 C C5    . DA  C 1 2 ? 2.098   0.895   -0.636  1.00 17.45 ? 18  DA  C C5    1 
ATOM   357 C C6    . DA  C 1 2 ? 1.619   1.647   0.424   1.00 17.45 ? 18  DA  C C6    1 
ATOM   358 N N6    . DA  C 1 2 ? 2.254   1.784   1.578   1.00 17.45 ? 18  DA  C N6    1 
ATOM   359 N N1    . DA  C 1 2 ? 0.443   2.251   0.236   1.00 17.45 ? 18  DA  C N1    1 
ATOM   360 C C2    . DA  C 1 2 ? -0.247  2.144   -0.890  1.00 17.45 ? 18  DA  C C2    1 
ATOM   361 N N3    . DA  C 1 2 ? 0.093   1.460   -1.948  1.00 17.45 ? 18  DA  C N3    1 
ATOM   362 C C4    . DA  C 1 2 ? 1.296   0.853   -1.741  1.00 17.45 ? 18  DA  C C4    1 
ATOM   363 P P     . DA  C 1 3 ? 3.760   2.382   -6.899  1.00 6.00  ? 19  DA  C P     1 
ATOM   364 O OP1   . DA  C 1 3 ? 3.730   3.004   -8.228  1.00 6.00  ? 19  DA  C OP1   1 
ATOM   365 O OP2   . DA  C 1 3 ? 5.085   2.193   -6.286  1.00 6.00  ? 19  DA  C OP2   1 
ATOM   366 O "O5'" . DA  C 1 3 ? 2.777   3.384   -5.957  1.00 6.00  ? 19  DA  C "O5'" 1 
ATOM   367 C "C5'" . DA  C 1 3 ? 1.390   3.735   -6.249  1.00 6.00  ? 19  DA  C "C5'" 1 
ATOM   368 C "C4'" . DA  C 1 3 ? 0.538   4.632   -5.282  1.00 6.00  ? 19  DA  C "C4'" 1 
ATOM   369 O "O4'" . DA  C 1 3 ? -0.015  4.114   -4.010  1.00 6.00  ? 19  DA  C "O4'" 1 
ATOM   370 C "C3'" . DA  C 1 3 ? 1.170   5.916   -4.837  1.00 6.00  ? 19  DA  C "C3'" 1 
ATOM   371 O "O3'" . DA  C 1 3 ? 1.626   6.986   -5.656  1.00 6.00  ? 19  DA  C "O3'" 1 
ATOM   372 C "C2'" . DA  C 1 3 ? -0.050  6.357   -4.166  1.00 6.00  ? 19  DA  C "C2'" 1 
ATOM   373 C "C1'" . DA  C 1 3 ? -0.293  5.306   -3.199  1.00 26.25 ? 19  DA  C "C1'" 1 
ATOM   374 N N9    . DA  C 1 3 ? 0.512   5.364   -1.922  1.00 26.25 ? 19  DA  C N9    1 
ATOM   375 C C8    . DA  C 1 3 ? 1.596   4.583   -1.670  1.00 26.25 ? 19  DA  C C8    1 
ATOM   376 N N7    . DA  C 1 3 ? 2.157   4.734   -0.518  1.00 26.25 ? 19  DA  C N7    1 
ATOM   377 C C5    . DA  C 1 3 ? 1.414   5.713   0.067   1.00 26.25 ? 19  DA  C C5    1 
ATOM   378 C C6    . DA  C 1 3 ? 1.563   6.284   1.322   1.00 26.25 ? 19  DA  C C6    1 
ATOM   379 N N6    . DA  C 1 3 ? 2.547   5.817   2.082   1.00 26.25 ? 19  DA  C N6    1 
ATOM   380 N N1    . DA  C 1 3 ? 0.744   7.277   1.730   1.00 26.25 ? 19  DA  C N1    1 
ATOM   381 C C2    . DA  C 1 3 ? -0.177  7.618   0.804   1.00 26.25 ? 19  DA  C C2    1 
ATOM   382 N N3    . DA  C 1 3 ? -0.460  7.129   -0.435  1.00 26.25 ? 19  DA  C N3    1 
ATOM   383 C C4    . DA  C 1 3 ? 0.408   6.143   -0.756  1.00 26.25 ? 19  DA  C C4    1 
ATOM   384 P P     . DG  C 1 4 ? 2.333   8.167   -4.756  1.00 21.41 ? 20  DG  C P     1 
ATOM   385 O OP1   . DG  C 1 4 ? 2.788   9.217   -5.704  1.00 21.41 ? 20  DG  C OP1   1 
ATOM   386 O OP2   . DG  C 1 4 ? 3.336   7.514   -3.873  1.00 21.41 ? 20  DG  C OP2   1 
ATOM   387 O "O5'" . DG  C 1 4 ? 1.318   8.921   -3.653  1.00 21.41 ? 20  DG  C "O5'" 1 
ATOM   388 C "C5'" . DG  C 1 4 ? 0.099   9.691   -3.938  1.00 6.00  ? 20  DG  C "C5'" 1 
ATOM   389 C "C4'" . DG  C 1 4 ? -0.100  10.850  -2.942  1.00 6.00  ? 20  DG  C "C4'" 1 
ATOM   390 O "O4'" . DG  C 1 4 ? -0.308  10.442  -1.568  1.00 6.00  ? 20  DG  C "O4'" 1 
ATOM   391 C "C3'" . DG  C 1 4 ? 1.202   11.593  -2.778  1.00 6.00  ? 20  DG  C "C3'" 1 
ATOM   392 O "O3'" . DG  C 1 4 ? 1.903   12.000  -3.958  1.00 21.41 ? 20  DG  C "O3'" 1 
ATOM   393 C "C2'" . DG  C 1 4 ? 0.918   12.445  -1.577  1.00 6.00  ? 20  DG  C "C2'" 1 
ATOM   394 C "C1'" . DG  C 1 4 ? 0.399   11.331  -0.646  1.00 30.12 ? 20  DG  C "C1'" 1 
ATOM   395 N N9    . DG  C 1 4 ? 1.466   10.474  -0.016  1.00 30.12 ? 20  DG  C N9    1 
ATOM   396 C C8    . DG  C 1 4 ? 2.105   9.407   -0.622  1.00 30.12 ? 20  DG  C C8    1 
ATOM   397 N N7    . DG  C 1 4 ? 2.981   8.816   0.107   1.00 30.12 ? 20  DG  C N7    1 
ATOM   398 C C5    . DG  C 1 4 ? 2.953   9.506   1.300   1.00 30.12 ? 20  DG  C C5    1 
ATOM   399 C C6    . DG  C 1 4 ? 3.730   9.243   2.446   1.00 30.12 ? 20  DG  C C6    1 
ATOM   400 O O6    . DG  C 1 4 ? 4.561   8.348   2.575   1.00 30.12 ? 20  DG  C O6    1 
ATOM   401 N N1    . DG  C 1 4 ? 3.458   10.109  3.458   1.00 30.12 ? 20  DG  C N1    1 
ATOM   402 C C2    . DG  C 1 4 ? 2.521   11.162  3.371   1.00 30.12 ? 20  DG  C C2    1 
ATOM   403 N N2    . DG  C 1 4 ? 2.400   11.934  4.464   1.00 30.12 ? 20  DG  C N2    1 
ATOM   404 N N3    . DG  C 1 4 ? 1.762   11.424  2.272   1.00 30.12 ? 20  DG  C N3    1 
ATOM   405 C C4    . DG  C 1 4 ? 2.039   10.540  1.262   1.00 30.12 ? 20  DG  C C4    1 
ATOM   406 P P     . DC  C 1 5 ? 3.521   12.191  -3.846  1.00 14.51 ? 21  DC  C P     1 
ATOM   407 O OP1   . DC  C 1 5 ? 4.119   12.670  -5.116  1.00 14.51 ? 21  DC  C OP1   1 
ATOM   408 O OP2   . DC  C 1 5 ? 4.151   11.000  -3.220  1.00 14.51 ? 21  DC  C OP2   1 
ATOM   409 O "O5'" . DC  C 1 5 ? 3.499   13.445  -2.786  1.00 14.51 ? 21  DC  C "O5'" 1 
ATOM   410 C "C5'" . DC  C 1 5 ? 4.610   14.151  -2.238  1.00 14.79 ? 21  DC  C "C5'" 1 
ATOM   411 C "C4'" . DC  C 1 5 ? 4.207   14.909  -0.981  1.00 14.79 ? 21  DC  C "C4'" 1 
ATOM   412 O "O4'" . DC  C 1 5 ? 3.692   14.022  0.045   1.00 14.79 ? 21  DC  C "O4'" 1 
ATOM   413 C "C3'" . DC  C 1 5 ? 5.414   15.693  -0.411  1.00 14.79 ? 21  DC  C "C3'" 1 
ATOM   414 O "O3'" . DC  C 1 5 ? 5.222   17.113  -0.546  1.00 14.51 ? 21  DC  C "O3'" 1 
ATOM   415 C "C2'" . DC  C 1 5 ? 5.471   15.276  1.007   1.00 14.79 ? 21  DC  C "C2'" 1 
ATOM   416 C "C1'" . DC  C 1 5 ? 4.731   13.961  1.045   1.00 12.74 ? 21  DC  C "C1'" 1 
ATOM   417 N N1    . DC  C 1 5 ? 5.440   12.655  1.089   1.00 12.74 ? 21  DC  C N1    1 
ATOM   418 C C2    . DC  C 1 5 ? 6.030   12.274  2.301   1.00 12.74 ? 21  DC  C C2    1 
ATOM   419 O O2    . DC  C 1 5 ? 6.026   12.977  3.313   1.00 12.74 ? 21  DC  C O2    1 
ATOM   420 N N3    . DC  C 1 5 ? 6.638   11.081  2.325   1.00 12.74 ? 21  DC  C N3    1 
ATOM   421 C C4    . DC  C 1 5 ? 6.686   10.283  1.248   1.00 12.74 ? 21  DC  C C4    1 
ATOM   422 N N4    . DC  C 1 5 ? 7.320   9.117   1.328   1.00 12.74 ? 21  DC  C N4    1 
ATOM   423 C C5    . DC  C 1 5 ? 6.089   10.659  -0.001  1.00 12.74 ? 21  DC  C C5    1 
ATOM   424 C C6    . DC  C 1 5 ? 5.481   11.851  -0.022  1.00 12.74 ? 21  DC  C C6    1 
ATOM   425 P P     . DT  C 1 6 ? 6.385   18.031  -1.147  1.00 24.41 ? 22  DT  C P     1 
ATOM   426 O OP1   . DT  C 1 6 ? 5.901   19.423  -1.253  1.00 24.41 ? 22  DT  C OP1   1 
ATOM   427 O OP2   . DT  C 1 6 ? 6.802   17.371  -2.411  1.00 24.41 ? 22  DT  C OP2   1 
ATOM   428 O "O5'" . DT  C 1 6 ? 7.700   18.052  -0.138  1.00 24.41 ? 22  DT  C "O5'" 1 
ATOM   429 C "C5'" . DT  C 1 6 ? 7.710   18.582  1.218   1.00 18.60 ? 22  DT  C "C5'" 1 
ATOM   430 C "C4'" . DT  C 1 6 ? 8.687   17.905  2.241   1.00 18.60 ? 22  DT  C "C4'" 1 
ATOM   431 O "O4'" . DT  C 1 6 ? 8.133   16.624  2.514   1.00 18.60 ? 22  DT  C "O4'" 1 
ATOM   432 C "C3'" . DT  C 1 6 ? 10.257  17.736  2.057   1.00 18.60 ? 22  DT  C "C3'" 1 
ATOM   433 O "O3'" . DT  C 1 6 ? 11.100  18.858  2.469   1.00 24.41 ? 22  DT  C "O3'" 1 
ATOM   434 C "C2'" . DT  C 1 6 ? 10.521  16.578  2.972   1.00 18.60 ? 22  DT  C "C2'" 1 
ATOM   435 C "C1'" . DT  C 1 6 ? 9.221   15.785  2.922   1.00 6.00  ? 22  DT  C "C1'" 1 
ATOM   436 N N1    . DT  C 1 6 ? 9.258   14.638  2.020   1.00 6.00  ? 22  DT  C N1    1 
ATOM   437 C C2    . DT  C 1 6 ? 9.780   13.469  2.550   1.00 6.00  ? 22  DT  C C2    1 
ATOM   438 O O2    . DT  C 1 6 ? 10.202  13.349  3.704   1.00 6.00  ? 22  DT  C O2    1 
ATOM   439 N N3    . DT  C 1 6 ? 9.804   12.409  1.678   1.00 6.00  ? 22  DT  C N3    1 
ATOM   440 C C4    . DT  C 1 6 ? 9.350   12.380  0.382   1.00 6.00  ? 22  DT  C C4    1 
ATOM   441 O O4    . DT  C 1 6 ? 9.448   11.306  -0.226  1.00 6.00  ? 22  DT  C O4    1 
ATOM   442 C C5    . DT  C 1 6 ? 8.821   13.674  -0.096  1.00 6.00  ? 22  DT  C C5    1 
ATOM   443 C C7    . DT  C 1 6 ? 8.276   13.918  -1.497  1.00 6.00  ? 22  DT  C C7    1 
ATOM   444 C C6    . DT  C 1 6 ? 8.803   14.727  0.720   1.00 6.00  ? 22  DT  C C6    1 
ATOM   445 P P     . DT  C 1 7 ? 12.718  18.941  2.207   1.00 22.29 ? 23  DT  C P     1 
ATOM   446 O OP1   . DT  C 1 7 ? 13.191  20.286  2.643   1.00 22.29 ? 23  DT  C OP1   1 
ATOM   447 O OP2   . DT  C 1 7 ? 12.820  18.599  0.762   1.00 22.29 ? 23  DT  C OP2   1 
ATOM   448 O "O5'" . DT  C 1 7 ? 13.710  17.877  2.979   1.00 22.29 ? 23  DT  C "O5'" 1 
ATOM   449 C "C5'" . DT  C 1 7 ? 13.893  17.840  4.401   1.00 35.24 ? 23  DT  C "C5'" 1 
ATOM   450 C "C4'" . DT  C 1 7 ? 14.554  16.635  5.041   1.00 35.24 ? 23  DT  C "C4'" 1 
ATOM   451 O "O4'" . DT  C 1 7 ? 13.696  15.478  5.050   1.00 35.24 ? 23  DT  C "O4'" 1 
ATOM   452 C "C3'" . DT  C 1 7 ? 15.940  16.360  4.452   1.00 35.24 ? 23  DT  C "C3'" 1 
ATOM   453 O "O3'" . DT  C 1 7 ? 16.745  17.376  5.111   1.00 22.29 ? 23  DT  C "O3'" 1 
ATOM   454 C "C2'" . DT  C 1 7 ? 15.981  14.954  4.916   1.00 35.24 ? 23  DT  C "C2'" 1 
ATOM   455 C "C1'" . DT  C 1 7 ? 14.587  14.434  4.663   1.00 24.69 ? 23  DT  C "C1'" 1 
ATOM   456 N N1    . DT  C 1 7 ? 14.180  13.946  3.304   1.00 24.69 ? 23  DT  C N1    1 
ATOM   457 C C2    . DT  C 1 7 ? 14.452  12.631  3.080   1.00 24.69 ? 23  DT  C C2    1 
ATOM   458 O O2    . DT  C 1 7 ? 14.998  11.874  3.887   1.00 24.69 ? 23  DT  C O2    1 
ATOM   459 N N3    . DT  C 1 7 ? 14.071  12.146  1.874   1.00 24.69 ? 23  DT  C N3    1 
ATOM   460 C C4    . DT  C 1 7 ? 13.419  12.740  0.842   1.00 24.69 ? 23  DT  C C4    1 
ATOM   461 O O4    . DT  C 1 7 ? 13.182  12.051  -0.173  1.00 24.69 ? 23  DT  C O4    1 
ATOM   462 C C5    . DT  C 1 7 ? 13.155  14.153  1.131   1.00 24.69 ? 23  DT  C C5    1 
ATOM   463 C C7    . DT  C 1 7 ? 12.450  15.060  0.085   1.00 24.69 ? 23  DT  C C7    1 
ATOM   464 C C6    . DT  C 1 7 ? 13.540  14.689  2.327   1.00 24.69 ? 23  DT  C C6    1 
ATOM   465 P P     . DC  C 1 8 ? 17.954  18.274  4.497   1.00 6.00  ? 24  DC  C P     1 
ATOM   466 O OP1   . DC  C 1 8 ? 18.428  19.264  5.504   1.00 6.00  ? 24  DC  C OP1   1 
ATOM   467 O OP2   . DC  C 1 8 ? 17.439  18.760  3.192   1.00 6.00  ? 24  DC  C OP2   1 
ATOM   468 O "O5'" . DC  C 1 8 ? 19.182  17.350  4.178   1.00 6.00  ? 24  DC  C "O5'" 1 
ATOM   469 C "C5'" . DC  C 1 8 ? 19.708  16.738  5.345   1.00 19.19 ? 24  DC  C "C5'" 1 
ATOM   470 C "C4'" . DC  C 1 8 ? 19.920  15.253  5.148   1.00 19.19 ? 24  DC  C "C4'" 1 
ATOM   471 O "O4'" . DC  C 1 8 ? 18.726  14.758  4.476   1.00 19.19 ? 24  DC  C "O4'" 1 
ATOM   472 C "C3'" . DC  C 1 8 ? 21.115  14.808  4.316   1.00 19.19 ? 24  DC  C "C3'" 1 
ATOM   473 O "O3'" . DC  C 1 8 ? 21.244  13.412  4.579   1.00 6.00  ? 24  DC  C "O3'" 1 
ATOM   474 C "C2'" . DC  C 1 8 ? 20.528  14.982  2.947   1.00 19.19 ? 24  DC  C "C2'" 1 
ATOM   475 C "C1'" . DC  C 1 8 ? 19.067  14.521  3.109   1.00 16.18 ? 24  DC  C "C1'" 1 
ATOM   476 N N1    . DC  C 1 8 ? 18.196  14.391  1.870   1.00 16.18 ? 24  DC  C N1    1 
ATOM   477 C C2    . DC  C 1 8 ? 17.796  13.096  1.534   1.00 16.18 ? 24  DC  C C2    1 
ATOM   478 O O2    . DC  C 1 8 ? 18.144  12.171  2.256   1.00 16.18 ? 24  DC  C O2    1 
ATOM   479 N N3    . DC  C 1 8 ? 17.121  12.889  0.389   1.00 16.18 ? 24  DC  C N3    1 
ATOM   480 C C4    . DC  C 1 8 ? 16.789  13.880  -0.430  1.00 16.18 ? 24  DC  C C4    1 
ATOM   481 N N4    . DC  C 1 8 ? 16.132  13.555  -1.550  1.00 16.18 ? 24  DC  C N4    1 
ATOM   482 C C5    . DC  C 1 8 ? 17.163  15.233  -0.103  1.00 16.18 ? 24  DC  C C5    1 
ATOM   483 C C6    . DC  C 1 8 ? 17.865  15.441  1.047   1.00 16.18 ? 24  DC  C C6    1 
ATOM   484 O "O5'" . DG  D 1 1 ? 21.124  3.741   -5.341  1.00 8.03  ? 25  DG  D "O5'" 1 
ATOM   485 C "C5'" . DG  D 1 1 ? 22.011  3.471   -4.245  1.00 28.23 ? 25  DG  D "C5'" 1 
ATOM   486 C "C4'" . DG  D 1 1 ? 21.644  4.217   -2.920  1.00 28.23 ? 25  DG  D "C4'" 1 
ATOM   487 O "O4'" . DG  D 1 1 ? 21.518  5.648   -3.106  1.00 28.23 ? 25  DG  D "O4'" 1 
ATOM   488 C "C3'" . DG  D 1 1 ? 20.414  3.677   -2.211  1.00 28.23 ? 25  DG  D "C3'" 1 
ATOM   489 O "O3'" . DG  D 1 1 ? 20.703  2.393   -1.538  1.00 8.03  ? 25  DG  D "O3'" 1 
ATOM   490 C "C2'" . DG  D 1 1 ? 20.123  4.897   -1.339  1.00 28.23 ? 25  DG  D "C2'" 1 
ATOM   491 C "C1'" . DG  D 1 1 ? 20.655  6.167   -2.057  1.00 25.97 ? 25  DG  D "C1'" 1 
ATOM   492 N N9    . DG  D 1 1 ? 19.666  7.227   -2.555  1.00 25.97 ? 25  DG  D N9    1 
ATOM   493 C C8    . DG  D 1 1 ? 19.094  7.382   -3.818  1.00 25.97 ? 25  DG  D C8    1 
ATOM   494 N N7    . DG  D 1 1 ? 18.274  8.400   -3.942  1.00 25.97 ? 25  DG  D N7    1 
ATOM   495 C C5    . DG  D 1 1 ? 18.279  8.979   -2.675  1.00 25.97 ? 25  DG  D C5    1 
ATOM   496 C C6    . DG  D 1 1 ? 17.571  10.137  -2.186  1.00 25.97 ? 25  DG  D C6    1 
ATOM   497 O O6    . DG  D 1 1 ? 16.783  10.914  -2.744  1.00 25.97 ? 25  DG  D O6    1 
ATOM   498 N N1    . DG  D 1 1 ? 17.894  10.345  -0.854  1.00 25.97 ? 25  DG  D N1    1 
ATOM   499 C C2    . DG  D 1 1 ? 18.734  9.557   -0.081  1.00 25.97 ? 25  DG  D C2    1 
ATOM   500 N N2    . DG  D 1 1 ? 18.864  9.850   1.212   1.00 25.97 ? 25  DG  D N2    1 
ATOM   501 N N3    . DG  D 1 1 ? 19.385  8.495   -0.543  1.00 25.97 ? 25  DG  D N3    1 
ATOM   502 C C4    . DG  D 1 1 ? 19.123  8.265   -1.837  1.00 25.97 ? 25  DG  D C4    1 
ATOM   503 P P     . DA  D 1 2 ? 19.992  1.789   -0.155  1.00 13.93 ? 26  DA  D P     1 
ATOM   504 O OP1   . DA  D 1 2 ? 20.604  0.506   0.260   1.00 13.93 ? 26  DA  D OP1   1 
ATOM   505 O OP2   . DA  D 1 2 ? 18.530  1.771   -0.404  1.00 13.93 ? 26  DA  D OP2   1 
ATOM   506 O "O5'" . DA  D 1 2 ? 20.292  2.813   1.048   1.00 13.93 ? 26  DA  D "O5'" 1 
ATOM   507 C "C5'" . DA  D 1 2 ? 19.766  2.534   2.309   1.00 11.94 ? 26  DA  D "C5'" 1 
ATOM   508 C "C4'" . DA  D 1 2 ? 19.242  3.833   2.914   1.00 11.94 ? 26  DA  D "C4'" 1 
ATOM   509 O "O4'" . DA  D 1 2 ? 19.345  4.985   2.038   1.00 11.94 ? 26  DA  D "O4'" 1 
ATOM   510 C "C3'" . DA  D 1 2 ? 17.764  3.799   3.354   1.00 11.94 ? 26  DA  D "C3'" 1 
ATOM   511 O "O3'" . DA  D 1 2 ? 17.438  2.876   4.408   1.00 13.93 ? 26  DA  D "O3'" 1 
ATOM   512 C "C2'" . DA  D 1 2 ? 17.583  5.218   3.676   1.00 11.94 ? 26  DA  D "C2'" 1 
ATOM   513 C "C1'" . DA  D 1 2 ? 18.290  5.839   2.532   1.00 6.00  ? 26  DA  D "C1'" 1 
ATOM   514 N N9    . DA  D 1 2 ? 17.416  6.327   1.467   1.00 6.00  ? 26  DA  D N9    1 
ATOM   515 C C8    . DA  D 1 2 ? 17.083  5.866   0.206   1.00 6.00  ? 26  DA  D C8    1 
ATOM   516 N N7    . DA  D 1 2 ? 16.264  6.667   -0.436  1.00 6.00  ? 26  DA  D N7    1 
ATOM   517 C C5    . DA  D 1 2 ? 16.038  7.713   0.468   1.00 6.00  ? 26  DA  D C5    1 
ATOM   518 C C6    . DA  D 1 2 ? 15.283  8.892   0.440   1.00 6.00  ? 26  DA  D C6    1 
ATOM   519 N N6    . DA  D 1 2 ? 14.499  9.390   -0.523  1.00 6.00  ? 26  DA  D N6    1 
ATOM   520 N N1    . DA  D 1 2 ? 15.372  9.587   1.543   1.00 6.00  ? 26  DA  D N1    1 
ATOM   521 C C2    . DA  D 1 2 ? 16.064  9.267   2.602   1.00 6.00  ? 26  DA  D C2    1 
ATOM   522 N N3    . DA  D 1 2 ? 16.800  8.219   2.752   1.00 6.00  ? 26  DA  D N3    1 
ATOM   523 C C4    . DA  D 1 2 ? 16.737  7.480   1.625   1.00 6.00  ? 26  DA  D C4    1 
ATOM   524 P P     . DA  D 1 3 ? 15.929  2.802   4.965   1.00 28.33 ? 27  DA  D P     1 
ATOM   525 O OP1   . DA  D 1 3 ? 15.822  1.697   5.961   1.00 28.33 ? 27  DA  D OP1   1 
ATOM   526 O OP2   . DA  D 1 3 ? 14.994  2.765   3.795   1.00 28.33 ? 27  DA  D OP2   1 
ATOM   527 O "O5'" . DA  D 1 3 ? 15.596  4.208   5.694   1.00 28.33 ? 27  DA  D "O5'" 1 
ATOM   528 C "C5'" . DA  D 1 3 ? 16.159  4.876   6.840   1.00 10.30 ? 27  DA  D "C5'" 1 
ATOM   529 C "C4'" . DA  D 1 3 ? 15.293  6.133   6.987   1.00 10.30 ? 27  DA  D "C4'" 1 
ATOM   530 O "O4'" . DA  D 1 3 ? 15.585  6.910   5.797   1.00 10.30 ? 27  DA  D "O4'" 1 
ATOM   531 C "C3'" . DA  D 1 3 ? 13.718  5.864   6.897   1.00 10.30 ? 27  DA  D "C3'" 1 
ATOM   532 O "O3'" . DA  D 1 3 ? 12.757  5.814   7.958   1.00 28.33 ? 27  DA  D "O3'" 1 
ATOM   533 C "C2'" . DA  D 1 3 ? 13.387  7.249   6.606   1.00 10.30 ? 27  DA  D "C2'" 1 
ATOM   534 C "C1'" . DA  D 1 3 ? 14.344  7.580   5.544   1.00 6.00  ? 27  DA  D "C1'" 1 
ATOM   535 N N9    . DA  D 1 3 ? 13.661  7.431   4.239   1.00 6.00  ? 27  DA  D N9    1 
ATOM   536 C C8    . DA  D 1 3 ? 13.608  6.470   3.260   1.00 6.00  ? 27  DA  D C8    1 
ATOM   537 N N7    . DA  D 1 3 ? 12.856  6.824   2.250   1.00 6.00  ? 27  DA  D N7    1 
ATOM   538 C C5    . DA  D 1 3 ? 12.382  8.094   2.597   1.00 6.00  ? 27  DA  D C5    1 
ATOM   539 C C6    . DA  D 1 3 ? 11.539  9.057   1.983   1.00 6.00  ? 27  DA  D C6    1 
ATOM   540 N N6    . DA  D 1 3 ? 10.915  8.991   0.790   1.00 6.00  ? 27  DA  D N6    1 
ATOM   541 N N1    . DA  D 1 3 ? 11.347  10.164  2.702   1.00 6.00  ? 27  DA  D N1    1 
ATOM   542 C C2    . DA  D 1 3 ? 11.865  10.382  3.885   1.00 6.00  ? 27  DA  D C2    1 
ATOM   543 N N3    . DA  D 1 3 ? 12.655  9.586   4.529   1.00 6.00  ? 27  DA  D N3    1 
ATOM   544 C C4    . DA  D 1 3 ? 12.871  8.449   3.817   1.00 6.00  ? 27  DA  D C4    1 
ATOM   545 P P     . DG  D 1 4 ? 11.768  4.618   8.450   1.00 13.43 ? 28  DG  D P     1 
ATOM   546 O OP1   . DG  D 1 4 ? 12.623  3.553   9.045   1.00 13.43 ? 28  DG  D OP1   1 
ATOM   547 O OP2   . DG  D 1 4 ? 10.830  4.221   7.366   1.00 13.43 ? 28  DG  D OP2   1 
ATOM   548 O "O5'" . DG  D 1 4 ? 10.854  5.363   9.641   1.00 13.43 ? 28  DG  D "O5'" 1 
ATOM   549 C "C5'" . DG  D 1 4 ? 11.200  6.032   10.891  1.00 12.33 ? 28  DG  D "C5'" 1 
ATOM   550 C "C4'" . DG  D 1 4 ? 10.458  7.446   11.048  1.00 12.33 ? 28  DG  D "C4'" 1 
ATOM   551 O "O4'" . DG  D 1 4 ? 10.948  8.433   10.068  1.00 12.33 ? 28  DG  D "O4'" 1 
ATOM   552 C "C3'" . DG  D 1 4 ? 8.891   7.487   10.873  1.00 12.33 ? 28  DG  D "C3'" 1 
ATOM   553 O "O3'" . DG  D 1 4 ? 8.073   6.891   11.930  1.00 13.43 ? 28  DG  D "O3'" 1 
ATOM   554 C "C2'" . DG  D 1 4 ? 8.664   8.910   10.471  1.00 12.33 ? 28  DG  D "C2'" 1 
ATOM   555 C "C1'" . DG  D 1 4 ? 9.816   9.138   9.481   1.00 6.00  ? 28  DG  D "C1'" 1 
ATOM   556 N N9    . DG  D 1 4 ? 9.664   8.718   8.047   1.00 6.00  ? 28  DG  D N9    1 
ATOM   557 C C8    . DG  D 1 4 ? 10.062  7.544   7.472   1.00 6.00  ? 28  DG  D C8    1 
ATOM   558 N N7    . DG  D 1 4 ? 9.811   7.407   6.211   1.00 6.00  ? 28  DG  D N7    1 
ATOM   559 C C5    . DG  D 1 4 ? 9.176   8.595   5.899   1.00 6.00  ? 28  DG  D C5    1 
ATOM   560 C C6    . DG  D 1 4 ? 8.635   9.011   4.656   1.00 6.00  ? 28  DG  D C6    1 
ATOM   561 O O6    . DG  D 1 4 ? 8.620   8.369   3.612   1.00 6.00  ? 28  DG  D O6    1 
ATOM   562 N N1    . DG  D 1 4 ? 8.062   10.247  4.720   1.00 6.00  ? 28  DG  D N1    1 
ATOM   563 C C2    . DG  D 1 4 ? 8.002   11.023  5.858   1.00 6.00  ? 28  DG  D C2    1 
ATOM   564 N N2    . DG  D 1 4 ? 7.389   12.203  5.756   1.00 6.00  ? 28  DG  D N2    1 
ATOM   565 N N3    . DG  D 1 4 ? 8.502   10.644  7.039   1.00 6.00  ? 28  DG  D N3    1 
ATOM   566 C C4    . DG  D 1 4 ? 9.080   9.416   6.998   1.00 6.00  ? 28  DG  D C4    1 
ATOM   567 P P     . DC  D 1 5 ? 6.456   7.015   12.215  1.00 13.92 ? 29  DC  D P     1 
ATOM   568 O OP1   . DC  D 1 5 ? 6.116   6.184   13.392  1.00 13.92 ? 29  DC  D OP1   1 
ATOM   569 O OP2   . DC  D 1 5 ? 5.687   6.782   10.980  1.00 13.92 ? 29  DC  D OP2   1 
ATOM   570 O "O5'" . DC  D 1 5 ? 6.258   8.590   12.542  1.00 13.92 ? 29  DC  D "O5'" 1 
ATOM   571 C "C5'" . DC  D 1 5 ? 5.028   9.193   12.907  1.00 6.00  ? 29  DC  D "C5'" 1 
ATOM   572 C "C4'" . DC  D 1 5 ? 4.325   9.839   11.745  1.00 6.00  ? 29  DC  D "C4'" 1 
ATOM   573 O "O4'" . DC  D 1 5 ? 5.164   10.237  10.647  1.00 6.00  ? 29  DC  D "O4'" 1 
ATOM   574 C "C3'" . DC  D 1 5 ? 3.473   8.828   11.054  1.00 6.00  ? 29  DC  D "C3'" 1 
ATOM   575 O "O3'" . DC  D 1 5 ? 2.569   8.156   11.934  1.00 13.92 ? 29  DC  D "O3'" 1 
ATOM   576 C "C2'" . DC  D 1 5 ? 2.998   9.768   10.017  1.00 6.00  ? 29  DC  D "C2'" 1 
ATOM   577 C "C1'" . DC  D 1 5 ? 4.284   10.373  9.515   1.00 15.17 ? 29  DC  D "C1'" 1 
ATOM   578 N N1    . DC  D 1 5 ? 4.723   9.596   8.326   1.00 15.17 ? 29  DC  D N1    1 
ATOM   579 C C2    . DC  D 1 5 ? 4.342   10.083  7.074   1.00 15.17 ? 29  DC  D C2    1 
ATOM   580 O O2    . DC  D 1 5 ? 3.679   11.116  6.946   1.00 15.17 ? 29  DC  D O2    1 
ATOM   581 N N3    . DC  D 1 5 ? 4.706   9.365   5.994   1.00 15.17 ? 29  DC  D N3    1 
ATOM   582 C C4    . DC  D 1 5 ? 5.429   8.224   6.096   1.00 15.17 ? 29  DC  D C4    1 
ATOM   583 N N4    . DC  D 1 5 ? 5.769   7.576   4.974   1.00 15.17 ? 29  DC  D N4    1 
ATOM   584 C C5    . DC  D 1 5 ? 5.837   7.714   7.372   1.00 15.17 ? 29  DC  D C5    1 
ATOM   585 C C6    . DC  D 1 5 ? 5.456   8.428   8.450   1.00 15.17 ? 29  DC  D C6    1 
ATOM   586 P P     . DT  D 1 6 ? 1.698   6.920   11.406  1.00 19.17 ? 30  DT  D P     1 
ATOM   587 O OP1   . DT  D 1 6 ? 0.906   6.374   12.520  1.00 19.17 ? 30  DT  D OP1   1 
ATOM   588 O OP2   . DT  D 1 6 ? 2.624   5.965   10.750  1.00 19.17 ? 30  DT  D OP2   1 
ATOM   589 O "O5'" . DT  D 1 6 ? 0.667   7.563   10.255  1.00 19.17 ? 30  DT  D "O5'" 1 
ATOM   590 C "C5'" . DT  D 1 6 ? -0.261  8.592   10.715  1.00 15.87 ? 30  DT  D "C5'" 1 
ATOM   591 C "C4'" . DT  D 1 6 ? -0.844  9.548   9.665   1.00 15.87 ? 30  DT  D "C4'" 1 
ATOM   592 O "O4'" . DT  D 1 6 ? 0.135   10.247  8.837   1.00 15.87 ? 30  DT  D "O4'" 1 
ATOM   593 C "C3'" . DT  D 1 6 ? -1.851  8.886   8.752   1.00 15.87 ? 30  DT  D "C3'" 1 
ATOM   594 O "O3'" . DT  D 1 6 ? -3.148  8.717   9.322   1.00 19.17 ? 30  DT  D "O3'" 1 
ATOM   595 C "C2'" . DT  D 1 6 ? -1.891  9.961   7.730   1.00 15.87 ? 30  DT  D "C2'" 1 
ATOM   596 C "C1'" . DT  D 1 6 ? -0.411  10.207  7.476   1.00 30.63 ? 30  DT  D "C1'" 1 
ATOM   597 N N1    . DT  D 1 6 ? 0.381   9.248   6.611   1.00 30.63 ? 30  DT  D N1    1 
ATOM   598 C C2    . DT  D 1 6 ? 0.381   9.296   5.192   1.00 30.63 ? 30  DT  D C2    1 
ATOM   599 O O2    . DT  D 1 6 ? -0.277  10.141  4.578   1.00 30.63 ? 30  DT  D O2    1 
ATOM   600 N N3    . DT  D 1 6 ? 1.172   8.301   4.510   1.00 30.63 ? 30  DT  D N3    1 
ATOM   601 C C4    . DT  D 1 6 ? 2.003   7.385   5.180   1.00 30.63 ? 30  DT  D C4    1 
ATOM   602 O O4    . DT  D 1 6 ? 2.743   6.569   4.619   1.00 30.63 ? 30  DT  D O4    1 
ATOM   603 C C5    . DT  D 1 6 ? 1.875   7.453   6.610   1.00 30.63 ? 30  DT  D C5    1 
ATOM   604 C C7    . DT  D 1 6 ? 2.609   6.538   7.465   1.00 30.63 ? 30  DT  D C7    1 
ATOM   605 C C6    . DT  D 1 6 ? 1.121   8.306   7.249   1.00 30.63 ? 30  DT  D C6    1 
ATOM   606 P P     . DT  D 1 7 ? -3.967  7.350   9.213   1.00 6.00  ? 31  DT  D P     1 
ATOM   607 O OP1   . DT  D 1 7 ? -5.275  7.561   9.882   1.00 6.00  ? 31  DT  D OP1   1 
ATOM   608 O OP2   . DT  D 1 7 ? -3.113  6.288   9.768   1.00 6.00  ? 31  DT  D OP2   1 
ATOM   609 O "O5'" . DT  D 1 7 ? -4.205  7.048   7.566   1.00 6.00  ? 31  DT  D "O5'" 1 
ATOM   610 C "C5'" . DT  D 1 7 ? -4.910  7.861   6.546   1.00 6.00  ? 31  DT  D "C5'" 1 
ATOM   611 C "C4'" . DT  D 1 7 ? -5.085  7.319   5.047   1.00 6.00  ? 31  DT  D "C4'" 1 
ATOM   612 O "O4'" . DT  D 1 7 ? -3.840  7.081   4.322   1.00 6.00  ? 31  DT  D "O4'" 1 
ATOM   613 C "C3'" . DT  D 1 7 ? -5.807  6.002   4.993   1.00 6.00  ? 31  DT  D "C3'" 1 
ATOM   614 O "O3'" . DT  D 1 7 ? -6.424  5.580   3.804   1.00 6.00  ? 31  DT  D "O3'" 1 
ATOM   615 C "C2'" . DT  D 1 7 ? -4.565  5.178   4.627   1.00 6.00  ? 31  DT  D "C2'" 1 
ATOM   616 C "C1'" . DT  D 1 7 ? -3.794  5.894   3.489   1.00 11.44 ? 31  DT  D "C1'" 1 
ATOM   617 N N1    . DT  D 1 7 ? -2.441  5.175   3.392   1.00 11.44 ? 31  DT  D N1    1 
ATOM   618 C C2    . DT  D 1 7 ? -1.930  4.513   2.247   1.00 11.44 ? 31  DT  D C2    1 
ATOM   619 O O2    . DT  D 1 7 ? -2.495  4.429   1.160   1.00 11.44 ? 31  DT  D O2    1 
ATOM   620 N N3    . DT  D 1 7 ? -0.681  3.888   2.381   1.00 11.44 ? 31  DT  D N3    1 
ATOM   621 C C4    . DT  D 1 7 ? 0.085   3.870   3.518   1.00 11.44 ? 31  DT  D C4    1 
ATOM   622 O O4    . DT  D 1 7 ? 1.169   3.287   3.563   1.00 11.44 ? 31  DT  D O4    1 
ATOM   623 C C5    . DT  D 1 7 ? -0.507  4.553   4.629   1.00 11.44 ? 31  DT  D C5    1 
ATOM   624 C C7    . DT  D 1 7 ? 0.197   4.589   5.984   1.00 11.44 ? 31  DT  D C7    1 
ATOM   625 C C6    . DT  D 1 7 ? -1.690  5.154   4.528   1.00 11.44 ? 31  DT  D C6    1 
ATOM   626 P P     . DC  D 1 8 ? -7.493  4.389   3.842   1.00 6.00  ? 32  DC  D P     1 
ATOM   627 O OP1   . DC  D 1 8 ? -8.871  4.819   4.166   1.00 6.00  ? 32  DC  D OP1   1 
ATOM   628 O OP2   . DC  D 1 8 ? -6.923  3.206   4.542   1.00 6.00  ? 32  DC  D OP2   1 
ATOM   629 O "O5'" . DC  D 1 8 ? -7.407  4.136   2.259   1.00 6.00  ? 32  DC  D "O5'" 1 
ATOM   630 C "C5'" . DC  D 1 8 ? -8.071  3.094   1.562   1.00 6.00  ? 32  DC  D "C5'" 1 
ATOM   631 C "C4'" . DC  D 1 8 ? -6.953  2.368   0.741   1.00 6.00  ? 32  DC  D "C4'" 1 
ATOM   632 O "O4'" . DC  D 1 8 ? -5.623  2.707   1.260   1.00 6.00  ? 32  DC  D "O4'" 1 
ATOM   633 C "C3'" . DC  D 1 8 ? -7.032  0.860   1.012   1.00 6.00  ? 32  DC  D "C3'" 1 
ATOM   634 O "O3'" . DC  D 1 8 ? -7.994  0.100   0.318   1.00 6.00  ? 32  DC  D "O3'" 1 
ATOM   635 C "C2'" . DC  D 1 8 ? -5.703  0.416   0.586   1.00 6.00  ? 32  DC  D "C2'" 1 
ATOM   636 C "C1'" . DC  D 1 8 ? -4.801  1.573   0.986   1.00 6.00  ? 32  DC  D "C1'" 1 
ATOM   637 N N1    . DC  D 1 8 ? -3.644  1.258   1.903   1.00 6.00  ? 32  DC  D N1    1 
ATOM   638 C C2    . DC  D 1 8 ? -2.591  0.576   1.292   1.00 6.00  ? 32  DC  D C2    1 
ATOM   639 O O2    . DC  D 1 8 ? -2.651  0.270   0.093   1.00 6.00  ? 32  DC  D O2    1 
ATOM   640 N N3    . DC  D 1 8 ? -1.525  0.257   2.033   1.00 6.00  ? 32  DC  D N3    1 
ATOM   641 C C4    . DC  D 1 8 ? -1.426  0.572   3.323   1.00 6.00  ? 32  DC  D C4    1 
ATOM   642 N N4    . DC  D 1 8 ? -0.294  0.241   3.945   1.00 6.00  ? 32  DC  D N4    1 
ATOM   643 C C5    . DC  D 1 8 ? -2.499  1.268   3.988   1.00 6.00  ? 32  DC  D C5    1 
ATOM   644 C C6    . DC  D 1 8 ? -3.586  1.584   3.240   1.00 6.00  ? 32  DC  D C6    1 
HETATM 645 O O     . HOH E 2 . ? -6.302  -18.528 -0.019  1.00 10.12 ? 34  HOH A O     1 
HETATM 646 O O     . HOH E 2 . ? -10.210 -13.024 5.909   1.00 6.00  ? 35  HOH A O     1 
HETATM 647 O O     . HOH E 2 . ? -1.922  3.317   -14.341 1.00 6.00  ? 36  HOH A O     1 
HETATM 648 O O     . HOH E 2 . ? 7.540   2.089   -8.905  1.00 10.29 ? 37  HOH A O     1 
HETATM 649 O O     . HOH E 2 . ? -6.692  -9.323  -14.813 1.00 6.00  ? 41  HOH A O     1 
HETATM 650 O O     . HOH E 2 . ? -18.114 -5.299  -9.906  1.00 6.00  ? 42  HOH A O     1 
HETATM 651 O O     . HOH E 2 . ? -1.170  -3.305  -11.780 1.00 6.00  ? 43  HOH A O     1 
HETATM 652 O O     . HOH E 2 . ? -23.397 0.284   -11.906 1.00 6.00  ? 44  HOH A O     1 
HETATM 653 O O     . HOH E 2 . ? -16.963 1.442   -5.946  1.00 6.00  ? 45  HOH A O     1 
HETATM 654 O O     . HOH E 2 . ? -1.897  -0.774  -12.107 1.00 6.00  ? 46  HOH A O     1 
HETATM 655 O O     . HOH E 2 . ? 5.187   -1.402  -13.454 1.00 6.00  ? 51  HOH A O     1 
HETATM 656 O O     . HOH E 2 . ? -16.176 -29.282 -7.805  1.00 30.80 ? 54  HOH A O     1 
HETATM 657 O O     . HOH E 2 . ? -2.234  -1.321  -3.917  1.00 6.00  ? 58  HOH A O     1 
HETATM 658 O O     . HOH E 2 . ? 6.080   -7.451  -15.337 1.00 6.00  ? 66  HOH A O     1 
HETATM 659 O O     . HOH E 2 . ? -16.931 -7.406  -1.778  1.00 6.00  ? 75  HOH A O     1 
HETATM 660 O O     . HOH E 2 . ? 0.942   -3.270  -13.644 1.00 26.25 ? 86  HOH A O     1 
HETATM 661 O O     . HOH E 2 . ? -5.800  -0.294  -12.051 1.00 6.00  ? 91  HOH A O     1 
HETATM 662 O O     . HOH E 2 . ? -0.552  1.482   -12.686 1.00 6.00  ? 96  HOH A O     1 
HETATM 663 O O     . HOH E 2 . ? -6.875  -34.124 -0.339  1.00 6.00  ? 99  HOH A O     1 
HETATM 664 O O     . HOH E 2 . ? -12.264 -1.735  -4.230  1.00 15.37 ? 100 HOH A O     1 
HETATM 665 O O     . HOH E 2 . ? -12.856 -7.651  -7.633  1.00 6.00  ? 106 HOH A O     1 
HETATM 666 O O     . HOH E 2 . ? -6.472  -15.612 2.948   1.00 18.12 ? 107 HOH A O     1 
HETATM 667 O O     . HOH E 2 . ? 8.065   -39.912 -3.502  1.00 6.00  ? 116 HOH A O     1 
HETATM 668 O O     . HOH E 2 . ? -8.264  -31.757 2.694   1.00 6.00  ? 119 HOH A O     1 
HETATM 669 O O     . HOH E 2 . ? -16.634 -1.359  -9.526  1.00 6.00  ? 120 HOH A O     1 
HETATM 670 O O     . HOH E 2 . ? -11.282 0.932   -15.467 1.00 9.62  ? 125 HOH A O     1 
HETATM 671 O O     . HOH E 2 . ? 8.999   0.710   -10.678 1.00 6.00  ? 126 HOH A O     1 
HETATM 672 O O     . HOH E 2 . ? -7.984  -37.189 -3.514  1.00 6.00  ? 128 HOH A O     1 
HETATM 673 O O     . HOH E 2 . ? -28.639 -1.042  -17.054 1.00 20.33 ? 129 HOH A O     1 
HETATM 674 O O     . HOH E 2 . ? -15.701 -1.113  -7.003  1.00 11.01 ? 138 HOH A O     1 
HETATM 675 O O     . HOH E 2 . ? 1.330   6.007   -25.772 1.00 6.00  ? 153 HOH A O     1 
HETATM 676 O O     . HOH E 2 . ? -31.754 0.112   -19.311 1.00 9.06  ? 156 HOH A O     1 
HETATM 677 O O     . HOH E 2 . ? -7.628  1.260   -13.299 1.00 15.43 ? 157 HOH A O     1 
HETATM 678 O O     . HOH E 2 . ? -11.611 -27.873 1.429   1.00 6.00  ? 158 HOH A O     1 
HETATM 679 O O     . HOH E 2 . ? -0.269  2.312   -23.604 1.00 6.00  ? 159 HOH A O     1 
HETATM 680 O O     . HOH E 2 . ? -10.851 -4.916  -11.129 1.00 6.00  ? 164 HOH A O     1 
HETATM 681 O O     . HOH F 2 . ? 6.334   -12.593 -14.572 1.00 6.00  ? 47  HOH B O     1 
HETATM 682 O O     . HOH F 2 . ? 9.944   -22.248 19.197  1.00 6.00  ? 50  HOH B O     1 
HETATM 683 O O     . HOH F 2 . ? -14.243 -6.870  7.693   1.00 8.84  ? 57  HOH B O     1 
HETATM 684 O O     . HOH F 2 . ? -0.142  -11.651 17.018  1.00 6.00  ? 59  HOH B O     1 
HETATM 685 O O     . HOH F 2 . ? -4.680  -7.290  19.227  1.00 6.00  ? 60  HOH B O     1 
HETATM 686 O O     . HOH F 2 . ? -1.415  -12.501 14.669  1.00 6.00  ? 61  HOH B O     1 
HETATM 687 O O     . HOH F 2 . ? -9.055  -10.448 5.479   1.00 6.00  ? 64  HOH B O     1 
HETATM 688 O O     . HOH F 2 . ? -22.366 -16.980 11.567  1.00 6.00  ? 65  HOH B O     1 
HETATM 689 O O     . HOH F 2 . ? -11.993 -3.182  8.370   1.00 6.00  ? 68  HOH B O     1 
HETATM 690 O O     . HOH F 2 . ? 1.346   -19.847 -0.060  1.00 6.00  ? 70  HOH B O     1 
HETATM 691 O O     . HOH F 2 . ? -12.834 -10.494 12.879  1.00 6.00  ? 74  HOH B O     1 
HETATM 692 O O     . HOH F 2 . ? 3.569   -11.638 17.854  1.00 6.00  ? 76  HOH B O     1 
HETATM 693 O O     . HOH F 2 . ? -10.960 -1.097  9.740   1.00 6.00  ? 77  HOH B O     1 
HETATM 694 O O     . HOH F 2 . ? 17.140  -15.671 -14.458 1.00 6.00  ? 78  HOH B O     1 
HETATM 695 O O     . HOH F 2 . ? -5.427  -5.971  5.248   1.00 25.81 ? 82  HOH B O     1 
HETATM 696 O O     . HOH F 2 . ? 11.509  -16.296 25.017  1.00 6.00  ? 88  HOH B O     1 
HETATM 697 O O     . HOH F 2 . ? -23.061 -23.406 7.842   1.00 6.00  ? 94  HOH B O     1 
HETATM 698 O O     . HOH F 2 . ? 8.169   -7.680  24.219  1.00 6.00  ? 97  HOH B O     1 
HETATM 699 O O     . HOH F 2 . ? -13.564 -2.876  19.935  1.00 32.10 ? 110 HOH B O     1 
HETATM 700 O O     . HOH F 2 . ? 13.523  -25.460 -14.729 1.00 6.00  ? 112 HOH B O     1 
HETATM 701 O O     . HOH F 2 . ? 5.996   -8.833  -6.686  1.00 12.91 ? 113 HOH B O     1 
HETATM 702 O O     . HOH F 2 . ? -7.496  -7.386  11.418  1.00 6.00  ? 121 HOH B O     1 
HETATM 703 O O     . HOH F 2 . ? -2.525  -20.110 -5.278  1.00 6.00  ? 130 HOH B O     1 
HETATM 704 O O     . HOH F 2 . ? -19.169 -29.631 4.591   1.00 6.00  ? 131 HOH B O     1 
HETATM 705 O O     . HOH F 2 . ? 10.604  -5.598  21.583  1.00 21.49 ? 132 HOH B O     1 
HETATM 706 O O     . HOH F 2 . ? -2.635  -11.356 18.237  1.00 11.73 ? 137 HOH B O     1 
HETATM 707 O O     . HOH F 2 . ? 15.671  -16.637 21.676  1.00 8.96  ? 139 HOH B O     1 
HETATM 708 O O     . HOH F 2 . ? -25.473 2.749   20.405  1.00 6.00  ? 146 HOH B O     1 
HETATM 709 O O     . HOH F 2 . ? -4.454  -21.201 -8.500  1.00 6.00  ? 147 HOH B O     1 
HETATM 710 O O     . HOH F 2 . ? 14.870  -14.706 26.263  1.00 6.00  ? 149 HOH B O     1 
HETATM 711 O O     . HOH F 2 . ? -24.953 7.239   17.188  1.00 6.00  ? 155 HOH B O     1 
HETATM 712 O O     . HOH F 2 . ? -7.612  -4.161  10.236  1.00 17.24 ? 161 HOH B O     1 
HETATM 713 O O     . HOH F 2 . ? 14.799  -9.996  22.540  1.00 6.00  ? 162 HOH B O     1 
HETATM 714 O O     . HOH F 2 . ? -22.806 -13.084 8.761   1.00 6.00  ? 163 HOH B O     1 
HETATM 715 O O     . HOH F 2 . ? -2.095  -3.873  13.477  1.00 6.00  ? 171 HOH B O     1 
HETATM 716 O O     . HOH G 2 . ? 5.287   0.803   -3.644  1.00 6.00  ? 33  HOH C O     1 
HETATM 717 O O     . HOH G 2 . ? 15.141  20.367  6.445   1.00 6.00  ? 38  HOH C O     1 
HETATM 718 O O     . HOH G 2 . ? -2.771  36.361  12.409  1.00 6.00  ? 39  HOH C O     1 
HETATM 719 O O     . HOH G 2 . ? 5.411   -0.726  0.691   1.00 6.00  ? 40  HOH C O     1 
HETATM 720 O O     . HOH G 2 . ? 14.285  11.760  6.672   1.00 6.00  ? 55  HOH C O     1 
HETATM 721 O O     . HOH G 2 . ? 9.704   16.494  -3.579  1.00 6.00  ? 56  HOH C O     1 
HETATM 722 O O     . HOH G 2 . ? 9.250   -11.406 7.450   1.00 6.00  ? 63  HOH C O     1 
HETATM 723 O O     . HOH G 2 . ? 17.481  22.717  -2.423  1.00 6.00  ? 67  HOH C O     1 
HETATM 724 O O     . HOH G 2 . ? -1.739  10.303  1.424   1.00 6.00  ? 69  HOH C O     1 
HETATM 725 O O     . HOH G 2 . ? 5.183   -7.044  -0.140  1.00 6.00  ? 73  HOH C O     1 
HETATM 726 O O     . HOH G 2 . ? 8.558   -1.544  -5.118  1.00 6.00  ? 80  HOH C O     1 
HETATM 727 O O     . HOH G 2 . ? 4.617   15.257  4.888   1.00 6.00  ? 81  HOH C O     1 
HETATM 728 O O     . HOH G 2 . ? -0.858  30.949  -9.867  1.00 6.00  ? 84  HOH C O     1 
HETATM 729 O O     . HOH G 2 . ? 6.600   5.545   -4.723  1.00 6.00  ? 85  HOH C O     1 
HETATM 730 O O     . HOH G 2 . ? 4.066   17.987  2.071   1.00 7.42  ? 87  HOH C O     1 
HETATM 731 O O     . HOH G 2 . ? 8.206   1.877   -6.253  1.00 8.86  ? 89  HOH C O     1 
HETATM 732 O O     . HOH G 2 . ? 9.127   -21.312 14.549  1.00 11.23 ? 92  HOH C O     1 
HETATM 733 O O     . HOH G 2 . ? -2.823  18.568  5.481   1.00 6.00  ? 104 HOH C O     1 
HETATM 734 O O     . HOH G 2 . ? 23.479  23.077  8.158   1.00 8.65  ? 105 HOH C O     1 
HETATM 735 O O     . HOH G 2 . ? 22.395  -27.892 4.773   1.00 6.00  ? 108 HOH C O     1 
HETATM 736 O O     . HOH G 2 . ? 0.954   13.820  -6.797  1.00 6.00  ? 109 HOH C O     1 
HETATM 737 O O     . HOH G 2 . ? 7.131   -21.328 9.097   1.00 6.00  ? 114 HOH C O     1 
HETATM 738 O O     . HOH G 2 . ? -0.722  21.187  -9.125  1.00 6.00  ? 122 HOH C O     1 
HETATM 739 O O     . HOH G 2 . ? 17.212  14.895  -4.090  1.00 6.00  ? 124 HOH C O     1 
HETATM 740 O O     . HOH G 2 . ? 21.270  23.106  -6.285  1.00 10.69 ? 127 HOH C O     1 
HETATM 741 O O     . HOH G 2 . ? 14.946  16.967  0.842   1.00 14.02 ? 145 HOH C O     1 
HETATM 742 O O     . HOH G 2 . ? 13.877  -18.515 6.762   1.00 6.00  ? 150 HOH C O     1 
HETATM 743 O O     . HOH G 2 . ? 3.847   29.391  -8.008  1.00 6.00  ? 152 HOH C O     1 
HETATM 744 O O     . HOH G 2 . ? 28.444  -27.813 8.865   1.00 10.22 ? 160 HOH C O     1 
HETATM 745 O O     . HOH G 2 . ? 4.247   3.686   -3.601  1.00 6.00  ? 165 HOH C O     1 
HETATM 746 O O     . HOH G 2 . ? 9.106   19.856  -1.437  1.00 6.00  ? 166 HOH C O     1 
HETATM 747 O O     . HOH G 2 . ? 16.874  -18.924 8.731   1.00 18.28 ? 167 HOH C O     1 
HETATM 748 O O     . HOH H 2 . ? -13.340 21.331  1.896   1.00 6.00  ? 48  HOH D O     1 
HETATM 749 O O     . HOH H 2 . ? 22.126  4.764   2.309   1.00 9.63  ? 49  HOH D O     1 
HETATM 750 O O     . HOH H 2 . ? 17.071  11.540  -5.654  1.00 6.00  ? 52  HOH D O     1 
HETATM 751 O O     . HOH H 2 . ? 24.600  5.149   -3.369  1.00 6.00  ? 53  HOH D O     1 
HETATM 752 O O     . HOH H 2 . ? 23.973  5.298   -11.079 1.00 6.00  ? 62  HOH D O     1 
HETATM 753 O O     . HOH H 2 . ? -8.156  40.908  15.080  1.00 6.00  ? 71  HOH D O     1 
HETATM 754 O O     . HOH H 2 . ? -4.094  -0.563  -2.223  1.00 10.05 ? 72  HOH D O     1 
HETATM 755 O O     . HOH H 2 . ? -1.792  8.212   3.294   1.00 39.61 ? 79  HOH D O     1 
HETATM 756 O O     . HOH H 2 . ? 13.192  10.173  9.721   1.00 6.00  ? 83  HOH D O     1 
HETATM 757 O O     . HOH H 2 . ? 25.187  -8.332  -0.099  1.00 6.00  ? 90  HOH D O     1 
HETATM 758 O O     . HOH H 2 . ? 14.286  12.025  -4.762  1.00 6.00  ? 93  HOH D O     1 
HETATM 759 O O     . HOH H 2 . ? -1.797  7.569   5.884   1.00 6.00  ? 95  HOH D O     1 
HETATM 760 O O     . HOH H 2 . ? 24.035  9.851   -19.334 1.00 6.00  ? 98  HOH D O     1 
HETATM 761 O O     . HOH H 2 . ? 8.086   15.248  5.831   1.00 6.00  ? 101 HOH D O     1 
HETATM 762 O O     . HOH H 2 . ? -21.773 27.404  14.343  1.00 6.00  ? 102 HOH D O     1 
HETATM 763 O O     . HOH H 2 . ? 8.953   -0.540  7.620   1.00 6.00  ? 103 HOH D O     1 
HETATM 764 O O     . HOH H 2 . ? 19.406  13.000  -9.966  1.00 6.00  ? 111 HOH D O     1 
HETATM 765 O O     . HOH H 2 . ? 16.714  9.499   14.555  1.00 6.00  ? 115 HOH D O     1 
HETATM 766 O O     . HOH H 2 . ? 12.552  0.898   12.033  1.00 6.00  ? 117 HOH D O     1 
HETATM 767 O O     . HOH H 2 . ? 2.285   3.542   8.767   1.00 6.00  ? 118 HOH D O     1 
HETATM 768 O O     . HOH H 2 . ? 11.662  11.450  7.439   1.00 6.00  ? 123 HOH D O     1 
HETATM 769 O O     . HOH H 2 . ? -20.371 18.104  -12.977 1.00 6.00  ? 133 HOH D O     1 
HETATM 770 O O     . HOH H 2 . ? 1.744   1.400   12.754  1.00 6.00  ? 134 HOH D O     1 
HETATM 771 O O     . HOH H 2 . ? 4.555   5.026   8.921   1.00 11.31 ? 135 HOH D O     1 
HETATM 772 O O     . HOH H 2 . ? 14.098  -2.910  12.032  1.00 6.00  ? 136 HOH D O     1 
HETATM 773 O O     . HOH H 2 . ? 21.258  10.321  -12.418 1.00 6.00  ? 140 HOH D O     1 
HETATM 774 O O     . HOH H 2 . ? 18.616  9.155   -14.447 1.00 6.00  ? 141 HOH D O     1 
HETATM 775 O O     . HOH H 2 . ? 14.082  12.767  9.296   1.00 7.77  ? 142 HOH D O     1 
HETATM 776 O O     . HOH H 2 . ? 7.954   10.888  13.850  1.00 6.00  ? 143 HOH D O     1 
HETATM 777 O O     . HOH H 2 . ? -19.640 47.815  19.761  1.00 16.77 ? 144 HOH D O     1 
HETATM 778 O O     . HOH H 2 . ? -4.512  4.381   -1.267  1.00 6.00  ? 148 HOH D O     1 
HETATM 779 O O     . HOH H 2 . ? 22.290  -9.035  4.542   1.00 6.00  ? 151 HOH D O     1 
HETATM 780 O O     . HOH H 2 . ? 17.413  12.603  -8.077  1.00 28.52 ? 154 HOH D O     1 
HETATM 781 O O     . HOH H 2 . ? 21.337  4.207   4.903   1.00 6.00  ? 168 HOH D O     1 
HETATM 782 O O     . HOH H 2 . ? -10.939 4.269   5.790   1.00 6.00  ? 169 HOH D O     1 
HETATM 783 O O     . HOH H 2 . ? -23.763 19.899  -9.623  1.00 6.00  ? 170 HOH D O     1 
HETATM 784 O O     . HOH H 2 . ? -23.849 34.024  -11.763 1.00 6.00  ? 172 HOH D O     1 
# 
